data_4ZU3
#
_entry.id   4ZU3
#
_cell.length_a   122.910
_cell.length_b   215.640
_cell.length_c   104.721
_cell.angle_alpha   90.00
_cell.angle_beta   90.00
_cell.angle_gamma   90.00
#
_symmetry.space_group_name_H-M   'C 2 2 21'
#
loop_
_entity.id
_entity.type
_entity.pdbx_description
1 polymer 'Halohydrin epoxidase B'
2 non-polymer 3-hydroxypentanedinitrile
3 non-polymer 'SULFATE ION'
4 non-polymer 'MAGNESIUM ION'
5 water water
#
_entity_poly.entity_id   1
_entity_poly.type   'polypeptide(L)'
_entity_poly.pdbx_seq_one_letter_code
;MKNGRLAGKRVLLTNADAYMGEATVQVFEEEGAEVIADHTDLTKVGAAEEVVERAGHIDVLVANFAVDAHFGVTVLETDE
ELWQTAYETIVHPLHRICRAVLPQFYERNKGKIVVYGSAAAMRYQEGALAYSTARFAQRGYVTALGPEAARHNVNVNFIA
QHWTQNKEYFWPERIATDEFKEDMARRVPLGRLATAREDALLALFLASDESDFIVGKSIEFDGGWAT
;
_entity_poly.pdbx_strand_id   A,B,C,D,E,F
#
# COMPACT_ATOMS: atom_id res chain seq x y z
N GLY A 4 14.08 2.67 -20.74
CA GLY A 4 14.72 3.12 -19.51
C GLY A 4 13.74 3.41 -18.39
N ARG A 5 13.99 2.82 -17.22
CA ARG A 5 13.06 2.94 -16.10
C ARG A 5 13.03 4.35 -15.50
N LEU A 6 13.99 5.22 -15.84
CA LEU A 6 13.94 6.64 -15.50
C LEU A 6 14.03 7.52 -16.74
N ALA A 7 13.57 7.00 -17.89
CA ALA A 7 13.64 7.75 -19.13
C ALA A 7 12.96 9.11 -18.98
N GLY A 8 13.62 10.14 -19.50
CA GLY A 8 13.08 11.49 -19.44
C GLY A 8 13.09 12.14 -18.08
N LYS A 9 13.67 11.50 -17.07
CA LYS A 9 13.74 12.09 -15.73
C LYS A 9 15.06 12.83 -15.53
N ARG A 10 15.00 13.92 -14.78
CA ARG A 10 16.20 14.63 -14.33
C ARG A 10 16.34 14.42 -12.83
N VAL A 11 17.52 13.97 -12.41
CA VAL A 11 17.77 13.56 -11.03
C VAL A 11 18.82 14.48 -10.43
N LEU A 12 18.53 15.01 -9.25
CA LEU A 12 19.49 15.80 -8.49
C LEU A 12 20.08 14.94 -7.37
N LEU A 13 21.40 14.75 -7.41
CA LEU A 13 22.10 13.91 -6.45
C LEU A 13 23.05 14.77 -5.63
N THR A 14 22.88 14.76 -4.31
CA THR A 14 23.76 15.52 -3.43
C THR A 14 25.04 14.75 -3.14
N ASN A 15 26.12 15.50 -2.90
CA ASN A 15 27.42 14.95 -2.53
C ASN A 15 27.77 13.73 -3.38
N ALA A 16 27.77 13.97 -4.70
CA ALA A 16 27.75 12.87 -5.66
C ALA A 16 29.00 12.00 -5.59
N ASP A 17 30.12 12.54 -5.13
CA ASP A 17 31.35 11.75 -5.01
C ASP A 17 31.44 10.98 -3.69
N ALA A 18 30.57 11.26 -2.73
CA ALA A 18 30.61 10.63 -1.42
C ALA A 18 29.57 9.53 -1.31
N TYR A 19 29.76 8.69 -0.29
CA TYR A 19 28.78 7.68 0.11
C TYR A 19 28.32 6.86 -1.09
N MET A 20 27.04 6.94 -1.48
CA MET A 20 26.47 6.09 -2.51
C MET A 20 26.32 6.80 -3.85
N GLY A 21 26.97 7.94 -4.05
CA GLY A 21 26.73 8.73 -5.25
C GLY A 21 27.18 8.02 -6.52
N GLU A 22 28.35 7.39 -6.48
CA GLU A 22 28.92 6.81 -7.69
C GLU A 22 28.00 5.75 -8.28
N ALA A 23 27.49 4.85 -7.44
CA ALA A 23 26.60 3.81 -7.95
C ALA A 23 25.26 4.38 -8.41
N THR A 24 24.80 5.46 -7.79
CA THR A 24 23.55 6.08 -8.22
C THR A 24 23.68 6.62 -9.63
N VAL A 25 24.72 7.43 -9.88
CA VAL A 25 25.00 7.92 -11.22
C VAL A 25 24.98 6.76 -12.22
N GLN A 26 25.79 5.73 -11.96
CA GLN A 26 25.94 4.66 -12.93
C GLN A 26 24.60 3.97 -13.19
N VAL A 27 23.88 3.62 -12.13
CA VAL A 27 22.62 2.91 -12.30
C VAL A 27 21.57 3.82 -12.92
N PHE A 28 21.42 5.03 -12.38
CA PHE A 28 20.35 5.90 -12.83
C PHE A 28 20.54 6.34 -14.28
N GLU A 29 21.80 6.55 -14.71
CA GLU A 29 22.03 6.96 -16.10
C GLU A 29 21.79 5.81 -17.06
N GLU A 30 22.15 4.58 -16.68
CA GLU A 30 21.95 3.44 -17.56
C GLU A 30 20.46 3.13 -17.71
N GLU A 31 19.62 3.67 -16.83
CA GLU A 31 18.18 3.59 -16.95
C GLU A 31 17.58 4.84 -17.59
N GLY A 32 18.42 5.71 -18.16
CA GLY A 32 17.94 6.81 -18.96
C GLY A 32 17.76 8.12 -18.22
N ALA A 33 18.24 8.23 -17.00
CA ALA A 33 18.10 9.47 -16.24
C ALA A 33 19.21 10.44 -16.59
N GLU A 34 18.90 11.72 -16.51
CA GLU A 34 19.91 12.78 -16.49
C GLU A 34 20.22 13.09 -15.03
N VAL A 35 21.43 12.75 -14.59
CA VAL A 35 21.81 12.87 -13.18
C VAL A 35 22.70 14.09 -13.02
N ILE A 36 22.14 15.11 -12.36
CA ILE A 36 22.89 16.29 -11.91
C ILE A 36 23.70 15.87 -10.69
N ALA A 37 25.00 15.68 -10.86
CA ALA A 37 25.85 15.21 -9.76
C ALA A 37 26.43 16.42 -9.04
N ASP A 38 25.70 16.92 -8.05
CA ASP A 38 26.12 18.13 -7.35
C ASP A 38 27.18 17.82 -6.29
N HIS A 39 28.08 18.77 -6.08
CA HIS A 39 29.17 18.65 -5.12
C HIS A 39 29.17 19.78 -4.10
N THR A 40 28.03 20.43 -3.91
CA THR A 40 27.96 21.59 -3.03
C THR A 40 27.88 21.17 -1.56
N ASP A 41 28.62 21.88 -0.72
CA ASP A 41 28.54 21.70 0.72
C ASP A 41 27.21 22.27 1.23
N LEU A 42 26.26 21.40 1.57
CA LEU A 42 24.93 21.87 1.95
C LEU A 42 24.81 22.14 3.45
N THR A 43 25.91 22.15 4.19
CA THR A 43 25.88 22.66 5.56
C THR A 43 25.82 24.18 5.60
N LYS A 44 26.09 24.85 4.47
CA LYS A 44 26.05 26.29 4.38
C LYS A 44 24.62 26.76 4.11
N VAL A 45 24.10 27.60 5.01
CA VAL A 45 22.75 28.13 4.83
C VAL A 45 22.66 28.85 3.49
N GLY A 46 21.56 28.61 2.77
CA GLY A 46 21.33 29.20 1.48
C GLY A 46 21.83 28.38 0.29
N ALA A 47 22.74 27.44 0.53
CA ALA A 47 23.35 26.70 -0.57
C ALA A 47 22.33 25.83 -1.30
N ALA A 48 21.40 25.24 -0.56
CA ALA A 48 20.42 24.34 -1.17
C ALA A 48 19.49 25.09 -2.11
N GLU A 49 19.01 26.26 -1.70
CA GLU A 49 18.17 27.08 -2.56
C GLU A 49 18.86 27.39 -3.89
N GLU A 50 20.19 27.56 -3.86
CA GLU A 50 20.93 27.90 -5.07
C GLU A 50 21.16 26.68 -5.96
N VAL A 51 21.52 25.54 -5.36
CA VAL A 51 21.71 24.32 -6.14
C VAL A 51 20.47 24.03 -6.97
N VAL A 52 19.30 24.07 -6.33
CA VAL A 52 18.05 23.78 -7.03
C VAL A 52 17.79 24.84 -8.09
N GLU A 53 17.93 26.12 -7.72
CA GLU A 53 17.79 27.20 -8.67
C GLU A 53 18.63 26.95 -9.92
N ARG A 54 19.93 26.69 -9.74
CA ARG A 54 20.80 26.39 -10.87
C ARG A 54 20.45 25.06 -11.52
N ALA A 55 19.75 24.17 -10.81
CA ALA A 55 19.45 22.85 -11.35
C ALA A 55 18.34 22.92 -12.40
N GLY A 56 17.34 23.75 -12.16
CA GLY A 56 16.19 23.81 -13.05
C GLY A 56 15.17 22.76 -12.68
N HIS A 57 14.69 22.02 -13.68
CA HIS A 57 13.61 21.07 -13.48
C HIS A 57 14.16 19.79 -12.86
N ILE A 58 13.64 19.42 -11.69
CA ILE A 58 14.04 18.21 -10.99
C ILE A 58 12.83 17.29 -10.87
N ASP A 59 13.00 16.03 -11.29
CA ASP A 59 11.98 15.01 -11.08
C ASP A 59 12.25 14.18 -9.83
N VAL A 60 13.52 13.96 -9.49
CA VAL A 60 13.91 13.07 -8.40
C VAL A 60 15.01 13.75 -7.61
N LEU A 61 14.91 13.74 -6.29
CA LEU A 61 15.99 14.15 -5.41
C LEU A 61 16.54 12.91 -4.71
N VAL A 62 17.84 12.67 -4.85
CA VAL A 62 18.52 11.62 -4.11
C VAL A 62 19.34 12.30 -3.02
N ALA A 63 18.83 12.27 -1.79
CA ALA A 63 19.51 12.91 -0.66
C ALA A 63 20.56 11.94 -0.14
N ASN A 64 21.81 12.22 -0.47
CA ASN A 64 22.94 11.33 -0.25
C ASN A 64 23.91 12.07 0.66
N PHE A 65 23.80 11.82 1.97
CA PHE A 65 24.60 12.47 2.99
C PHE A 65 25.27 11.42 3.87
N ALA A 66 26.50 11.68 4.28
CA ALA A 66 27.24 10.74 5.11
C ALA A 66 28.20 11.50 6.00
N VAL A 67 28.58 10.84 7.11
CA VAL A 67 29.51 11.43 8.07
C VAL A 67 30.15 10.30 8.86
N ASP A 68 31.37 10.52 9.30
CA ASP A 68 32.09 9.53 10.10
C ASP A 68 31.22 9.06 11.26
N ALA A 69 31.06 7.73 11.37
CA ALA A 69 30.32 7.16 12.48
C ALA A 69 31.12 7.19 13.78
N HIS A 70 32.43 7.41 13.71
CA HIS A 70 33.30 7.37 14.88
C HIS A 70 33.09 6.06 15.63
N PHE A 71 33.26 4.96 14.89
CA PHE A 71 33.09 3.61 15.42
C PHE A 71 33.94 3.41 16.67
N GLY A 72 33.29 2.93 17.74
CA GLY A 72 33.98 2.61 18.97
C GLY A 72 34.01 3.73 19.98
N VAL A 73 33.80 4.98 19.56
CA VAL A 73 33.75 6.10 20.50
C VAL A 73 32.53 5.93 21.41
N THR A 74 32.77 6.02 22.72
CA THR A 74 31.73 5.81 23.72
C THR A 74 30.91 7.07 23.94
N VAL A 75 29.86 6.92 24.74
CA VAL A 75 28.99 8.05 25.09
C VAL A 75 29.79 9.11 25.83
N LEU A 76 30.69 8.71 26.73
CA LEU A 76 31.44 9.69 27.51
C LEU A 76 32.47 10.42 26.65
N GLU A 77 32.96 9.78 25.59
CA GLU A 77 33.90 10.40 24.66
C GLU A 77 33.21 11.18 23.54
N THR A 78 31.88 11.25 23.53
CA THR A 78 31.16 11.99 22.51
C THR A 78 31.06 13.44 22.96
N ASP A 79 32.00 14.26 22.49
CA ASP A 79 32.08 15.64 22.93
C ASP A 79 31.19 16.53 22.08
N GLU A 80 31.11 17.81 22.48
CA GLU A 80 30.20 18.75 21.84
C GLU A 80 30.44 18.81 20.33
N GLU A 81 31.70 18.93 19.92
CA GLU A 81 32.01 19.09 18.50
C GLU A 81 31.58 17.85 17.71
N LEU A 82 31.95 16.67 18.20
CA LEU A 82 31.59 15.44 17.51
C LEU A 82 30.07 15.32 17.38
N TRP A 83 29.36 15.51 18.50
CA TRP A 83 27.90 15.46 18.48
C TRP A 83 27.32 16.44 17.46
N GLN A 84 27.76 17.70 17.52
CA GLN A 84 27.21 18.72 16.63
C GLN A 84 27.51 18.40 15.18
N THR A 85 28.70 17.87 14.90
CA THR A 85 29.08 17.67 13.51
C THR A 85 28.22 16.62 12.83
N ALA A 86 27.79 15.59 13.57
CA ALA A 86 26.86 14.62 13.01
C ALA A 86 25.59 15.29 12.51
N TYR A 87 25.06 16.23 13.29
CA TYR A 87 23.81 16.89 12.92
C TYR A 87 24.04 17.92 11.82
N GLU A 88 25.11 18.71 11.91
CA GLU A 88 25.38 19.69 10.86
C GLU A 88 25.58 19.01 9.51
N THR A 89 26.03 17.76 9.50
CA THR A 89 26.51 17.13 8.29
C THR A 89 25.42 16.34 7.54
N ILE A 90 24.50 15.68 8.25
CA ILE A 90 23.52 14.83 7.57
C ILE A 90 22.09 15.14 7.96
N VAL A 91 21.89 15.92 9.03
CA VAL A 91 20.52 16.21 9.48
C VAL A 91 20.03 17.52 8.89
N HIS A 92 20.63 18.64 9.30
CA HIS A 92 20.12 19.93 8.86
C HIS A 92 20.16 20.09 7.35
N PRO A 93 21.20 19.66 6.64
CA PRO A 93 21.16 19.77 5.17
C PRO A 93 20.01 19.01 4.54
N LEU A 94 19.57 17.90 5.14
CA LEU A 94 18.49 17.12 4.54
C LEU A 94 17.24 17.96 4.39
N HIS A 95 16.84 18.66 5.45
CA HIS A 95 15.64 19.47 5.38
C HIS A 95 15.84 20.67 4.44
N ARG A 96 17.03 21.28 4.48
CA ARG A 96 17.30 22.39 3.59
C ARG A 96 17.06 22.01 2.13
N ILE A 97 17.65 20.90 1.68
CA ILE A 97 17.58 20.57 0.26
C ILE A 97 16.20 20.05 -0.12
N CYS A 98 15.51 19.33 0.80
CA CYS A 98 14.15 18.89 0.51
C CYS A 98 13.19 20.08 0.44
N ARG A 99 13.35 21.05 1.34
CA ARG A 99 12.56 22.26 1.28
C ARG A 99 12.73 22.96 -0.08
N ALA A 100 13.94 22.93 -0.63
CA ALA A 100 14.20 23.65 -1.88
C ALA A 100 13.50 23.00 -3.07
N VAL A 101 13.45 21.66 -3.12
CA VAL A 101 12.89 20.99 -4.28
C VAL A 101 11.37 20.96 -4.24
N LEU A 102 10.77 20.96 -3.05
CA LEU A 102 9.35 20.67 -2.95
C LEU A 102 8.47 21.68 -3.68
N PRO A 103 8.76 22.98 -3.69
CA PRO A 103 7.88 23.91 -4.42
C PRO A 103 7.59 23.45 -5.85
N GLN A 104 8.61 23.11 -6.63
CA GLN A 104 8.35 22.66 -7.99
C GLN A 104 7.67 21.29 -8.01
N PHE A 105 7.97 20.41 -7.05
CA PHE A 105 7.18 19.19 -6.91
C PHE A 105 5.72 19.52 -6.71
N TYR A 106 5.43 20.42 -5.76
CA TYR A 106 4.05 20.80 -5.47
C TYR A 106 3.39 21.47 -6.67
N GLU A 107 4.15 22.29 -7.42
CA GLU A 107 3.60 22.89 -8.62
C GLU A 107 3.02 21.85 -9.55
N ARG A 108 3.79 20.78 -9.82
CA ARG A 108 3.38 19.75 -10.75
C ARG A 108 2.63 18.60 -10.10
N ASN A 109 2.39 18.66 -8.79
CA ASN A 109 1.77 17.58 -8.04
C ASN A 109 2.44 16.23 -8.36
N LYS A 110 3.77 16.20 -8.17
CA LYS A 110 4.54 15.02 -8.54
C LYS A 110 5.97 15.21 -8.09
N GLY A 111 6.57 14.16 -7.53
CA GLY A 111 7.96 14.22 -7.10
C GLY A 111 8.39 12.94 -6.42
N LYS A 112 9.71 12.79 -6.33
CA LYS A 112 10.34 11.62 -5.73
C LYS A 112 11.54 12.06 -4.90
N ILE A 113 11.60 11.61 -3.64
CA ILE A 113 12.77 11.81 -2.80
C ILE A 113 13.20 10.45 -2.26
N VAL A 114 14.48 10.12 -2.44
CA VAL A 114 15.09 8.94 -1.84
C VAL A 114 16.22 9.39 -0.93
N VAL A 115 16.17 8.95 0.33
CA VAL A 115 17.21 9.23 1.31
C VAL A 115 18.01 7.95 1.56
N TYR A 116 19.31 8.00 1.29
CA TYR A 116 20.22 6.94 1.72
C TYR A 116 20.48 7.17 3.20
N GLY A 117 19.85 6.37 4.05
CA GLY A 117 20.04 6.48 5.47
C GLY A 117 20.88 5.36 6.04
N SER A 118 20.35 4.67 7.07
CA SER A 118 21.12 3.68 7.78
C SER A 118 20.18 2.81 8.60
N ALA A 119 20.48 1.51 8.69
CA ALA A 119 19.76 0.62 9.58
C ALA A 119 20.06 0.90 11.04
N ALA A 120 21.09 1.68 11.34
CA ALA A 120 21.29 2.15 12.71
C ALA A 120 20.22 3.13 13.13
N ALA A 121 19.40 3.60 12.19
CA ALA A 121 18.20 4.35 12.54
C ALA A 121 17.03 3.44 12.86
N MET A 122 17.18 2.12 12.66
CA MET A 122 16.14 1.14 12.96
C MET A 122 16.43 0.37 14.24
N ARG A 123 17.71 0.06 14.50
CA ARG A 123 18.06 -0.79 15.62
C ARG A 123 19.46 -0.45 16.10
N TYR A 124 19.77 -0.91 17.31
CA TYR A 124 21.04 -0.58 17.94
C TYR A 124 22.23 -1.04 17.09
N GLN A 125 23.08 -0.10 16.73
CA GLN A 125 24.41 -0.39 16.19
C GLN A 125 25.45 0.04 17.22
N GLU A 126 26.22 -0.90 17.73
CA GLU A 126 27.16 -0.59 18.79
C GLU A 126 28.24 0.37 18.31
N GLY A 127 28.65 1.27 19.20
CA GLY A 127 29.80 2.13 18.97
C GLY A 127 29.62 3.26 17.98
N ALA A 128 28.40 3.79 17.84
CA ALA A 128 28.15 4.84 16.85
C ALA A 128 27.04 5.76 17.36
N LEU A 129 27.24 6.34 18.55
CA LEU A 129 26.15 7.00 19.25
C LEU A 129 25.64 8.25 18.52
N ALA A 130 26.45 9.31 18.48
CA ALA A 130 26.00 10.54 17.85
C ALA A 130 25.52 10.28 16.43
N TYR A 131 26.27 9.47 15.69
CA TYR A 131 25.88 9.12 14.33
C TYR A 131 24.51 8.48 14.29
N SER A 132 24.27 7.48 15.15
CA SER A 132 23.00 6.77 15.16
C SER A 132 21.84 7.73 15.37
N THR A 133 21.95 8.64 16.34
CA THR A 133 20.86 9.59 16.60
C THR A 133 20.62 10.49 15.40
N ALA A 134 21.66 10.77 14.62
CA ALA A 134 21.48 11.62 13.44
C ALA A 134 20.74 10.89 12.34
N ARG A 135 21.04 9.61 12.13
CA ARG A 135 20.27 8.82 11.17
C ARG A 135 18.83 8.64 11.64
N PHE A 136 18.63 8.42 12.94
CA PHE A 136 17.28 8.40 13.49
C PHE A 136 16.52 9.67 13.12
N ALA A 137 17.19 10.82 13.16
CA ALA A 137 16.52 12.07 12.82
C ALA A 137 16.24 12.15 11.32
N GLN A 138 17.16 11.65 10.49
CA GLN A 138 16.85 11.50 9.07
C GLN A 138 15.63 10.62 8.88
N ARG A 139 15.63 9.44 9.53
CA ARG A 139 14.47 8.56 9.48
C ARG A 139 13.20 9.29 9.87
N GLY A 140 13.27 10.13 10.90
CA GLY A 140 12.07 10.82 11.34
C GLY A 140 11.61 11.84 10.32
N TYR A 141 12.56 12.50 9.66
CA TYR A 141 12.23 13.43 8.59
C TYR A 141 11.41 12.75 7.50
N VAL A 142 11.81 11.54 7.11
CA VAL A 142 11.05 10.80 6.09
C VAL A 142 9.69 10.39 6.65
N THR A 143 9.66 9.96 7.92
CA THR A 143 8.40 9.52 8.51
C THR A 143 7.41 10.67 8.63
N ALA A 144 7.89 11.86 8.99
CA ALA A 144 7.00 13.01 9.16
C ALA A 144 6.68 13.71 7.84
N LEU A 145 7.64 13.75 6.91
CA LEU A 145 7.42 14.43 5.65
C LEU A 145 6.65 13.56 4.65
N GLY A 146 6.91 12.25 4.65
CA GLY A 146 6.36 11.35 3.67
C GLY A 146 4.87 11.55 3.46
N PRO A 147 4.09 11.36 4.53
CA PRO A 147 2.63 11.48 4.38
C PRO A 147 2.16 12.90 4.10
N GLU A 148 2.90 13.91 4.56
CA GLU A 148 2.55 15.28 4.23
C GLU A 148 2.76 15.55 2.74
N ALA A 149 3.88 15.10 2.20
CA ALA A 149 4.17 15.28 0.78
C ALA A 149 3.35 14.37 -0.11
N ALA A 150 2.90 13.24 0.43
CA ALA A 150 2.06 12.32 -0.32
C ALA A 150 0.77 13.00 -0.81
N ARG A 151 0.32 14.05 -0.13
CA ARG A 151 -0.90 14.71 -0.52
C ARG A 151 -0.72 15.51 -1.81
N HIS A 152 0.51 15.90 -2.13
CA HIS A 152 0.85 16.46 -3.42
C HIS A 152 1.45 15.42 -4.37
N ASN A 153 1.18 14.14 -4.11
CA ASN A 153 1.61 13.05 -4.98
C ASN A 153 3.13 12.96 -5.04
N VAL A 154 3.79 13.32 -3.94
CA VAL A 154 5.24 13.27 -3.80
C VAL A 154 5.58 12.09 -2.90
N ASN A 155 6.50 11.24 -3.35
CA ASN A 155 6.97 10.10 -2.57
C ASN A 155 8.29 10.45 -1.88
N VAL A 156 8.36 10.15 -0.59
CA VAL A 156 9.56 10.33 0.22
C VAL A 156 9.82 9.04 0.97
N ASN A 157 11.02 8.47 0.82
CA ASN A 157 11.32 7.19 1.44
C ASN A 157 12.78 7.11 1.85
N PHE A 158 13.04 6.17 2.75
CA PHE A 158 14.27 6.09 3.53
C PHE A 158 14.85 4.69 3.34
N ILE A 159 16.06 4.63 2.76
CA ILE A 159 16.79 3.36 2.65
C ILE A 159 17.64 3.22 3.92
N ALA A 160 17.25 2.27 4.78
CA ALA A 160 17.97 2.02 6.02
C ALA A 160 19.06 0.98 5.75
N GLN A 161 20.16 1.45 5.17
CA GLN A 161 21.17 0.53 4.67
C GLN A 161 22.23 0.23 5.73
N HIS A 162 22.91 -0.89 5.51
CA HIS A 162 23.98 -1.37 6.37
C HIS A 162 24.75 -2.44 5.59
N TRP A 163 25.99 -2.67 6.00
CA TRP A 163 26.83 -3.71 5.40
C TRP A 163 26.86 -3.56 3.89
N THR A 164 27.20 -2.36 3.44
CA THR A 164 27.10 -1.97 2.05
C THR A 164 28.37 -1.23 1.65
N GLN A 165 28.94 -1.59 0.50
CA GLN A 165 30.21 -1.03 0.08
C GLN A 165 30.15 0.50 -0.02
N ASN A 166 31.07 1.15 0.67
CA ASN A 166 31.29 2.59 0.57
C ASN A 166 32.57 2.91 1.33
N LYS A 167 33.10 4.11 1.12
CA LYS A 167 34.32 4.51 1.80
C LYS A 167 34.09 4.85 3.26
N GLU A 168 32.92 5.43 3.59
CA GLU A 168 32.75 6.03 4.91
C GLU A 168 32.60 4.98 6.01
N TYR A 169 32.10 3.78 5.68
CA TYR A 169 31.77 2.78 6.70
C TYR A 169 32.30 1.39 6.42
N PHE A 170 32.57 1.03 5.16
CA PHE A 170 33.09 -0.29 4.84
C PHE A 170 34.22 -0.14 3.83
N TRP A 171 35.25 0.58 4.24
CA TRP A 171 36.41 0.82 3.40
C TRP A 171 37.29 -0.43 3.34
N PRO A 172 38.16 -0.53 2.33
CA PRO A 172 38.85 -1.81 2.09
C PRO A 172 39.63 -2.30 3.29
N GLU A 173 40.34 -1.42 3.99
CA GLU A 173 41.13 -1.84 5.15
C GLU A 173 40.25 -2.46 6.22
N ARG A 174 39.09 -1.85 6.50
CA ARG A 174 38.22 -2.34 7.57
C ARG A 174 37.68 -3.72 7.26
N ILE A 175 37.15 -3.91 6.04
CA ILE A 175 36.45 -5.16 5.73
C ILE A 175 37.40 -6.33 5.48
N ALA A 176 38.71 -6.10 5.49
CA ALA A 176 39.67 -7.16 5.21
C ALA A 176 40.05 -7.96 6.45
N THR A 177 39.90 -7.39 7.64
CA THR A 177 40.38 -8.04 8.86
C THR A 177 39.57 -9.29 9.18
N ASP A 178 40.25 -10.25 9.83
CA ASP A 178 39.55 -11.41 10.37
C ASP A 178 38.41 -10.98 11.27
N GLU A 179 38.64 -9.97 12.12
CA GLU A 179 37.62 -9.56 13.07
C GLU A 179 36.37 -9.07 12.37
N PHE A 180 36.53 -8.26 11.32
CA PHE A 180 35.35 -7.81 10.58
C PHE A 180 34.61 -8.99 9.96
N LYS A 181 35.34 -9.95 9.40
CA LYS A 181 34.68 -11.04 8.69
C LYS A 181 33.93 -11.95 9.67
N GLU A 182 34.49 -12.21 10.85
CA GLU A 182 33.77 -13.00 11.84
C GLU A 182 32.53 -12.28 12.33
N ASP A 183 32.64 -10.97 12.57
CA ASP A 183 31.52 -10.19 13.08
C ASP A 183 30.40 -10.12 12.05
N MET A 184 30.74 -9.91 10.77
CA MET A 184 29.72 -9.90 9.73
C MET A 184 29.02 -11.25 9.64
N ALA A 185 29.80 -12.34 9.67
CA ALA A 185 29.21 -13.68 9.58
C ALA A 185 28.22 -13.93 10.70
N ARG A 186 28.51 -13.42 11.90
CA ARG A 186 27.60 -13.62 13.02
C ARG A 186 26.33 -12.78 12.87
N ARG A 187 26.46 -11.55 12.37
CA ARG A 187 25.39 -10.57 12.45
C ARG A 187 24.57 -10.43 11.18
N VAL A 188 25.11 -10.83 10.03
CA VAL A 188 24.45 -10.63 8.74
C VAL A 188 23.98 -12.00 8.25
N PRO A 189 22.67 -12.29 8.31
CA PRO A 189 22.20 -13.61 7.83
C PRO A 189 22.62 -13.95 6.40
N LEU A 190 22.59 -12.99 5.48
CA LEU A 190 23.01 -13.28 4.11
C LEU A 190 24.50 -13.57 4.02
N GLY A 191 25.29 -13.18 5.02
CA GLY A 191 26.69 -13.54 5.08
C GLY A 191 27.61 -12.74 4.17
N ARG A 192 27.18 -11.58 3.69
CA ARG A 192 28.03 -10.82 2.79
C ARG A 192 27.62 -9.35 2.82
N LEU A 193 28.50 -8.52 2.28
CA LEU A 193 28.18 -7.13 2.01
C LEU A 193 27.34 -7.02 0.74
N ALA A 194 26.50 -5.99 0.71
CA ALA A 194 25.88 -5.56 -0.52
C ALA A 194 26.88 -4.75 -1.35
N THR A 195 26.73 -4.84 -2.66
CA THR A 195 27.45 -3.94 -3.54
C THR A 195 26.74 -2.59 -3.60
N ALA A 196 27.51 -1.54 -3.88
CA ALA A 196 26.91 -0.22 -4.06
C ALA A 196 25.80 -0.27 -5.11
N ARG A 197 26.00 -1.09 -6.14
CA ARG A 197 25.01 -1.19 -7.22
C ARG A 197 23.69 -1.75 -6.70
N GLU A 198 23.73 -2.77 -5.84
CA GLU A 198 22.50 -3.32 -5.27
C GLU A 198 21.74 -2.25 -4.50
N ASP A 199 22.47 -1.42 -3.74
CA ASP A 199 21.83 -0.29 -3.06
C ASP A 199 21.15 0.64 -4.06
N ALA A 200 21.87 1.02 -5.12
CA ALA A 200 21.29 1.93 -6.11
C ALA A 200 20.13 1.30 -6.86
N LEU A 201 20.05 -0.03 -6.90
CA LEU A 201 18.92 -0.69 -7.55
C LEU A 201 17.65 -0.56 -6.72
N LEU A 202 17.78 -0.59 -5.38
CA LEU A 202 16.63 -0.28 -4.53
C LEU A 202 16.20 1.17 -4.70
N ALA A 203 17.18 2.08 -4.68
CA ALA A 203 16.90 3.50 -4.90
C ALA A 203 16.24 3.74 -6.25
N LEU A 204 16.71 3.02 -7.28
CA LEU A 204 16.11 3.13 -8.59
C LEU A 204 14.62 2.79 -8.54
N PHE A 205 14.28 1.71 -7.85
CA PHE A 205 12.87 1.39 -7.64
C PHE A 205 12.15 2.53 -6.95
N LEU A 206 12.72 3.05 -5.87
CA LEU A 206 12.06 4.10 -5.10
C LEU A 206 12.04 5.43 -5.82
N ALA A 207 12.95 5.63 -6.78
CA ALA A 207 12.95 6.83 -7.60
C ALA A 207 12.06 6.72 -8.83
N SER A 208 11.70 5.50 -9.22
CA SER A 208 10.90 5.27 -10.42
C SER A 208 9.42 5.46 -10.12
N ASP A 209 8.62 5.48 -11.18
CA ASP A 209 7.17 5.55 -11.03
C ASP A 209 6.56 4.18 -10.77
N GLU A 210 7.39 3.15 -10.58
CA GLU A 210 6.91 1.85 -10.14
C GLU A 210 6.57 1.84 -8.66
N SER A 211 6.86 2.91 -7.93
CA SER A 211 6.80 2.92 -6.47
C SER A 211 5.98 4.08 -5.92
N ASP A 212 5.02 4.60 -6.71
CA ASP A 212 4.24 5.76 -6.30
C ASP A 212 3.43 5.51 -5.03
N PHE A 213 3.15 4.26 -4.71
CA PHE A 213 2.33 3.90 -3.55
C PHE A 213 3.15 3.66 -2.29
N ILE A 214 4.46 3.85 -2.36
CA ILE A 214 5.35 3.71 -1.20
C ILE A 214 5.59 5.12 -0.67
N VAL A 215 5.12 5.42 0.54
CA VAL A 215 5.22 6.78 1.07
C VAL A 215 5.67 6.75 2.53
N GLY A 216 6.77 7.46 2.80
CA GLY A 216 7.26 7.64 4.16
C GLY A 216 7.84 6.40 4.81
N LYS A 217 8.36 5.47 4.03
CA LYS A 217 8.72 4.15 4.54
C LYS A 217 10.23 4.02 4.74
N SER A 218 10.60 3.16 5.68
CA SER A 218 11.98 2.77 5.92
C SER A 218 12.15 1.33 5.43
N ILE A 219 12.88 1.17 4.32
CA ILE A 219 13.17 -0.15 3.77
C ILE A 219 14.56 -0.53 4.25
N GLU A 220 14.64 -1.58 5.05
CA GLU A 220 15.91 -2.03 5.60
C GLU A 220 16.70 -2.77 4.54
N PHE A 221 17.85 -2.21 4.17
CA PHE A 221 18.74 -2.75 3.16
C PHE A 221 19.99 -3.23 3.89
N ASP A 222 19.87 -4.41 4.53
CA ASP A 222 20.89 -4.80 5.50
C ASP A 222 21.18 -6.29 5.56
N GLY A 223 20.78 -7.08 4.56
CA GLY A 223 21.09 -8.49 4.57
C GLY A 223 20.45 -9.31 5.67
N GLY A 224 19.42 -8.77 6.33
CA GLY A 224 18.78 -9.43 7.44
C GLY A 224 19.21 -8.95 8.81
N TRP A 225 20.16 -8.02 8.86
CA TRP A 225 20.77 -7.61 10.13
C TRP A 225 19.72 -7.25 11.18
N ALA A 226 18.80 -6.36 10.83
CA ALA A 226 17.81 -5.85 11.78
C ALA A 226 16.55 -6.71 11.85
N THR A 227 16.46 -7.77 11.06
CA THR A 227 15.30 -8.65 11.10
C THR A 227 15.20 -9.36 12.45
N ASN B 3 16.80 -7.24 -21.82
CA ASN B 3 15.50 -7.89 -21.90
C ASN B 3 14.81 -7.94 -20.52
N GLY B 4 13.94 -8.93 -20.32
CA GLY B 4 13.07 -8.91 -19.16
C GLY B 4 13.81 -9.06 -17.85
N ARG B 5 13.27 -8.43 -16.80
CA ARG B 5 13.86 -8.48 -15.48
C ARG B 5 13.68 -9.83 -14.80
N LEU B 6 12.81 -10.70 -15.32
CA LEU B 6 12.71 -12.07 -14.86
C LEU B 6 12.97 -13.05 -16.00
N ALA B 7 13.79 -12.64 -16.97
CA ALA B 7 14.07 -13.49 -18.11
C ALA B 7 14.60 -14.84 -17.66
N GLY B 8 14.00 -15.91 -18.19
CA GLY B 8 14.44 -17.26 -17.89
C GLY B 8 13.89 -17.86 -16.61
N LYS B 9 13.19 -17.09 -15.78
CA LYS B 9 12.77 -17.54 -14.46
C LYS B 9 11.42 -18.26 -14.55
N ARG B 10 11.28 -19.30 -13.75
CA ARG B 10 10.02 -20.02 -13.59
C ARG B 10 9.43 -19.66 -12.24
N VAL B 11 8.20 -19.14 -12.25
CA VAL B 11 7.53 -18.64 -11.05
C VAL B 11 6.34 -19.53 -10.75
N LEU B 12 6.30 -20.06 -9.53
CA LEU B 12 5.12 -20.77 -9.04
C LEU B 12 4.25 -19.78 -8.25
N LEU B 13 3.03 -19.56 -8.73
CA LEU B 13 2.07 -18.63 -8.13
C LEU B 13 0.89 -19.42 -7.58
N THR B 14 0.63 -19.30 -6.28
CA THR B 14 -0.47 -20.02 -5.65
C THR B 14 -1.79 -19.28 -5.85
N ASN B 15 -2.88 -20.05 -5.86
CA ASN B 15 -4.24 -19.54 -6.04
C ASN B 15 -4.27 -18.38 -7.03
N ALA B 16 -3.88 -18.69 -8.27
CA ALA B 16 -3.56 -17.64 -9.25
C ALA B 16 -4.77 -16.82 -9.66
N ASP B 17 -5.99 -17.31 -9.46
CA ASP B 17 -7.18 -16.54 -9.78
C ASP B 17 -7.63 -15.64 -8.64
N ALA B 18 -7.07 -15.78 -7.44
CA ALA B 18 -7.51 -15.01 -6.29
C ALA B 18 -6.53 -13.86 -5.99
N TYR B 19 -7.02 -12.93 -5.16
CA TYR B 19 -6.23 -11.86 -4.57
C TYR B 19 -5.40 -11.12 -5.61
N MET B 20 -4.06 -11.21 -5.53
CA MET B 20 -3.19 -10.49 -6.44
C MET B 20 -2.66 -11.37 -7.57
N GLY B 21 -3.28 -12.52 -7.81
CA GLY B 21 -2.73 -13.46 -8.78
C GLY B 21 -2.70 -12.93 -10.20
N GLU B 22 -3.76 -12.24 -10.62
CA GLU B 22 -3.90 -11.87 -12.02
C GLU B 22 -2.86 -10.83 -12.42
N ALA B 23 -2.70 -9.76 -11.63
CA ALA B 23 -1.68 -8.76 -11.94
C ALA B 23 -0.28 -9.37 -11.90
N THR B 24 -0.08 -10.37 -11.04
CA THR B 24 1.22 -11.03 -10.98
C THR B 24 1.54 -11.72 -12.29
N VAL B 25 0.59 -12.52 -12.81
CA VAL B 25 0.76 -13.15 -14.12
C VAL B 25 1.14 -12.10 -15.15
N GLN B 26 0.37 -11.02 -15.23
CA GLN B 26 0.57 -10.04 -16.30
C GLN B 26 1.92 -9.37 -16.18
N VAL B 27 2.27 -8.87 -14.99
CA VAL B 27 3.51 -8.14 -14.82
C VAL B 27 4.70 -9.07 -14.99
N PHE B 28 4.66 -10.25 -14.35
CA PHE B 28 5.81 -11.15 -14.40
C PHE B 28 6.05 -11.65 -15.83
N GLU B 29 4.98 -11.88 -16.59
CA GLU B 29 5.13 -12.39 -17.95
C GLU B 29 5.63 -11.30 -18.89
N GLU B 30 5.18 -10.06 -18.70
CA GLU B 30 5.77 -8.95 -19.44
C GLU B 30 7.28 -8.93 -19.30
N GLU B 31 7.79 -9.41 -18.17
CA GLU B 31 9.21 -9.33 -17.83
C GLU B 31 9.95 -10.62 -18.10
N GLY B 32 9.35 -11.54 -18.85
CA GLY B 32 10.05 -12.71 -19.34
C GLY B 32 9.89 -13.95 -18.49
N ALA B 33 9.04 -13.92 -17.48
CA ALA B 33 8.87 -15.06 -16.60
C ALA B 33 7.91 -16.06 -17.23
N GLU B 34 8.18 -17.33 -16.98
CA GLU B 34 7.20 -18.38 -17.19
C GLU B 34 6.50 -18.59 -15.85
N VAL B 35 5.21 -18.28 -15.80
CA VAL B 35 4.46 -18.34 -14.56
C VAL B 35 3.59 -19.60 -14.55
N ILE B 36 3.84 -20.45 -13.58
CA ILE B 36 2.99 -21.61 -13.33
C ILE B 36 1.85 -21.15 -12.43
N ALA B 37 0.66 -21.01 -13.02
CA ALA B 37 -0.48 -20.42 -12.33
C ALA B 37 -1.27 -21.54 -11.68
N ASP B 38 -0.88 -21.89 -10.46
CA ASP B 38 -1.54 -22.97 -9.75
C ASP B 38 -2.88 -22.55 -9.17
N HIS B 39 -3.82 -23.48 -9.18
CA HIS B 39 -5.16 -23.24 -8.64
C HIS B 39 -5.51 -24.29 -7.59
N THR B 40 -4.52 -25.00 -7.08
CA THR B 40 -4.74 -26.06 -6.11
C THR B 40 -5.13 -25.48 -4.76
N ASP B 41 -5.94 -26.23 -4.03
CA ASP B 41 -6.36 -25.85 -2.68
C ASP B 41 -5.34 -26.39 -1.70
N LEU B 42 -4.53 -25.51 -1.13
CA LEU B 42 -3.40 -25.91 -0.30
C LEU B 42 -3.78 -26.07 1.16
N THR B 43 -5.07 -26.00 1.49
CA THR B 43 -5.56 -26.35 2.82
C THR B 43 -5.60 -27.86 3.04
N LYS B 44 -5.35 -28.65 2.00
CA LYS B 44 -5.30 -30.10 2.11
C LYS B 44 -3.86 -30.52 2.36
N VAL B 45 -3.63 -31.25 3.45
CA VAL B 45 -2.29 -31.76 3.74
C VAL B 45 -1.82 -32.60 2.56
N GLY B 46 -0.55 -32.44 2.19
CA GLY B 46 0.03 -33.15 1.08
C GLY B 46 -0.11 -32.47 -0.26
N ALA B 47 -1.02 -31.50 -0.38
CA ALA B 47 -1.26 -30.86 -1.67
C ALA B 47 -0.06 -30.03 -2.11
N ALA B 48 0.56 -29.32 -1.17
CA ALA B 48 1.66 -28.42 -1.54
C ALA B 48 2.83 -29.20 -2.12
N GLU B 49 3.17 -30.33 -1.51
CA GLU B 49 4.27 -31.16 -2.01
C GLU B 49 4.01 -31.62 -3.44
N GLU B 50 2.77 -31.97 -3.75
CA GLU B 50 2.47 -32.44 -5.10
C GLU B 50 2.48 -31.30 -6.11
N VAL B 51 2.01 -30.11 -5.73
CA VAL B 51 2.10 -28.98 -6.64
C VAL B 51 3.55 -28.74 -7.04
N VAL B 52 4.47 -28.79 -6.07
CA VAL B 52 5.86 -28.49 -6.36
C VAL B 52 6.48 -29.56 -7.23
N GLU B 53 6.20 -30.83 -6.94
CA GLU B 53 6.77 -31.91 -7.74
C GLU B 53 6.26 -31.85 -9.18
N ARG B 54 4.94 -31.65 -9.35
CA ARG B 54 4.38 -31.54 -10.69
C ARG B 54 4.90 -30.33 -11.44
N ALA B 55 5.48 -29.35 -10.74
CA ALA B 55 5.83 -28.07 -11.37
C ALA B 55 7.21 -28.06 -12.00
N GLY B 56 8.10 -28.96 -11.61
CA GLY B 56 9.45 -28.94 -12.13
C GLY B 56 10.29 -27.85 -11.52
N HIS B 57 11.13 -27.22 -12.34
CA HIS B 57 12.10 -26.25 -11.85
C HIS B 57 11.41 -24.96 -11.45
N ILE B 58 11.65 -24.50 -10.22
CA ILE B 58 11.06 -23.27 -9.70
C ILE B 58 12.19 -22.34 -9.26
N ASP B 59 12.12 -21.07 -9.69
CA ASP B 59 13.03 -20.04 -9.22
C ASP B 59 12.40 -19.07 -8.23
N VAL B 60 11.09 -18.85 -8.35
CA VAL B 60 10.37 -17.90 -7.50
C VAL B 60 9.07 -18.55 -7.05
N LEU B 61 8.76 -18.41 -5.77
CA LEU B 61 7.45 -18.74 -5.24
C LEU B 61 6.75 -17.45 -4.84
N VAL B 62 5.58 -17.21 -5.41
CA VAL B 62 4.74 -16.09 -5.00
C VAL B 62 3.62 -16.68 -4.16
N ALA B 63 3.71 -16.49 -2.84
CA ALA B 63 2.73 -17.04 -1.90
C ALA B 63 1.56 -16.08 -1.83
N ASN B 64 0.50 -16.41 -2.56
CA ASN B 64 -0.66 -15.55 -2.74
C ASN B 64 -1.86 -16.23 -2.09
N PHE B 65 -2.27 -15.72 -0.94
CA PHE B 65 -3.34 -16.29 -0.13
C PHE B 65 -4.24 -15.18 0.37
N ALA B 66 -5.55 -15.42 0.37
CA ALA B 66 -6.48 -14.48 0.97
C ALA B 66 -7.66 -15.24 1.57
N VAL B 67 -8.33 -14.58 2.51
CA VAL B 67 -9.52 -15.10 3.15
C VAL B 67 -10.39 -13.90 3.51
N ASP B 68 -11.69 -14.12 3.60
CA ASP B 68 -12.62 -13.06 3.95
C ASP B 68 -12.18 -12.38 5.24
N ALA B 69 -11.99 -11.06 5.19
CA ALA B 69 -11.64 -10.31 6.39
C ALA B 69 -12.78 -10.27 7.40
N HIS B 70 -14.02 -10.48 6.97
CA HIS B 70 -15.20 -10.35 7.83
C HIS B 70 -15.23 -8.97 8.48
N PHE B 71 -15.03 -7.95 7.64
CA PHE B 71 -15.09 -6.57 8.10
C PHE B 71 -16.34 -6.34 8.94
N GLY B 72 -16.16 -5.71 10.09
CA GLY B 72 -17.26 -5.39 10.99
C GLY B 72 -17.60 -6.44 12.02
N VAL B 73 -17.09 -7.65 11.88
CA VAL B 73 -17.39 -8.71 12.84
C VAL B 73 -16.57 -8.47 14.11
N THR B 74 -17.26 -8.43 15.25
CA THR B 74 -16.65 -8.09 16.54
C THR B 74 -15.91 -9.29 17.12
N VAL B 75 -15.12 -9.03 18.17
CA VAL B 75 -14.43 -10.10 18.88
C VAL B 75 -15.43 -11.12 19.41
N LEU B 76 -16.56 -10.62 19.96
CA LEU B 76 -17.55 -11.53 20.52
C LEU B 76 -18.24 -12.33 19.42
N GLU B 77 -18.32 -11.76 18.22
CA GLU B 77 -18.93 -12.45 17.09
C GLU B 77 -17.96 -13.38 16.36
N THR B 78 -16.68 -13.36 16.71
CA THR B 78 -15.66 -14.19 16.07
C THR B 78 -15.73 -15.60 16.65
N ASP B 79 -16.55 -16.44 16.05
CA ASP B 79 -16.79 -17.77 16.57
C ASP B 79 -15.68 -18.73 16.15
N GLU B 80 -15.75 -19.96 16.68
CA GLU B 80 -14.70 -20.94 16.46
C GLU B 80 -14.42 -21.14 14.97
N GLU B 81 -15.46 -21.38 14.17
CA GLU B 81 -15.28 -21.70 12.77
C GLU B 81 -14.66 -20.52 12.00
N LEU B 82 -15.16 -19.31 12.25
CA LEU B 82 -14.57 -18.15 11.61
C LEU B 82 -13.09 -18.05 11.95
N TRP B 83 -12.75 -18.16 13.24
CA TRP B 83 -11.37 -18.07 13.67
C TRP B 83 -10.50 -19.12 13.00
N GLN B 84 -10.88 -20.40 13.14
CA GLN B 84 -10.12 -21.48 12.53
C GLN B 84 -9.94 -21.27 11.04
N THR B 85 -10.99 -20.79 10.38
CA THR B 85 -10.96 -20.69 8.92
C THR B 85 -9.90 -19.70 8.45
N ALA B 86 -9.68 -18.62 9.18
CA ALA B 86 -8.65 -17.65 8.76
C ALA B 86 -7.27 -18.31 8.77
N TYR B 87 -7.01 -19.15 9.77
CA TYR B 87 -5.70 -19.79 9.88
C TYR B 87 -5.55 -20.92 8.87
N GLU B 88 -6.60 -21.73 8.71
CA GLU B 88 -6.57 -22.81 7.74
C GLU B 88 -6.38 -22.29 6.32
N THR B 89 -6.82 -21.06 6.04
CA THR B 89 -6.85 -20.56 4.67
C THR B 89 -5.57 -19.83 4.25
N ILE B 90 -4.89 -19.13 5.16
CA ILE B 90 -3.74 -18.33 4.73
C ILE B 90 -2.48 -18.55 5.58
N VAL B 91 -2.60 -19.25 6.70
CA VAL B 91 -1.45 -19.43 7.59
C VAL B 91 -0.82 -20.80 7.38
N HIS B 92 -1.56 -21.85 7.71
CA HIS B 92 -1.04 -23.20 7.57
C HIS B 92 -0.55 -23.50 6.15
N PRO B 93 -1.26 -23.16 5.08
CA PRO B 93 -0.73 -23.46 3.74
C PRO B 93 0.54 -22.70 3.42
N LEU B 94 0.75 -21.52 4.00
CA LEU B 94 1.97 -20.76 3.70
C LEU B 94 3.21 -21.59 4.04
N HIS B 95 3.24 -22.22 5.21
CA HIS B 95 4.38 -23.03 5.59
C HIS B 95 4.46 -24.29 4.75
N ARG B 96 3.30 -24.91 4.46
CA ARG B 96 3.29 -26.09 3.60
C ARG B 96 3.98 -25.79 2.27
N ILE B 97 3.65 -24.67 1.66
CA ILE B 97 4.15 -24.45 0.30
C ILE B 97 5.59 -23.98 0.32
N CYS B 98 6.00 -23.21 1.33
CA CYS B 98 7.40 -22.81 1.44
C CYS B 98 8.29 -24.00 1.79
N ARG B 99 7.87 -24.80 2.78
CA ARG B 99 8.60 -26.01 3.12
C ARG B 99 8.78 -26.93 1.93
N ALA B 100 7.80 -26.95 1.02
CA ALA B 100 7.87 -27.85 -0.13
C ALA B 100 8.85 -27.35 -1.19
N VAL B 101 8.99 -26.03 -1.34
CA VAL B 101 9.85 -25.49 -2.39
C VAL B 101 11.29 -25.29 -1.93
N LEU B 102 11.52 -25.11 -0.63
CA LEU B 102 12.86 -24.76 -0.16
C LEU B 102 13.92 -25.80 -0.51
N PRO B 103 13.66 -27.11 -0.48
CA PRO B 103 14.75 -28.06 -0.76
C PRO B 103 15.45 -27.83 -2.09
N GLN B 104 14.72 -27.53 -3.16
CA GLN B 104 15.40 -27.27 -4.42
C GLN B 104 16.11 -25.92 -4.39
N PHE B 105 15.56 -24.92 -3.68
CA PHE B 105 16.29 -23.67 -3.48
C PHE B 105 17.60 -23.92 -2.73
N TYR B 106 17.52 -24.66 -1.63
CA TYR B 106 18.73 -24.95 -0.86
C TYR B 106 19.73 -25.73 -1.70
N GLU B 107 19.26 -26.60 -2.58
CA GLU B 107 20.17 -27.37 -3.42
C GLU B 107 20.99 -26.44 -4.32
N ARG B 108 20.35 -25.42 -4.88
CA ARG B 108 21.02 -24.51 -5.80
C ARG B 108 21.59 -23.28 -5.10
N ASN B 109 21.47 -23.19 -3.77
CA ASN B 109 21.86 -22.01 -3.01
C ASN B 109 21.31 -20.74 -3.67
N LYS B 110 20.01 -20.78 -4.01
CA LYS B 110 19.36 -19.66 -4.68
C LYS B 110 17.85 -19.84 -4.59
N GLY B 111 17.14 -18.74 -4.31
CA GLY B 111 15.69 -18.80 -4.26
C GLY B 111 15.07 -17.47 -3.91
N LYS B 112 13.80 -17.33 -4.28
CA LYS B 112 13.01 -16.14 -4.02
C LYS B 112 11.62 -16.54 -3.56
N ILE B 113 11.13 -15.89 -2.51
CA ILE B 113 9.76 -16.08 -2.04
C ILE B 113 9.17 -14.71 -1.73
N VAL B 114 8.06 -14.38 -2.38
CA VAL B 114 7.33 -13.13 -2.16
C VAL B 114 5.95 -13.49 -1.63
N VAL B 115 5.61 -12.98 -0.44
CA VAL B 115 4.32 -13.21 0.19
C VAL B 115 3.48 -11.95 0.04
N TYR B 116 2.29 -12.08 -0.55
CA TYR B 116 1.31 -11.00 -0.58
C TYR B 116 0.58 -11.03 0.75
N GLY B 117 0.95 -10.12 1.66
CA GLY B 117 0.35 -10.10 2.98
C GLY B 117 -0.63 -8.95 3.19
N SER B 118 -0.37 -8.14 4.21
CA SER B 118 -1.30 -7.11 4.63
C SER B 118 -0.61 -6.14 5.60
N ALA B 119 -0.95 -4.85 5.47
CA ALA B 119 -0.55 -3.90 6.50
C ALA B 119 -1.36 -4.07 7.79
N ALA B 120 -2.45 -4.84 7.75
CA ALA B 120 -3.11 -5.23 8.98
C ALA B 120 -2.23 -6.09 9.86
N ALA B 121 -1.14 -6.64 9.31
CA ALA B 121 -0.12 -7.34 10.07
C ALA B 121 0.92 -6.40 10.65
N MET B 122 0.80 -5.10 10.42
CA MET B 122 1.74 -4.10 10.93
C MET B 122 1.13 -3.17 11.96
N ARG B 123 -0.11 -2.75 11.73
CA ARG B 123 -0.78 -1.77 12.57
C ARG B 123 -2.26 -2.14 12.64
N TYR B 124 -2.95 -1.55 13.60
CA TYR B 124 -4.35 -1.90 13.86
C TYR B 124 -5.24 -1.54 12.67
N GLN B 125 -5.98 -2.53 12.17
CA GLN B 125 -7.02 -2.32 11.18
C GLN B 125 -8.35 -2.68 11.82
N GLU B 126 -9.26 -1.71 11.81
CA GLU B 126 -10.55 -1.84 12.47
C GLU B 126 -11.38 -2.99 11.90
N GLY B 127 -12.00 -3.75 12.80
CA GLY B 127 -13.07 -4.66 12.43
C GLY B 127 -12.65 -5.85 11.59
N ALA B 128 -11.49 -6.44 11.89
CA ALA B 128 -10.95 -7.53 11.09
C ALA B 128 -10.04 -8.40 11.96
N LEU B 129 -10.59 -8.84 13.10
CA LEU B 129 -9.78 -9.43 14.16
C LEU B 129 -9.10 -10.73 13.75
N ALA B 130 -9.89 -11.78 13.54
CA ALA B 130 -9.30 -13.08 13.20
C ALA B 130 -8.36 -12.94 12.02
N TYR B 131 -8.81 -12.21 11.00
CA TYR B 131 -8.01 -11.98 9.80
C TYR B 131 -6.69 -11.30 10.14
N SER B 132 -6.73 -10.24 10.95
CA SER B 132 -5.50 -9.52 11.30
C SER B 132 -4.48 -10.45 11.94
N THR B 133 -4.92 -11.31 12.86
CA THR B 133 -3.96 -12.16 13.55
C THR B 133 -3.40 -13.23 12.61
N ALA B 134 -4.19 -13.67 11.63
CA ALA B 134 -3.68 -14.60 10.62
C ALA B 134 -2.62 -13.93 9.74
N ARG B 135 -2.86 -12.68 9.35
CA ARG B 135 -1.84 -11.92 8.64
C ARG B 135 -0.61 -11.70 9.51
N PHE B 136 -0.80 -11.48 10.81
CA PHE B 136 0.34 -11.33 11.71
C PHE B 136 1.19 -12.61 11.70
N ALA B 137 0.54 -13.77 11.65
CA ALA B 137 1.27 -15.03 11.62
C ALA B 137 2.04 -15.18 10.32
N GLN B 138 1.47 -14.72 9.20
CA GLN B 138 2.23 -14.68 7.95
C GLN B 138 3.47 -13.82 8.09
N ARG B 139 3.31 -12.60 8.61
CA ARG B 139 4.45 -11.71 8.82
C ARG B 139 5.51 -12.39 9.67
N GLY B 140 5.09 -13.05 10.75
CA GLY B 140 6.05 -13.75 11.58
C GLY B 140 6.76 -14.85 10.83
N TYR B 141 6.05 -15.54 9.93
CA TYR B 141 6.68 -16.59 9.14
C TYR B 141 7.84 -16.03 8.34
N VAL B 142 7.62 -14.89 7.66
CA VAL B 142 8.70 -14.25 6.91
C VAL B 142 9.81 -13.79 7.85
N THR B 143 9.46 -13.13 8.96
CA THR B 143 10.46 -12.64 9.90
C THR B 143 11.34 -13.77 10.41
N ALA B 144 10.74 -14.92 10.72
CA ALA B 144 11.50 -16.02 11.30
C ALA B 144 12.21 -16.85 10.22
N LEU B 145 11.53 -17.16 9.12
CA LEU B 145 12.16 -17.93 8.06
C LEU B 145 13.18 -17.10 7.29
N GLY B 146 12.93 -15.79 7.12
CA GLY B 146 13.78 -14.94 6.33
C GLY B 146 15.26 -15.12 6.59
N PRO B 147 15.69 -14.83 7.82
CA PRO B 147 17.12 -14.94 8.12
C PRO B 147 17.66 -16.36 8.04
N GLU B 148 16.84 -17.37 8.39
CA GLU B 148 17.26 -18.75 8.24
C GLU B 148 17.52 -19.08 6.77
N ALA B 149 16.56 -18.77 5.91
CA ALA B 149 16.71 -19.06 4.49
C ALA B 149 17.84 -18.26 3.87
N ALA B 150 18.13 -17.07 4.40
CA ALA B 150 19.16 -16.22 3.82
C ALA B 150 20.54 -16.86 3.87
N ARG B 151 20.76 -17.81 4.78
CA ARG B 151 22.05 -18.48 4.84
C ARG B 151 22.27 -19.37 3.62
N HIS B 152 21.21 -19.77 2.94
CA HIS B 152 21.28 -20.49 1.68
C HIS B 152 21.06 -19.58 0.49
N ASN B 153 21.20 -18.26 0.67
CA ASN B 153 21.05 -17.32 -0.43
C ASN B 153 19.62 -17.30 -0.97
N VAL B 154 18.63 -17.51 -0.11
CA VAL B 154 17.22 -17.46 -0.46
C VAL B 154 16.59 -16.24 0.20
N ASN B 155 15.88 -15.44 -0.58
CA ASN B 155 15.18 -14.26 -0.09
C ASN B 155 13.71 -14.58 0.17
N VAL B 156 13.25 -14.26 1.38
CA VAL B 156 11.84 -14.38 1.76
C VAL B 156 11.40 -13.02 2.29
N ASN B 157 10.39 -12.43 1.65
CA ASN B 157 9.92 -11.12 2.03
C ASN B 157 8.39 -11.06 1.97
N PHE B 158 7.86 -10.03 2.63
CA PHE B 158 6.45 -9.91 2.96
C PHE B 158 5.97 -8.55 2.49
N ILE B 159 4.97 -8.52 1.62
CA ILE B 159 4.38 -7.27 1.15
C ILE B 159 3.17 -6.97 2.04
N ALA B 160 3.28 -5.91 2.83
CA ALA B 160 2.23 -5.53 3.77
C ALA B 160 1.33 -4.51 3.09
N GLN B 161 0.43 -5.01 2.26
CA GLN B 161 -0.36 -4.13 1.39
C GLN B 161 -1.67 -3.75 2.06
N HIS B 162 -2.15 -2.56 1.69
CA HIS B 162 -3.46 -2.10 2.08
C HIS B 162 -3.92 -1.15 1.00
N TRP B 163 -5.23 -0.94 0.93
CA TRP B 163 -5.78 0.06 0.03
C TRP B 163 -5.38 -0.23 -1.41
N THR B 164 -5.46 -1.51 -1.78
CA THR B 164 -4.96 -2.01 -3.06
C THR B 164 -6.06 -2.77 -3.77
N GLN B 165 -6.17 -2.56 -5.09
CA GLN B 165 -7.20 -3.21 -5.88
C GLN B 165 -7.23 -4.71 -5.61
N ASN B 166 -8.43 -5.21 -5.30
CA ASN B 166 -8.69 -6.65 -5.27
C ASN B 166 -10.13 -6.86 -4.87
N LYS B 167 -10.62 -8.06 -5.16
CA LYS B 167 -12.04 -8.39 -4.97
C LYS B 167 -12.33 -8.82 -3.53
N GLU B 168 -11.34 -9.36 -2.83
CA GLU B 168 -11.58 -9.85 -1.49
C GLU B 168 -11.73 -8.71 -0.49
N TYR B 169 -11.03 -7.59 -0.69
CA TYR B 169 -11.03 -6.51 0.30
C TYR B 169 -11.45 -5.15 -0.25
N PHE B 170 -11.49 -4.95 -1.57
CA PHE B 170 -11.95 -3.68 -2.13
C PHE B 170 -12.88 -3.93 -3.32
N TRP B 171 -13.92 -4.73 -3.08
CA TRP B 171 -14.94 -4.96 -4.08
C TRP B 171 -15.80 -3.72 -4.26
N PRO B 172 -16.59 -3.65 -5.35
CA PRO B 172 -17.20 -2.37 -5.72
C PRO B 172 -18.18 -1.82 -4.70
N GLU B 173 -18.99 -2.67 -4.07
CA GLU B 173 -19.97 -2.17 -3.11
C GLU B 173 -19.29 -1.58 -1.88
N ARG B 174 -18.18 -2.17 -1.46
CA ARG B 174 -17.49 -1.66 -0.27
C ARG B 174 -16.97 -0.25 -0.51
N ILE B 175 -16.36 0.00 -1.66
CA ILE B 175 -15.65 1.25 -1.88
C ILE B 175 -16.52 2.33 -2.52
N ALA B 176 -17.77 2.02 -2.85
CA ALA B 176 -18.64 3.02 -3.48
C ALA B 176 -19.23 3.99 -2.46
N THR B 177 -19.32 3.62 -1.19
CA THR B 177 -20.07 4.40 -0.22
C THR B 177 -19.34 5.68 0.17
N ASP B 178 -20.11 6.71 0.54
CA ASP B 178 -19.53 7.90 1.13
C ASP B 178 -18.67 7.57 2.34
N GLU B 179 -19.15 6.65 3.18
CA GLU B 179 -18.40 6.25 4.38
C GLU B 179 -16.97 5.83 4.02
N PHE B 180 -16.83 4.95 3.03
CA PHE B 180 -15.50 4.45 2.69
C PHE B 180 -14.63 5.56 2.10
N LYS B 181 -15.20 6.41 1.25
CA LYS B 181 -14.40 7.45 0.62
C LYS B 181 -13.87 8.45 1.64
N GLU B 182 -14.64 8.73 2.69
CA GLU B 182 -14.16 9.65 3.72
C GLU B 182 -13.13 8.99 4.63
N ASP B 183 -13.29 7.70 4.93
CA ASP B 183 -12.28 6.99 5.69
C ASP B 183 -10.94 7.02 4.96
N MET B 184 -10.94 6.70 3.66
CA MET B 184 -9.69 6.63 2.91
C MET B 184 -8.99 7.98 2.87
N ALA B 185 -9.73 9.05 2.60
CA ALA B 185 -9.10 10.37 2.51
C ALA B 185 -8.46 10.76 3.84
N ARG B 186 -9.10 10.39 4.96
CA ARG B 186 -8.52 10.68 6.26
C ARG B 186 -7.33 9.77 6.56
N ARG B 187 -7.43 8.49 6.22
CA ARG B 187 -6.48 7.50 6.69
C ARG B 187 -5.35 7.20 5.70
N VAL B 188 -5.50 7.56 4.44
CA VAL B 188 -4.53 7.22 3.41
C VAL B 188 -3.90 8.50 2.88
N PRO B 189 -2.67 8.82 3.29
CA PRO B 189 -2.05 10.07 2.84
C PRO B 189 -2.04 10.27 1.33
N LEU B 190 -1.78 9.22 0.55
CA LEU B 190 -1.78 9.37 -0.90
C LEU B 190 -3.18 9.66 -1.45
N GLY B 191 -4.23 9.32 -0.70
CA GLY B 191 -5.57 9.71 -1.07
C GLY B 191 -6.21 8.89 -2.18
N ARG B 192 -5.69 7.68 -2.44
CA ARG B 192 -6.25 6.84 -3.48
C ARG B 192 -5.89 5.39 -3.18
N LEU B 193 -6.54 4.48 -3.91
CA LEU B 193 -6.16 3.08 -3.88
C LEU B 193 -5.09 2.82 -4.93
N ALA B 194 -4.26 1.81 -4.66
CA ALA B 194 -3.31 1.33 -5.65
C ALA B 194 -4.00 0.46 -6.67
N THR B 195 -3.47 0.44 -7.89
CA THR B 195 -3.87 -0.57 -8.85
C THR B 195 -3.09 -1.85 -8.59
N ALA B 196 -3.66 -2.98 -8.99
CA ALA B 196 -3.00 -4.26 -8.78
C ALA B 196 -1.65 -4.29 -9.48
N ARG B 197 -1.52 -3.60 -10.61
CA ARG B 197 -0.25 -3.55 -11.33
C ARG B 197 0.86 -2.98 -10.44
N GLU B 198 0.55 -1.96 -9.64
CA GLU B 198 1.57 -1.33 -8.80
C GLU B 198 2.02 -2.28 -7.71
N ASP B 199 1.08 -3.00 -7.10
CA ASP B 199 1.45 -4.04 -6.14
C ASP B 199 2.40 -5.05 -6.78
N ALA B 200 2.07 -5.50 -7.99
CA ALA B 200 2.89 -6.51 -8.65
C ALA B 200 4.27 -5.97 -9.02
N LEU B 201 4.39 -4.68 -9.31
CA LEU B 201 5.72 -4.13 -9.60
C LEU B 201 6.63 -4.22 -8.37
N LEU B 202 6.06 -4.06 -7.17
CA LEU B 202 6.85 -4.26 -5.94
C LEU B 202 7.24 -5.72 -5.80
N ALA B 203 6.28 -6.63 -6.02
CA ALA B 203 6.59 -8.05 -6.01
C ALA B 203 7.62 -8.40 -7.08
N LEU B 204 7.55 -7.72 -8.24
CA LEU B 204 8.55 -7.91 -9.29
C LEU B 204 9.95 -7.61 -8.78
N PHE B 205 10.13 -6.43 -8.16
CA PHE B 205 11.40 -6.09 -7.56
C PHE B 205 11.87 -7.19 -6.61
N LEU B 206 10.97 -7.62 -5.72
CA LEU B 206 11.35 -8.57 -4.67
C LEU B 206 11.60 -9.96 -5.22
N ALA B 207 11.02 -10.29 -6.37
CA ALA B 207 11.27 -11.57 -7.01
C ALA B 207 12.52 -11.55 -7.90
N SER B 208 12.97 -10.37 -8.31
CA SER B 208 14.11 -10.25 -9.20
C SER B 208 15.41 -10.36 -8.42
N ASP B 209 16.49 -10.61 -9.14
CA ASP B 209 17.82 -10.60 -8.57
C ASP B 209 18.34 -9.19 -8.32
N GLU B 210 17.50 -8.18 -8.46
CA GLU B 210 17.80 -6.83 -8.03
C GLU B 210 17.61 -6.64 -6.52
N SER B 211 17.13 -7.66 -5.80
CA SER B 211 16.73 -7.53 -4.40
C SER B 211 17.36 -8.61 -3.53
N ASP B 212 18.51 -9.15 -3.96
CA ASP B 212 19.17 -10.21 -3.21
C ASP B 212 19.47 -9.78 -1.77
N PHE B 213 19.61 -8.48 -1.51
CA PHE B 213 20.01 -8.03 -0.18
C PHE B 213 18.83 -7.80 0.77
N ILE B 214 17.59 -8.03 0.33
CA ILE B 214 16.41 -7.82 1.16
C ILE B 214 16.05 -9.15 1.80
N VAL B 215 16.12 -9.23 3.13
CA VAL B 215 16.04 -10.50 3.86
C VAL B 215 14.98 -10.37 4.94
N GLY B 216 13.89 -11.12 4.79
CA GLY B 216 12.89 -11.24 5.84
C GLY B 216 12.18 -9.97 6.23
N LYS B 217 11.98 -9.05 5.28
CA LYS B 217 11.44 -7.74 5.58
C LYS B 217 9.95 -7.64 5.29
N SER B 218 9.32 -6.65 5.93
CA SER B 218 7.93 -6.27 5.68
C SER B 218 7.96 -4.89 5.04
N ILE B 219 7.62 -4.82 3.76
CA ILE B 219 7.59 -3.57 3.02
C ILE B 219 6.13 -3.14 2.92
N GLU B 220 5.84 -1.94 3.43
CA GLU B 220 4.46 -1.46 3.54
C GLU B 220 4.04 -0.79 2.23
N PHE B 221 3.04 -1.38 1.59
CA PHE B 221 2.49 -0.92 0.32
C PHE B 221 1.06 -0.45 0.62
N ASP B 222 0.94 0.77 1.13
CA ASP B 222 -0.34 1.19 1.70
C ASP B 222 -0.61 2.68 1.54
N GLY B 223 0.05 3.36 0.61
CA GLY B 223 -0.16 4.78 0.41
C GLY B 223 0.16 5.63 1.62
N GLY B 224 0.88 5.07 2.60
CA GLY B 224 1.22 5.78 3.81
C GLY B 224 0.33 5.50 5.00
N TRP B 225 -0.58 4.54 4.91
CA TRP B 225 -1.56 4.32 5.96
C TRP B 225 -0.89 4.02 7.30
N ALA B 226 0.12 3.15 7.30
CA ALA B 226 0.78 2.74 8.53
C ALA B 226 1.94 3.64 8.93
N THR B 227 2.25 4.66 8.15
CA THR B 227 3.39 5.50 8.46
C THR B 227 3.11 6.31 9.72
N GLY C 4 -2.16 -2.23 48.87
CA GLY C 4 -1.95 -3.11 47.74
C GLY C 4 -2.31 -2.49 46.39
N ARG C 5 -1.46 -2.72 45.39
CA ARG C 5 -1.68 -2.12 44.08
C ARG C 5 -2.74 -2.86 43.28
N LEU C 6 -3.08 -4.09 43.65
CA LEU C 6 -4.23 -4.81 43.12
C LEU C 6 -5.26 -5.05 44.23
N ALA C 7 -5.37 -4.11 45.16
CA ALA C 7 -6.30 -4.27 46.29
C ALA C 7 -7.72 -4.47 45.78
N GLY C 8 -8.35 -5.55 46.23
CA GLY C 8 -9.73 -5.82 45.87
C GLY C 8 -9.94 -6.41 44.50
N LYS C 9 -8.86 -6.74 43.78
CA LYS C 9 -8.99 -7.26 42.43
C LYS C 9 -8.98 -8.79 42.46
N ARG C 10 -9.79 -9.38 41.58
CA ARG C 10 -9.76 -10.83 41.33
C ARG C 10 -9.15 -11.05 39.95
N VAL C 11 -8.20 -11.97 39.88
CA VAL C 11 -7.38 -12.18 38.70
C VAL C 11 -7.53 -13.62 38.25
N LEU C 12 -7.90 -13.82 37.00
CA LEU C 12 -7.91 -15.15 36.41
C LEU C 12 -6.59 -15.40 35.70
N LEU C 13 -5.89 -16.45 36.09
CA LEU C 13 -4.59 -16.80 35.54
C LEU C 13 -4.69 -18.16 34.87
N THR C 14 -4.45 -18.21 33.57
CA THR C 14 -4.52 -19.47 32.85
C THR C 14 -3.26 -20.29 33.06
N ASN C 15 -3.39 -21.61 32.97
CA ASN C 15 -2.26 -22.53 33.09
C ASN C 15 -1.33 -22.10 34.22
N ALA C 16 -1.93 -21.90 35.40
CA ALA C 16 -1.25 -21.22 36.49
C ALA C 16 -0.02 -21.97 36.99
N ASP C 17 0.06 -23.28 36.76
CA ASP C 17 1.23 -24.07 37.11
C ASP C 17 2.17 -24.27 35.92
N ALA C 18 2.18 -23.33 34.98
CA ALA C 18 3.08 -23.38 33.84
C ALA C 18 3.58 -21.99 33.50
N TYR C 19 4.61 -21.94 32.66
CA TYR C 19 5.21 -20.70 32.19
C TYR C 19 5.41 -19.72 33.35
N MET C 20 4.75 -18.55 33.32
CA MET C 20 5.00 -17.50 34.30
C MET C 20 3.94 -17.47 35.41
N GLY C 21 3.19 -18.57 35.59
CA GLY C 21 2.11 -18.54 36.56
C GLY C 21 2.59 -18.39 37.99
N GLU C 22 3.53 -19.24 38.42
CA GLU C 22 3.94 -19.25 39.81
C GLU C 22 4.32 -17.84 40.28
N ALA C 23 5.12 -17.14 39.48
CA ALA C 23 5.58 -15.81 39.87
C ALA C 23 4.46 -14.78 39.82
N THR C 24 3.44 -15.01 38.98
CA THR C 24 2.31 -14.09 38.95
C THR C 24 1.48 -14.21 40.21
N VAL C 25 1.23 -15.44 40.67
CA VAL C 25 0.52 -15.65 41.93
C VAL C 25 1.23 -14.91 43.06
N GLN C 26 2.52 -15.20 43.23
CA GLN C 26 3.29 -14.61 44.32
C GLN C 26 3.20 -13.09 44.30
N VAL C 27 3.55 -12.48 43.16
CA VAL C 27 3.60 -11.02 43.09
C VAL C 27 2.19 -10.43 43.18
N PHE C 28 1.21 -11.07 42.53
CA PHE C 28 -0.13 -10.50 42.52
C PHE C 28 -0.81 -10.67 43.88
N GLU C 29 -0.58 -11.80 44.55
CA GLU C 29 -1.13 -11.96 45.89
C GLU C 29 -0.48 -11.01 46.88
N GLU C 30 0.82 -10.71 46.70
CA GLU C 30 1.49 -9.73 47.55
C GLU C 30 0.85 -8.37 47.45
N GLU C 31 0.20 -8.07 46.33
CA GLU C 31 -0.30 -6.73 46.07
C GLU C 31 -1.80 -6.62 46.30
N GLY C 32 -2.41 -7.61 46.93
CA GLY C 32 -3.80 -7.51 47.35
C GLY C 32 -4.80 -8.25 46.50
N ALA C 33 -4.36 -9.01 45.50
CA ALA C 33 -5.26 -9.64 44.55
C ALA C 33 -5.64 -11.05 44.99
N GLU C 34 -6.87 -11.44 44.70
CA GLU C 34 -7.27 -12.84 44.73
C GLU C 34 -7.00 -13.42 43.34
N VAL C 35 -6.21 -14.48 43.30
CA VAL C 35 -5.74 -15.03 42.04
C VAL C 35 -6.37 -16.40 41.87
N ILE C 36 -7.27 -16.50 40.89
CA ILE C 36 -7.89 -17.76 40.51
C ILE C 36 -6.89 -18.49 39.61
N ALA C 37 -6.22 -19.51 40.16
CA ALA C 37 -5.16 -20.21 39.47
C ALA C 37 -5.77 -21.39 38.71
N ASP C 38 -6.16 -21.15 37.47
CA ASP C 38 -6.85 -22.17 36.68
C ASP C 38 -5.86 -23.11 36.01
N HIS C 39 -6.28 -24.38 35.86
CA HIS C 39 -5.49 -25.41 35.21
C HIS C 39 -6.25 -26.07 34.09
N THR C 40 -7.40 -25.52 33.69
CA THR C 40 -8.22 -26.12 32.66
C THR C 40 -7.46 -26.19 31.35
N ASP C 41 -7.64 -27.29 30.63
CA ASP C 41 -7.13 -27.43 29.27
C ASP C 41 -8.00 -26.59 28.35
N LEU C 42 -7.50 -25.41 27.98
CA LEU C 42 -8.28 -24.50 27.14
C LEU C 42 -8.11 -24.78 25.66
N THR C 43 -7.46 -25.90 25.29
CA THR C 43 -7.48 -26.32 23.90
C THR C 43 -8.81 -26.94 23.50
N LYS C 44 -9.71 -27.16 24.45
CA LYS C 44 -11.00 -27.78 24.17
C LYS C 44 -12.07 -26.71 24.06
N VAL C 45 -12.93 -26.86 23.05
CA VAL C 45 -14.02 -25.92 22.82
C VAL C 45 -15.03 -26.02 23.95
N GLY C 46 -15.49 -24.87 24.44
CA GLY C 46 -16.40 -24.79 25.56
C GLY C 46 -15.72 -24.60 26.90
N ALA C 47 -14.46 -24.98 27.03
CA ALA C 47 -13.78 -24.91 28.33
C ALA C 47 -13.71 -23.49 28.84
N ALA C 48 -13.31 -22.54 27.98
CA ALA C 48 -13.05 -21.18 28.42
C ALA C 48 -14.29 -20.54 29.02
N GLU C 49 -15.44 -20.72 28.37
CA GLU C 49 -16.69 -20.14 28.89
C GLU C 49 -17.02 -20.71 30.26
N GLU C 50 -16.79 -22.01 30.48
CA GLU C 50 -17.06 -22.60 31.78
C GLU C 50 -16.13 -22.04 32.85
N VAL C 51 -14.84 -21.91 32.54
CA VAL C 51 -13.89 -21.37 33.51
C VAL C 51 -14.37 -20.00 34.00
N VAL C 52 -14.75 -19.14 33.05
CA VAL C 52 -15.14 -17.78 33.41
C VAL C 52 -16.44 -17.80 34.21
N GLU C 53 -17.35 -18.70 33.86
CA GLU C 53 -18.59 -18.82 34.64
C GLU C 53 -18.29 -19.24 36.07
N ARG C 54 -17.37 -20.18 36.26
CA ARG C 54 -16.97 -20.57 37.61
C ARG C 54 -16.29 -19.43 38.34
N ALA C 55 -15.47 -18.65 37.64
CA ALA C 55 -14.67 -17.63 38.30
C ALA C 55 -15.55 -16.51 38.84
N GLY C 56 -16.61 -16.16 38.13
CA GLY C 56 -17.47 -15.08 38.54
C GLY C 56 -16.91 -13.71 38.17
N HIS C 57 -16.75 -12.84 39.16
CA HIS C 57 -16.31 -11.47 38.90
C HIS C 57 -14.81 -11.45 38.71
N ILE C 58 -14.37 -11.05 37.52
CA ILE C 58 -12.96 -10.96 37.15
C ILE C 58 -12.65 -9.52 36.80
N ASP C 59 -11.57 -8.99 37.37
CA ASP C 59 -11.06 -7.68 36.98
C ASP C 59 -9.92 -7.76 35.97
N VAL C 60 -9.18 -8.87 35.98
CA VAL C 60 -7.95 -9.00 35.21
C VAL C 60 -7.84 -10.42 34.69
N LEU C 61 -7.48 -10.57 33.43
CA LEU C 61 -7.11 -11.85 32.83
C LEU C 61 -5.64 -11.82 32.51
N VAL C 62 -4.92 -12.84 32.95
CA VAL C 62 -3.51 -13.03 32.60
C VAL C 62 -3.47 -14.23 31.67
N ALA C 63 -3.31 -13.96 30.37
CA ALA C 63 -3.27 -15.00 29.36
C ALA C 63 -1.88 -15.62 29.39
N ASN C 64 -1.77 -16.78 30.03
CA ASN C 64 -0.50 -17.43 30.30
C ASN C 64 -0.48 -18.76 29.56
N PHE C 65 0.15 -18.76 28.38
CA PHE C 65 0.24 -19.94 27.53
C PHE C 65 1.68 -20.13 27.08
N ALA C 66 2.11 -21.39 27.02
CA ALA C 66 3.45 -21.67 26.53
C ALA C 66 3.45 -23.02 25.84
N VAL C 67 4.36 -23.16 24.89
CA VAL C 67 4.56 -24.40 24.16
C VAL C 67 6.04 -24.55 23.87
N ASP C 68 6.49 -25.80 23.83
CA ASP C 68 7.84 -26.12 23.37
C ASP C 68 8.17 -25.36 22.09
N ALA C 69 9.31 -24.66 22.11
CA ALA C 69 9.74 -23.92 20.93
C ALA C 69 10.54 -24.78 19.96
N HIS C 70 10.86 -26.01 20.34
CA HIS C 70 11.69 -26.91 19.53
C HIS C 70 12.91 -26.17 18.99
N PHE C 71 13.69 -25.65 19.93
CA PHE C 71 14.91 -24.91 19.57
C PHE C 71 15.80 -25.76 18.68
N GLY C 72 16.16 -25.21 17.52
CA GLY C 72 17.07 -25.86 16.62
C GLY C 72 16.42 -26.59 15.47
N VAL C 73 15.13 -26.92 15.58
CA VAL C 73 14.42 -27.57 14.49
C VAL C 73 14.29 -26.59 13.33
N THR C 74 14.60 -27.06 12.13
CA THR C 74 14.63 -26.18 10.97
C THR C 74 13.29 -26.21 10.24
N VAL C 75 13.18 -25.32 9.24
CA VAL C 75 11.93 -25.19 8.50
C VAL C 75 11.56 -26.49 7.81
N LEU C 76 12.56 -27.22 7.30
CA LEU C 76 12.28 -28.48 6.60
C LEU C 76 11.85 -29.58 7.56
N GLU C 77 12.28 -29.52 8.82
CA GLU C 77 11.91 -30.50 9.80
C GLU C 77 10.74 -30.04 10.68
N THR C 78 10.13 -28.90 10.37
CA THR C 78 8.94 -28.43 11.07
C THR C 78 7.73 -29.06 10.38
N ASP C 79 7.33 -30.23 10.86
CA ASP C 79 6.30 -30.99 10.18
C ASP C 79 4.92 -30.51 10.60
N GLU C 80 3.89 -31.10 9.99
CA GLU C 80 2.51 -30.66 10.18
C GLU C 80 2.14 -30.65 11.66
N GLU C 81 2.41 -31.76 12.35
CA GLU C 81 1.98 -31.92 13.73
C GLU C 81 2.65 -30.89 14.64
N LEU C 82 3.95 -30.70 14.50
CA LEU C 82 4.65 -29.70 15.29
C LEU C 82 4.07 -28.32 15.03
N TRP C 83 3.83 -27.99 13.76
CA TRP C 83 3.26 -26.70 13.41
C TRP C 83 1.87 -26.52 14.03
N GLN C 84 0.97 -27.47 13.81
CA GLN C 84 -0.38 -27.37 14.35
C GLN C 84 -0.37 -27.23 15.87
N THR C 85 0.49 -28.00 16.53
CA THR C 85 0.51 -28.01 18.00
C THR C 85 0.79 -26.63 18.57
N ALA C 86 1.67 -25.86 17.92
CA ALA C 86 2.00 -24.55 18.44
C ALA C 86 0.79 -23.63 18.42
N TYR C 87 -0.01 -23.71 17.36
CA TYR C 87 -1.20 -22.86 17.26
C TYR C 87 -2.29 -23.36 18.19
N GLU C 88 -2.47 -24.69 18.27
CA GLU C 88 -3.47 -25.24 19.19
C GLU C 88 -3.14 -24.92 20.63
N THR C 89 -1.86 -24.78 20.96
CA THR C 89 -1.47 -24.62 22.35
C THR C 89 -1.52 -23.17 22.83
N ILE C 90 -1.07 -22.20 22.02
CA ILE C 90 -0.95 -20.82 22.49
C ILE C 90 -1.72 -19.82 21.65
N VAL C 91 -2.27 -20.19 20.50
CA VAL C 91 -2.97 -19.20 19.67
C VAL C 91 -4.47 -19.35 19.84
N HIS C 92 -5.02 -20.47 19.41
CA HIS C 92 -6.47 -20.65 19.49
C HIS C 92 -7.00 -20.49 20.90
N PRO C 93 -6.34 -21.00 21.96
CA PRO C 93 -6.87 -20.78 23.31
C PRO C 93 -6.89 -19.32 23.72
N LEU C 94 -6.02 -18.48 23.16
CA LEU C 94 -5.98 -17.08 23.58
C LEU C 94 -7.27 -16.37 23.22
N HIS C 95 -7.79 -16.58 22.02
CA HIS C 95 -9.04 -15.94 21.64
C HIS C 95 -10.20 -16.48 22.45
N ARG C 96 -10.18 -17.78 22.78
CA ARG C 96 -11.32 -18.36 23.50
C ARG C 96 -11.48 -17.72 24.87
N ILE C 97 -10.38 -17.53 25.59
CA ILE C 97 -10.47 -17.05 26.96
C ILE C 97 -10.68 -15.54 27.01
N CYS C 98 -10.15 -14.79 26.03
CA CYS C 98 -10.43 -13.35 25.99
C CYS C 98 -11.88 -13.08 25.59
N ARG C 99 -12.40 -13.85 24.62
CA ARG C 99 -13.80 -13.70 24.22
C ARG C 99 -14.73 -14.04 25.38
N ALA C 100 -14.36 -15.03 26.19
CA ALA C 100 -15.17 -15.43 27.33
C ALA C 100 -15.20 -14.36 28.41
N VAL C 101 -14.13 -13.59 28.55
CA VAL C 101 -14.01 -12.62 29.63
C VAL C 101 -14.59 -11.26 29.25
N LEU C 102 -14.55 -10.90 27.97
CA LEU C 102 -14.89 -9.55 27.57
C LEU C 102 -16.32 -9.15 27.88
N PRO C 103 -17.32 -10.04 27.81
CA PRO C 103 -18.71 -9.60 28.07
C PRO C 103 -18.85 -8.87 29.39
N GLN C 104 -18.28 -9.42 30.47
CA GLN C 104 -18.41 -8.77 31.78
C GLN C 104 -17.57 -7.50 31.87
N PHE C 105 -16.45 -7.43 31.13
CA PHE C 105 -15.72 -6.17 31.04
C PHE C 105 -16.54 -5.10 30.35
N TYR C 106 -17.27 -5.50 29.30
CA TYR C 106 -18.07 -4.54 28.54
C TYR C 106 -19.24 -4.03 29.36
N GLU C 107 -19.86 -4.89 30.18
CA GLU C 107 -20.90 -4.41 31.10
C GLU C 107 -20.36 -3.32 32.01
N ARG C 108 -19.22 -3.57 32.67
CA ARG C 108 -18.66 -2.60 33.59
C ARG C 108 -17.88 -1.50 32.88
N ASN C 109 -17.55 -1.69 31.61
CA ASN C 109 -16.71 -0.72 30.90
C ASN C 109 -15.36 -0.58 31.61
N LYS C 110 -14.78 -1.72 31.99
CA LYS C 110 -13.50 -1.76 32.66
C LYS C 110 -12.96 -3.17 32.55
N GLY C 111 -11.67 -3.30 32.27
CA GLY C 111 -11.04 -4.61 32.24
C GLY C 111 -9.57 -4.50 31.91
N LYS C 112 -8.86 -5.57 32.24
CA LYS C 112 -7.43 -5.66 32.02
C LYS C 112 -7.12 -7.05 31.49
N ILE C 113 -6.39 -7.11 30.37
CA ILE C 113 -5.86 -8.36 29.84
C ILE C 113 -4.36 -8.18 29.66
N VAL C 114 -3.58 -9.07 30.26
CA VAL C 114 -2.12 -9.06 30.14
C VAL C 114 -1.73 -10.41 29.54
N VAL C 115 -1.01 -10.37 28.42
CA VAL C 115 -0.57 -11.57 27.72
C VAL C 115 0.92 -11.75 27.95
N TYR C 116 1.29 -12.93 28.44
CA TYR C 116 2.70 -13.33 28.51
C TYR C 116 3.09 -13.90 27.16
N GLY C 117 3.87 -13.14 26.39
CA GLY C 117 4.20 -13.53 25.04
C GLY C 117 5.67 -13.83 24.81
N SER C 118 6.25 -13.27 23.75
CA SER C 118 7.67 -13.51 23.49
C SER C 118 8.24 -12.40 22.62
N ALA C 119 9.52 -12.14 22.82
CA ALA C 119 10.23 -11.24 21.92
C ALA C 119 10.52 -11.87 20.57
N ALA C 120 10.35 -13.19 20.42
CA ALA C 120 10.36 -13.79 19.10
C ALA C 120 9.16 -13.37 18.27
N ALA C 121 8.19 -12.70 18.88
CA ALA C 121 7.12 -12.03 18.16
C ALA C 121 7.53 -10.65 17.65
N MET C 122 8.72 -10.18 18.04
CA MET C 122 9.21 -8.87 17.62
C MET C 122 10.37 -8.97 16.64
N ARG C 123 11.25 -9.94 16.82
CA ARG C 123 12.47 -10.04 16.04
C ARG C 123 12.82 -11.51 15.84
N TYR C 124 13.68 -11.74 14.84
CA TYR C 124 14.13 -13.09 14.50
C TYR C 124 14.79 -13.76 15.69
N GLN C 125 14.28 -14.91 16.09
CA GLN C 125 14.93 -15.78 17.04
C GLN C 125 15.31 -17.07 16.32
N GLU C 126 16.61 -17.36 16.29
CA GLU C 126 17.15 -18.53 15.61
C GLU C 126 16.42 -19.80 16.02
N GLY C 127 16.14 -20.65 15.05
CA GLY C 127 15.71 -22.02 15.30
C GLY C 127 14.45 -22.17 16.12
N ALA C 128 13.44 -21.34 15.86
CA ALA C 128 12.18 -21.41 16.61
C ALA C 128 11.03 -21.01 15.70
N LEU C 129 10.90 -21.69 14.55
CA LEU C 129 10.05 -21.20 13.48
C LEU C 129 8.57 -21.28 13.81
N ALA C 130 8.02 -22.49 13.94
CA ALA C 130 6.59 -22.62 14.22
C ALA C 130 6.21 -21.79 15.44
N TYR C 131 6.99 -21.91 16.51
CA TYR C 131 6.73 -21.19 17.74
C TYR C 131 6.75 -19.68 17.53
N SER C 132 7.74 -19.18 16.78
CA SER C 132 7.81 -17.75 16.50
C SER C 132 6.52 -17.25 15.85
N THR C 133 6.05 -17.95 14.81
CA THR C 133 4.86 -17.50 14.10
C THR C 133 3.63 -17.54 15.01
N ALA C 134 3.60 -18.47 15.97
CA ALA C 134 2.46 -18.52 16.87
C ALA C 134 2.47 -17.35 17.84
N ARG C 135 3.65 -16.92 18.27
CA ARG C 135 3.74 -15.75 19.12
C ARG C 135 3.41 -14.47 18.36
N PHE C 136 3.83 -14.38 17.09
CA PHE C 136 3.39 -13.28 16.24
C PHE C 136 1.87 -13.21 16.19
N ALA C 137 1.22 -14.36 16.06
CA ALA C 137 -0.24 -14.38 16.08
C ALA C 137 -0.78 -13.82 17.39
N GLN C 138 -0.20 -14.24 18.53
CA GLN C 138 -0.59 -13.66 19.81
C GLN C 138 -0.42 -12.16 19.81
N ARG C 139 0.71 -11.68 19.28
CA ARG C 139 0.98 -10.25 19.22
C ARG C 139 -0.07 -9.54 18.36
N GLY C 140 -0.46 -10.16 17.25
CA GLY C 140 -1.47 -9.55 16.40
C GLY C 140 -2.81 -9.49 17.08
N TYR C 141 -3.14 -10.53 17.85
CA TYR C 141 -4.39 -10.52 18.60
C TYR C 141 -4.43 -9.35 19.57
N VAL C 142 -3.33 -9.11 20.29
CA VAL C 142 -3.28 -7.94 21.17
C VAL C 142 -3.35 -6.67 20.34
N THR C 143 -2.65 -6.63 19.20
CA THR C 143 -2.62 -5.42 18.38
C THR C 143 -3.99 -5.10 17.79
N ALA C 144 -4.75 -6.15 17.40
CA ALA C 144 -6.04 -5.97 16.78
C ALA C 144 -7.16 -5.80 17.81
N LEU C 145 -7.14 -6.61 18.88
CA LEU C 145 -8.16 -6.48 19.90
C LEU C 145 -7.98 -5.21 20.73
N GLY C 146 -6.73 -4.86 21.05
CA GLY C 146 -6.45 -3.78 21.96
C GLY C 146 -7.32 -2.57 21.73
N PRO C 147 -7.23 -1.96 20.55
CA PRO C 147 -7.99 -0.73 20.29
C PRO C 147 -9.50 -0.93 20.21
N GLU C 148 -9.95 -2.13 19.81
CA GLU C 148 -11.39 -2.42 19.85
C GLU C 148 -11.88 -2.51 21.29
N ALA C 149 -11.10 -3.15 22.17
CA ALA C 149 -11.49 -3.24 23.57
C ALA C 149 -11.32 -1.90 24.28
N ALA C 150 -10.42 -1.04 23.80
CA ALA C 150 -10.18 0.23 24.46
C ALA C 150 -11.38 1.18 24.34
N ARG C 151 -12.23 0.99 23.33
CA ARG C 151 -13.47 1.75 23.26
C ARG C 151 -14.32 1.52 24.50
N HIS C 152 -14.25 0.32 25.08
CA HIS C 152 -14.94 0.00 26.33
C HIS C 152 -14.03 0.17 27.54
N ASN C 153 -12.93 0.90 27.40
CA ASN C 153 -12.03 1.20 28.52
C ASN C 153 -11.45 -0.09 29.11
N VAL C 154 -11.08 -1.01 28.22
CA VAL C 154 -10.42 -2.27 28.57
C VAL C 154 -9.02 -2.21 27.99
N ASN C 155 -8.03 -2.58 28.80
CA ASN C 155 -6.63 -2.63 28.35
C ASN C 155 -6.24 -4.07 27.99
N VAL C 156 -5.67 -4.23 26.80
CA VAL C 156 -5.08 -5.50 26.36
C VAL C 156 -3.64 -5.21 25.94
N ASN C 157 -2.68 -5.87 26.57
CA ASN C 157 -1.27 -5.64 26.27
C ASN C 157 -0.49 -6.94 26.26
N PHE C 158 0.68 -6.88 25.61
CA PHE C 158 1.51 -8.03 25.28
C PHE C 158 2.90 -7.84 25.87
N ILE C 159 3.35 -8.81 26.67
CA ILE C 159 4.70 -8.79 27.23
C ILE C 159 5.58 -9.64 26.33
N ALA C 160 6.44 -8.99 25.55
CA ALA C 160 7.30 -9.68 24.59
C ALA C 160 8.60 -10.04 25.29
N GLN C 161 8.57 -11.17 26.00
CA GLN C 161 9.65 -11.53 26.91
C GLN C 161 10.64 -12.48 26.23
N HIS C 162 11.84 -12.53 26.83
CA HIS C 162 12.94 -13.37 26.38
C HIS C 162 13.97 -13.37 27.50
N TRP C 163 14.83 -14.39 27.51
CA TRP C 163 15.90 -14.51 28.48
C TRP C 163 15.35 -14.35 29.90
N THR C 164 14.27 -15.08 30.16
CA THR C 164 13.52 -14.99 31.40
C THR C 164 13.36 -16.40 31.93
N GLN C 165 13.60 -16.57 33.23
CA GLN C 165 13.66 -17.92 33.79
C GLN C 165 12.27 -18.56 33.82
N ASN C 166 12.20 -19.80 33.38
CA ASN C 166 10.97 -20.59 33.28
C ASN C 166 11.36 -21.97 32.79
N LYS C 167 10.46 -22.93 33.00
CA LYS C 167 10.78 -24.32 32.67
C LYS C 167 10.79 -24.57 31.17
N GLU C 168 9.96 -23.85 30.41
CA GLU C 168 9.76 -24.17 29.00
C GLU C 168 10.92 -23.71 28.12
N TYR C 169 11.53 -22.58 28.45
CA TYR C 169 12.51 -21.95 27.58
C TYR C 169 13.87 -21.74 28.20
N PHE C 170 13.95 -21.58 29.52
CA PHE C 170 15.22 -21.30 30.20
C PHE C 170 15.29 -22.09 31.50
N TRP C 171 15.24 -23.41 31.37
CA TRP C 171 15.21 -24.30 32.54
C TRP C 171 16.62 -24.43 33.14
N PRO C 172 16.71 -24.64 34.46
CA PRO C 172 18.02 -24.54 35.14
C PRO C 172 19.17 -25.26 34.45
N GLU C 173 18.93 -26.46 33.91
CA GLU C 173 20.02 -27.20 33.26
C GLU C 173 20.56 -26.43 32.07
N ARG C 174 19.67 -25.97 31.19
CA ARG C 174 20.09 -25.30 29.97
C ARG C 174 20.88 -24.03 30.28
N ILE C 175 20.53 -23.31 31.34
CA ILE C 175 21.16 -22.03 31.61
C ILE C 175 22.36 -22.15 32.54
N ALA C 176 22.71 -23.37 32.97
CA ALA C 176 23.81 -23.57 33.91
C ALA C 176 25.14 -23.82 33.23
N THR C 177 25.14 -24.11 31.92
CA THR C 177 26.37 -24.40 31.21
C THR C 177 27.12 -23.11 30.87
N ASP C 178 28.43 -23.25 30.69
CA ASP C 178 29.25 -22.10 30.33
C ASP C 178 28.96 -21.64 28.90
N GLU C 179 28.62 -22.57 28.01
CA GLU C 179 28.29 -22.19 26.64
C GLU C 179 27.06 -21.29 26.61
N PHE C 180 26.00 -21.68 27.32
CA PHE C 180 24.80 -20.85 27.36
C PHE C 180 25.14 -19.44 27.84
N LYS C 181 25.92 -19.35 28.92
CA LYS C 181 26.21 -18.04 29.52
C LYS C 181 26.99 -17.16 28.56
N GLU C 182 27.90 -17.74 27.78
CA GLU C 182 28.68 -16.94 26.84
C GLU C 182 27.83 -16.42 25.70
N ASP C 183 26.94 -17.27 25.16
CA ASP C 183 26.03 -16.82 24.11
C ASP C 183 25.11 -15.73 24.64
N MET C 184 24.54 -15.95 25.82
CA MET C 184 23.67 -14.96 26.43
C MET C 184 24.40 -13.64 26.61
N ALA C 185 25.66 -13.69 27.06
CA ALA C 185 26.42 -12.46 27.28
C ALA C 185 26.62 -11.69 25.98
N ARG C 186 26.70 -12.40 24.85
CA ARG C 186 26.86 -11.74 23.56
C ARG C 186 25.55 -11.09 23.10
N ARG C 187 24.42 -11.76 23.33
CA ARG C 187 23.16 -11.37 22.71
C ARG C 187 22.31 -10.47 23.59
N VAL C 188 22.58 -10.40 24.89
CA VAL C 188 21.74 -9.67 25.84
C VAL C 188 22.53 -8.50 26.43
N PRO C 189 22.25 -7.26 26.06
CA PRO C 189 23.08 -6.16 26.58
C PRO C 189 23.15 -6.12 28.10
N LEU C 190 22.06 -6.40 28.81
CA LEU C 190 22.12 -6.37 30.27
C LEU C 190 22.99 -7.50 30.82
N GLY C 191 23.22 -8.55 30.05
CA GLY C 191 24.16 -9.57 30.46
C GLY C 191 23.69 -10.49 31.56
N ARG C 192 22.38 -10.65 31.74
CA ARG C 192 21.87 -11.67 32.65
C ARG C 192 20.48 -12.07 32.22
N LEU C 193 19.99 -13.16 32.79
CA LEU C 193 18.58 -13.52 32.67
C LEU C 193 17.76 -12.67 33.63
N ALA C 194 16.48 -12.56 33.33
CA ALA C 194 15.54 -11.96 34.26
C ALA C 194 14.98 -13.04 35.19
N THR C 195 14.61 -12.63 36.39
CA THR C 195 13.87 -13.53 37.26
C THR C 195 12.40 -13.55 36.85
N ALA C 196 11.75 -14.69 37.11
CA ALA C 196 10.31 -14.76 36.88
C ALA C 196 9.59 -13.62 37.59
N ARG C 197 10.07 -13.25 38.77
CA ARG C 197 9.43 -12.21 39.55
C ARG C 197 9.50 -10.86 38.84
N GLU C 198 10.64 -10.56 38.21
CA GLU C 198 10.75 -9.31 37.47
C GLU C 198 9.75 -9.24 36.32
N ASP C 199 9.49 -10.39 35.68
CA ASP C 199 8.49 -10.44 34.63
C ASP C 199 7.11 -10.14 35.20
N ALA C 200 6.78 -10.75 36.34
CA ALA C 200 5.49 -10.53 36.96
C ALA C 200 5.31 -9.10 37.46
N LEU C 201 6.41 -8.39 37.75
CA LEU C 201 6.29 -7.00 38.17
C LEU C 201 5.91 -6.10 37.00
N LEU C 202 6.25 -6.49 35.77
CA LEU C 202 5.74 -5.78 34.61
C LEU C 202 4.27 -6.12 34.37
N ALA C 203 3.91 -7.40 34.44
CA ALA C 203 2.51 -7.77 34.40
C ALA C 203 1.71 -6.98 35.43
N LEU C 204 2.22 -6.91 36.66
CA LEU C 204 1.55 -6.17 37.72
C LEU C 204 1.23 -4.75 37.27
N PHE C 205 2.24 -4.03 36.79
CA PHE C 205 2.01 -2.69 36.27
C PHE C 205 0.90 -2.69 35.22
N LEU C 206 0.96 -3.64 34.27
CA LEU C 206 -0.02 -3.68 33.19
C LEU C 206 -1.38 -4.17 33.66
N ALA C 207 -1.44 -4.93 34.75
CA ALA C 207 -2.71 -5.34 35.34
C ALA C 207 -3.32 -4.27 36.23
N SER C 208 -2.54 -3.27 36.63
CA SER C 208 -2.99 -2.30 37.62
C SER C 208 -3.67 -1.12 36.95
N ASP C 209 -4.36 -0.32 37.76
CA ASP C 209 -5.04 0.86 37.25
C ASP C 209 -4.07 2.03 37.06
N GLU C 210 -2.78 1.81 37.26
CA GLU C 210 -1.76 2.78 36.89
C GLU C 210 -1.44 2.79 35.40
N SER C 211 -1.96 1.82 34.63
CA SER C 211 -1.59 1.62 33.24
C SER C 211 -2.78 1.71 32.29
N ASP C 212 -3.79 2.50 32.65
CA ASP C 212 -5.03 2.55 31.86
C ASP C 212 -4.85 3.19 30.49
N PHE C 213 -3.78 3.96 30.27
CA PHE C 213 -3.55 4.61 28.99
C PHE C 213 -2.74 3.77 28.02
N ILE C 214 -2.38 2.54 28.40
CA ILE C 214 -1.56 1.66 27.58
C ILE C 214 -2.48 0.68 26.86
N VAL C 215 -2.49 0.72 25.53
CA VAL C 215 -3.54 0.12 24.71
C VAL C 215 -2.90 -0.68 23.57
N GLY C 216 -3.06 -2.00 23.61
CA GLY C 216 -2.64 -2.86 22.50
C GLY C 216 -1.15 -2.85 22.24
N LYS C 217 -0.34 -2.59 23.24
CA LYS C 217 1.09 -2.39 23.04
C LYS C 217 1.87 -3.67 23.30
N SER C 218 3.01 -3.78 22.63
CA SER C 218 3.99 -4.85 22.85
C SER C 218 5.18 -4.24 23.57
N ILE C 219 5.40 -4.66 24.81
CA ILE C 219 6.50 -4.15 25.63
C ILE C 219 7.58 -5.22 25.67
N GLU C 220 8.77 -4.86 25.16
CA GLU C 220 9.87 -5.80 25.04
C GLU C 220 10.54 -5.99 26.40
N PHE C 221 10.54 -7.22 26.89
CA PHE C 221 11.08 -7.58 28.19
C PHE C 221 12.21 -8.57 27.96
N ASP C 222 13.38 -8.04 27.54
CA ASP C 222 14.40 -8.89 26.95
C ASP C 222 15.84 -8.44 27.21
N GLY C 223 16.10 -7.64 28.24
CA GLY C 223 17.46 -7.24 28.55
C GLY C 223 18.11 -6.41 27.47
N GLY C 224 17.32 -5.93 26.51
CA GLY C 224 17.82 -5.17 25.38
C GLY C 224 18.11 -6.00 24.14
N TRP C 225 17.77 -7.29 24.17
CA TRP C 225 18.06 -8.20 23.07
C TRP C 225 17.52 -7.68 21.74
N ALA C 226 16.25 -7.28 21.72
CA ALA C 226 15.61 -6.82 20.48
C ALA C 226 15.87 -5.35 20.19
N THR C 227 16.53 -4.62 21.08
CA THR C 227 16.71 -3.19 20.89
C THR C 227 17.63 -2.93 19.70
N GLY D 4 7.20 2.29 49.99
CA GLY D 4 7.68 3.31 49.06
C GLY D 4 8.53 2.73 47.94
N ARG D 5 8.07 2.88 46.71
CA ARG D 5 8.71 2.24 45.57
C ARG D 5 9.99 2.94 45.14
N LEU D 6 10.17 4.21 45.51
CA LEU D 6 11.44 4.93 45.32
C LEU D 6 12.04 5.34 46.66
N ALA D 7 11.91 4.48 47.67
CA ALA D 7 12.41 4.79 48.99
C ALA D 7 13.93 4.91 48.99
N GLY D 8 14.44 6.02 49.51
CA GLY D 8 15.86 6.26 49.59
C GLY D 8 16.49 6.88 48.37
N LYS D 9 15.77 6.95 47.25
CA LYS D 9 16.36 7.38 45.98
C LYS D 9 16.38 8.89 45.86
N ARG D 10 17.38 9.39 45.15
CA ARG D 10 17.48 10.78 44.77
C ARG D 10 17.25 10.87 43.26
N VAL D 11 16.46 11.85 42.84
CA VAL D 11 16.05 11.97 41.45
C VAL D 11 16.36 13.37 40.95
N LEU D 12 17.06 13.44 39.84
CA LEU D 12 17.29 14.70 39.15
C LEU D 12 16.26 14.86 38.05
N LEU D 13 15.48 15.92 38.12
CA LEU D 13 14.43 16.21 37.15
C LEU D 13 14.80 17.49 36.41
N THR D 14 14.84 17.42 35.09
CA THR D 14 15.18 18.58 34.29
C THR D 14 13.92 19.37 33.97
N ASN D 15 14.09 20.69 33.83
CA ASN D 15 13.00 21.62 33.55
C ASN D 15 11.74 21.25 34.32
N ALA D 16 11.89 21.24 35.65
CA ALA D 16 10.86 20.75 36.55
C ALA D 16 9.53 21.48 36.39
N ASP D 17 9.54 22.72 35.90
CA ASP D 17 8.31 23.48 35.73
C ASP D 17 7.67 23.27 34.38
N ALA D 18 8.41 22.76 33.40
CA ALA D 18 7.88 22.56 32.05
C ALA D 18 7.38 21.13 31.86
N TYR D 19 6.59 20.96 30.80
CA TYR D 19 6.19 19.65 30.32
C TYR D 19 5.60 18.77 31.42
N MET D 20 6.25 17.65 31.75
CA MET D 20 5.71 16.67 32.69
C MET D 20 6.34 16.78 34.08
N GLY D 21 7.03 17.87 34.38
CA GLY D 21 7.76 17.95 35.65
C GLY D 21 6.85 17.92 36.86
N GLU D 22 5.77 18.72 36.83
CA GLU D 22 4.90 18.83 37.99
C GLU D 22 4.42 17.47 38.46
N ALA D 23 3.85 16.68 37.54
CA ALA D 23 3.33 15.37 37.93
C ALA D 23 4.45 14.44 38.37
N THR D 24 5.68 14.65 37.86
CA THR D 24 6.80 13.81 38.28
C THR D 24 7.14 14.04 39.74
N VAL D 25 7.29 15.30 40.14
CA VAL D 25 7.52 15.63 41.54
C VAL D 25 6.44 14.98 42.40
N GLN D 26 5.18 15.25 42.08
CA GLN D 26 4.06 14.74 42.86
C GLN D 26 4.16 13.23 43.08
N VAL D 27 4.27 12.47 41.99
CA VAL D 27 4.20 11.01 42.11
C VAL D 27 5.50 10.46 42.70
N PHE D 28 6.65 11.01 42.31
CA PHE D 28 7.92 10.49 42.80
C PHE D 28 8.10 10.79 44.28
N GLU D 29 7.68 11.98 44.72
CA GLU D 29 7.78 12.29 46.15
C GLU D 29 6.83 11.43 46.98
N GLU D 30 5.63 11.15 46.47
CA GLU D 30 4.72 10.26 47.18
C GLU D 30 5.33 8.88 47.41
N GLU D 31 6.16 8.41 46.48
CA GLU D 31 6.77 7.10 46.62
C GLU D 31 8.12 7.15 47.33
N GLY D 32 8.44 8.27 47.97
CA GLY D 32 9.53 8.32 48.92
C GLY D 32 10.86 8.79 48.39
N ALA D 33 10.87 9.52 47.27
CA ALA D 33 12.11 9.96 46.66
C ALA D 33 12.36 11.43 46.95
N GLU D 34 13.63 11.77 47.08
CA GLU D 34 14.04 13.17 47.02
C GLU D 34 14.18 13.54 45.55
N VAL D 35 13.47 14.58 45.14
CA VAL D 35 13.46 15.02 43.75
C VAL D 35 14.16 16.37 43.69
N ILE D 36 15.35 16.38 43.10
CA ILE D 36 16.06 17.61 42.80
C ILE D 36 15.35 18.21 41.60
N ALA D 37 14.53 19.23 41.84
CA ALA D 37 13.69 19.82 40.80
C ALA D 37 14.46 20.99 40.18
N ASP D 38 15.12 20.72 39.07
CA ASP D 38 16.04 21.68 38.47
C ASP D 38 15.35 22.54 37.43
N HIS D 39 15.82 23.78 37.31
CA HIS D 39 15.29 24.74 36.34
C HIS D 39 16.40 25.32 35.48
N THR D 40 17.57 24.70 35.45
CA THR D 40 18.69 25.20 34.67
C THR D 40 18.38 25.11 33.18
N ASP D 41 18.94 26.06 32.43
CA ASP D 41 18.83 26.07 30.97
C ASP D 41 19.97 25.21 30.42
N LEU D 42 19.69 23.93 30.20
CA LEU D 42 20.71 23.00 29.73
C LEU D 42 21.08 23.22 28.27
N THR D 43 20.54 24.26 27.64
CA THR D 43 20.96 24.66 26.30
C THR D 43 22.40 25.17 26.27
N LYS D 44 22.96 25.57 27.42
CA LYS D 44 24.26 26.21 27.47
C LYS D 44 25.33 25.18 27.81
N VAL D 45 26.41 25.17 27.03
CA VAL D 45 27.51 24.23 27.29
C VAL D 45 28.02 24.43 28.71
N GLY D 46 28.20 23.33 29.42
CA GLY D 46 28.75 23.33 30.75
C GLY D 46 27.72 23.30 31.85
N ALA D 47 26.51 23.78 31.58
CA ALA D 47 25.46 23.79 32.61
C ALA D 47 25.15 22.38 33.09
N ALA D 48 25.07 21.43 32.15
CA ALA D 48 24.70 20.06 32.51
C ALA D 48 25.65 19.49 33.55
N GLU D 49 26.95 19.65 33.34
CA GLU D 49 27.93 19.09 34.26
C GLU D 49 27.81 19.71 35.65
N GLU D 50 27.46 20.99 35.72
CA GLU D 50 27.43 21.67 37.01
C GLU D 50 26.15 21.38 37.78
N VAL D 51 25.01 21.19 37.10
CA VAL D 51 23.83 20.68 37.80
C VAL D 51 24.16 19.40 38.52
N VAL D 52 24.94 18.53 37.87
CA VAL D 52 25.17 17.20 38.42
C VAL D 52 26.16 17.25 39.57
N GLU D 53 27.21 18.06 39.45
CA GLU D 53 28.14 18.22 40.58
C GLU D 53 27.40 18.71 41.81
N ARG D 54 26.58 19.76 41.64
CA ARG D 54 25.83 20.31 42.76
C ARG D 54 24.80 19.31 43.29
N ALA D 55 24.12 18.60 42.40
CA ALA D 55 23.12 17.62 42.81
C ALA D 55 23.73 16.55 43.73
N GLY D 56 24.97 16.17 43.47
CA GLY D 56 25.58 15.09 44.24
C GLY D 56 25.12 13.74 43.75
N HIS D 57 24.73 12.89 44.71
CA HIS D 57 24.31 11.53 44.39
C HIS D 57 23.00 11.56 43.60
N ILE D 58 22.94 10.81 42.50
CA ILE D 58 21.74 10.67 41.69
C ILE D 58 21.55 9.19 41.40
N ASP D 59 20.38 8.66 41.77
CA ASP D 59 19.99 7.31 41.38
C ASP D 59 19.18 7.29 40.09
N VAL D 60 18.55 8.41 39.74
CA VAL D 60 17.59 8.46 38.64
C VAL D 60 17.70 9.82 37.98
N LEU D 61 17.77 9.83 36.66
CA LEU D 61 17.65 11.04 35.88
C LEU D 61 16.34 10.95 35.10
N VAL D 62 15.49 11.94 35.28
CA VAL D 62 14.29 12.09 34.46
C VAL D 62 14.57 13.22 33.48
N ALA D 63 14.79 12.86 32.22
CA ALA D 63 15.14 13.84 31.19
C ALA D 63 13.84 14.38 30.59
N ASN D 64 13.45 15.55 31.06
CA ASN D 64 12.15 16.15 30.76
C ASN D 64 12.40 17.42 29.94
N PHE D 65 12.20 17.31 28.62
CA PHE D 65 12.42 18.40 27.69
C PHE D 65 11.20 18.59 26.80
N ALA D 66 10.95 19.84 26.41
CA ALA D 66 9.82 20.16 25.55
C ALA D 66 10.12 21.40 24.73
N VAL D 67 9.56 21.44 23.53
CA VAL D 67 9.62 22.61 22.65
C VAL D 67 8.28 22.72 21.94
N ASP D 68 7.94 23.96 21.55
CA ASP D 68 6.71 24.17 20.79
C ASP D 68 6.71 23.31 19.54
N ALA D 69 5.64 22.53 19.35
CA ALA D 69 5.53 21.70 18.16
C ALA D 69 5.24 22.52 16.92
N HIS D 70 4.75 23.75 17.06
CA HIS D 70 4.36 24.59 15.93
C HIS D 70 3.34 23.85 15.06
N PHE D 71 2.29 23.35 15.71
CA PHE D 71 1.24 22.61 15.01
C PHE D 71 0.75 23.38 13.78
N GLY D 72 0.52 22.64 12.71
CA GLY D 72 0.04 23.21 11.47
C GLY D 72 1.10 23.78 10.55
N VAL D 73 2.30 24.07 11.06
CA VAL D 73 3.34 24.65 10.21
C VAL D 73 3.84 23.59 9.24
N THR D 74 3.80 23.92 7.96
CA THR D 74 4.16 22.96 6.92
C THR D 74 5.66 22.95 6.68
N VAL D 75 6.08 22.03 5.81
CA VAL D 75 7.50 21.85 5.51
C VAL D 75 8.09 23.12 4.90
N LEU D 76 7.35 23.77 3.99
CA LEU D 76 7.87 24.98 3.35
C LEU D 76 7.93 26.15 4.32
N GLU D 77 7.06 26.17 5.32
CA GLU D 77 7.06 27.21 6.34
C GLU D 77 7.95 26.87 7.54
N THR D 78 8.71 25.77 7.47
CA THR D 78 9.61 25.38 8.56
C THR D 78 10.98 25.98 8.28
N ASP D 79 11.19 27.19 8.76
CA ASP D 79 12.39 27.94 8.43
C ASP D 79 13.57 27.44 9.27
N GLU D 80 14.75 27.98 8.93
CA GLU D 80 15.99 27.55 9.56
C GLU D 80 15.93 27.74 11.07
N GLU D 81 15.46 28.91 11.52
CA GLU D 81 15.40 29.17 12.96
C GLU D 81 14.50 28.16 13.65
N LEU D 82 13.29 27.95 13.12
CA LEU D 82 12.36 27.01 13.73
C LEU D 82 12.98 25.62 13.80
N TRP D 83 13.59 25.17 12.70
CA TRP D 83 14.22 23.86 12.68
C TRP D 83 15.32 23.75 13.73
N GLN D 84 16.26 24.71 13.75
CA GLN D 84 17.37 24.65 14.69
C GLN D 84 16.89 24.68 16.14
N THR D 85 15.90 25.51 16.43
CA THR D 85 15.42 25.63 17.80
C THR D 85 14.93 24.30 18.33
N ALA D 86 14.26 23.50 17.49
CA ALA D 86 13.80 22.19 17.94
C ALA D 86 14.95 21.33 18.43
N TYR D 87 16.07 21.32 17.71
CA TYR D 87 17.20 20.50 18.11
C TYR D 87 17.94 21.13 19.28
N GLU D 88 18.11 22.45 19.27
CA GLU D 88 18.82 23.10 20.37
C GLU D 88 18.06 22.94 21.68
N THR D 89 16.73 22.77 21.63
CA THR D 89 15.94 22.75 22.85
C THR D 89 15.78 21.36 23.46
N ILE D 90 15.59 20.31 22.66
CA ILE D 90 15.28 18.99 23.21
C ILE D 90 16.25 17.89 22.78
N VAL D 91 17.11 18.11 21.78
CA VAL D 91 18.01 17.04 21.34
C VAL D 91 19.38 17.20 21.98
N HIS D 92 20.09 18.28 21.64
CA HIS D 92 21.44 18.47 22.15
C HIS D 92 21.49 18.43 23.68
N PRO D 93 20.59 19.08 24.41
CA PRO D 93 20.68 19.05 25.88
C PRO D 93 20.49 17.66 26.45
N LEU D 94 19.75 16.78 25.76
CA LEU D 94 19.52 15.43 26.29
C LEU D 94 20.83 14.67 26.44
N HIS D 95 21.71 14.75 25.43
CA HIS D 95 22.98 14.06 25.50
C HIS D 95 23.91 14.70 26.54
N ARG D 96 23.86 16.03 26.66
CA ARG D 96 24.70 16.71 27.64
C ARG D 96 24.41 16.21 29.04
N ILE D 97 23.12 16.11 29.39
CA ILE D 97 22.78 15.78 30.76
C ILE D 97 22.95 14.29 31.03
N CYS D 98 22.67 13.43 30.05
CA CYS D 98 22.90 12.01 30.25
C CYS D 98 24.39 11.70 30.33
N ARG D 99 25.20 12.37 29.52
CA ARG D 99 26.65 12.20 29.62
C ARG D 99 27.17 12.61 31.00
N ALA D 100 26.50 13.58 31.63
CA ALA D 100 26.98 14.10 32.90
C ALA D 100 26.69 13.18 34.08
N VAL D 101 25.55 12.47 34.07
CA VAL D 101 25.23 11.58 35.20
C VAL D 101 25.84 10.19 35.04
N LEU D 102 26.11 9.74 33.82
CA LEU D 102 26.56 8.38 33.62
C LEU D 102 27.83 8.01 34.39
N PRO D 103 28.77 8.93 34.63
CA PRO D 103 29.99 8.53 35.37
C PRO D 103 29.69 7.93 36.74
N GLN D 104 28.81 8.53 37.54
CA GLN D 104 28.51 7.94 38.84
C GLN D 104 27.74 6.64 38.67
N PHE D 105 26.87 6.55 37.66
CA PHE D 105 26.22 5.27 37.36
C PHE D 105 27.24 4.18 37.09
N TYR D 106 28.29 4.49 36.32
CA TYR D 106 29.26 3.47 35.93
C TYR D 106 30.13 3.04 37.10
N GLU D 107 30.41 3.95 38.05
CA GLU D 107 31.13 3.56 39.25
C GLU D 107 30.32 2.54 40.05
N ARG D 108 29.02 2.81 40.24
CA ARG D 108 28.18 1.94 41.04
C ARG D 108 27.64 0.73 40.27
N ASN D 109 27.73 0.73 38.95
CA ASN D 109 27.09 -0.30 38.14
C ASN D 109 25.59 -0.34 38.43
N LYS D 110 24.97 0.84 38.37
CA LYS D 110 23.54 0.99 38.56
C LYS D 110 23.15 2.40 38.16
N GLY D 111 22.00 2.52 37.51
CA GLY D 111 21.53 3.82 37.07
C GLY D 111 20.15 3.67 36.44
N LYS D 112 19.44 4.80 36.40
CA LYS D 112 18.12 4.87 35.78
C LYS D 112 18.00 6.17 35.02
N ILE D 113 17.60 6.08 33.76
CA ILE D 113 17.28 7.26 32.94
C ILE D 113 15.91 7.06 32.32
N VAL D 114 15.04 8.06 32.49
CA VAL D 114 13.71 8.07 31.90
C VAL D 114 13.61 9.33 31.04
N VAL D 115 13.27 9.16 29.77
CA VAL D 115 13.10 10.27 28.85
C VAL D 115 11.61 10.41 28.55
N TYR D 116 11.07 11.59 28.86
CA TYR D 116 9.71 11.94 28.44
C TYR D 116 9.75 12.35 26.96
N GLY D 117 9.28 11.47 26.09
CA GLY D 117 9.43 11.68 24.65
C GLY D 117 8.14 12.02 23.93
N SER D 118 7.87 11.32 22.83
CA SER D 118 6.68 11.59 22.03
C SER D 118 6.37 10.39 21.16
N ALA D 119 5.07 10.09 21.03
CA ALA D 119 4.62 9.12 20.03
C ALA D 119 4.83 9.62 18.62
N ALA D 120 5.00 10.93 18.45
CA ALA D 120 5.42 11.47 17.16
C ALA D 120 6.79 10.93 16.74
N ALA D 121 7.56 10.39 17.69
CA ALA D 121 8.79 9.69 17.38
C ALA D 121 8.56 8.27 16.88
N MET D 122 7.33 7.77 16.99
CA MET D 122 6.99 6.42 16.55
C MET D 122 6.25 6.41 15.22
N ARG D 123 5.32 7.34 15.04
CA ARG D 123 4.52 7.35 13.82
C ARG D 123 4.17 8.78 13.46
N TYR D 124 3.65 8.94 12.26
CA TYR D 124 3.41 10.26 11.69
C TYR D 124 2.38 11.03 12.49
N GLN D 125 2.75 12.23 12.94
CA GLN D 125 1.84 13.20 13.52
C GLN D 125 1.76 14.42 12.60
N GLU D 126 0.58 14.66 12.04
CA GLU D 126 0.35 15.77 11.13
C GLU D 126 0.82 17.10 11.71
N GLY D 127 1.37 17.94 10.84
CA GLY D 127 1.68 19.33 11.16
C GLY D 127 2.63 19.54 12.32
N ALA D 128 3.71 18.78 12.38
CA ALA D 128 4.66 18.87 13.49
C ALA D 128 6.05 18.43 13.03
N LEU D 129 6.47 18.93 11.87
CA LEU D 129 7.61 18.34 11.17
C LEU D 129 8.90 18.44 11.97
N ALA D 130 9.44 19.65 12.11
CA ALA D 130 10.69 19.83 12.84
C ALA D 130 10.65 19.11 14.18
N TYR D 131 9.62 19.41 14.97
CA TYR D 131 9.45 18.78 16.26
C TYR D 131 9.52 17.26 16.20
N SER D 132 8.84 16.65 15.21
CA SER D 132 8.81 15.19 15.12
C SER D 132 10.21 14.63 14.88
N THR D 133 10.97 15.23 13.97
CA THR D 133 12.34 14.78 13.73
C THR D 133 13.18 14.90 14.99
N ALA D 134 12.93 15.94 15.80
CA ALA D 134 13.67 16.11 17.05
C ALA D 134 13.33 15.01 18.04
N ARG D 135 12.04 14.69 18.18
CA ARG D 135 11.67 13.57 19.05
C ARG D 135 12.26 12.27 18.52
N PHE D 136 12.37 12.13 17.19
CA PHE D 136 13.01 10.95 16.63
C PHE D 136 14.48 10.87 17.05
N ALA D 137 15.15 12.02 17.15
CA ALA D 137 16.53 12.01 17.63
C ALA D 137 16.60 11.50 19.06
N GLN D 138 15.69 11.97 19.92
CA GLN D 138 15.67 11.48 21.30
C GLN D 138 15.46 9.98 21.34
N ARG D 139 14.52 9.47 20.55
CA ARG D 139 14.29 8.03 20.51
C ARG D 139 15.56 7.31 20.07
N GLY D 140 16.21 7.81 19.03
CA GLY D 140 17.48 7.23 18.61
C GLY D 140 18.51 7.24 19.73
N TYR D 141 18.52 8.31 20.52
CA TYR D 141 19.48 8.38 21.62
C TYR D 141 19.22 7.30 22.65
N VAL D 142 17.96 7.06 22.98
CA VAL D 142 17.63 5.98 23.91
C VAL D 142 17.95 4.62 23.29
N THR D 143 17.67 4.45 22.00
CA THR D 143 17.94 3.18 21.34
C THR D 143 19.44 2.91 21.27
N ALA D 144 20.23 3.94 20.95
CA ALA D 144 21.67 3.74 20.82
C ALA D 144 22.35 3.64 22.18
N LEU D 145 21.95 4.49 23.14
CA LEU D 145 22.61 4.48 24.44
C LEU D 145 22.15 3.32 25.31
N GLY D 146 20.87 2.98 25.27
CA GLY D 146 20.29 1.98 26.14
C GLY D 146 21.15 0.75 26.30
N PRO D 147 21.50 0.11 25.19
CA PRO D 147 22.27 -1.14 25.28
C PRO D 147 23.72 -0.90 25.68
N GLU D 148 24.28 0.26 25.34
CA GLU D 148 25.62 0.61 25.82
C GLU D 148 25.62 0.76 27.34
N ALA D 149 24.62 1.45 27.88
CA ALA D 149 24.56 1.70 29.32
C ALA D 149 24.19 0.44 30.10
N ALA D 150 23.41 -0.45 29.48
CA ALA D 150 22.92 -1.64 30.16
C ALA D 150 24.03 -2.60 30.55
N ARG D 151 25.17 -2.57 29.85
CA ARG D 151 26.30 -3.37 30.28
C ARG D 151 26.81 -2.92 31.64
N HIS D 152 26.51 -1.67 32.03
CA HIS D 152 26.80 -1.16 33.37
C HIS D 152 25.57 -1.22 34.28
N ASN D 153 24.62 -2.11 34.00
CA ASN D 153 23.40 -2.21 34.80
C ASN D 153 22.65 -0.90 34.87
N VAL D 154 22.71 -0.12 33.80
CA VAL D 154 22.03 1.17 33.71
C VAL D 154 20.88 1.06 32.72
N ASN D 155 19.68 1.43 33.16
CA ASN D 155 18.48 1.39 32.34
C ASN D 155 18.23 2.77 31.72
N VAL D 156 18.04 2.81 30.41
CA VAL D 156 17.73 4.02 29.67
C VAL D 156 16.51 3.74 28.80
N ASN D 157 15.42 4.50 29.01
CA ASN D 157 14.19 4.22 28.29
C ASN D 157 13.46 5.50 27.90
N PHE D 158 12.47 5.33 27.03
CA PHE D 158 11.83 6.40 26.28
C PHE D 158 10.32 6.24 26.42
N ILE D 159 9.66 7.26 26.97
CA ILE D 159 8.20 7.28 27.03
C ILE D 159 7.71 8.01 25.79
N ALA D 160 7.06 7.28 24.88
CA ALA D 160 6.55 7.85 23.64
C ALA D 160 5.09 8.27 23.87
N GLN D 161 4.94 9.45 24.46
CA GLN D 161 3.64 9.89 24.95
C GLN D 161 2.91 10.73 23.90
N HIS D 162 1.60 10.82 24.07
CA HIS D 162 0.72 11.58 23.19
C HIS D 162 -0.63 11.64 23.88
N TRP D 163 -1.41 12.68 23.56
CA TRP D 163 -2.76 12.82 24.09
C TRP D 163 -2.72 12.81 25.62
N THR D 164 -1.83 13.63 26.17
CA THR D 164 -1.54 13.69 27.60
C THR D 164 -1.54 15.15 28.03
N GLN D 165 -2.17 15.43 29.17
CA GLN D 165 -2.33 16.82 29.60
C GLN D 165 -0.98 17.45 29.94
N ASN D 166 -0.75 18.64 29.39
CA ASN D 166 0.44 19.46 29.62
C ASN D 166 0.19 20.77 28.87
N LYS D 167 1.01 21.78 29.19
CA LYS D 167 0.76 23.11 28.63
C LYS D 167 1.22 23.25 27.19
N GLU D 168 2.28 22.54 26.81
CA GLU D 168 2.94 22.82 25.54
C GLU D 168 2.23 22.16 24.35
N TYR D 169 1.50 21.09 24.58
CA TYR D 169 0.83 20.38 23.50
C TYR D 169 -0.67 20.24 23.69
N PHE D 170 -1.16 20.15 24.92
CA PHE D 170 -2.59 19.98 25.19
C PHE D 170 -3.02 20.93 26.30
N TRP D 171 -2.94 22.24 26.01
CA TRP D 171 -3.29 23.25 26.99
C TRP D 171 -4.80 23.47 27.03
N PRO D 172 -5.34 23.93 28.18
CA PRO D 172 -6.79 24.02 28.32
C PRO D 172 -7.53 24.64 27.14
N GLU D 173 -7.00 25.72 26.57
CA GLU D 173 -7.70 26.36 25.46
C GLU D 173 -7.77 25.45 24.23
N ARG D 174 -6.74 24.63 24.00
CA ARG D 174 -6.70 23.80 22.80
C ARG D 174 -7.69 22.65 22.89
N ILE D 175 -7.83 22.06 24.08
CA ILE D 175 -8.58 20.81 24.23
C ILE D 175 -10.04 21.05 24.60
N ALA D 176 -10.48 22.30 24.68
CA ALA D 176 -11.86 22.60 25.03
C ALA D 176 -12.80 22.62 23.83
N THR D 177 -12.27 22.88 22.64
CA THR D 177 -13.11 22.99 21.45
C THR D 177 -13.94 21.72 21.28
N ASP D 178 -15.18 21.89 20.84
CA ASP D 178 -16.01 20.74 20.53
C ASP D 178 -15.39 19.89 19.42
N GLU D 179 -14.60 20.51 18.55
CA GLU D 179 -14.10 19.84 17.36
C GLU D 179 -12.74 19.18 17.57
N PHE D 180 -11.96 19.63 18.56
CA PHE D 180 -10.79 18.86 18.98
C PHE D 180 -11.22 17.55 19.62
N LYS D 181 -12.31 17.58 20.38
CA LYS D 181 -12.80 16.37 21.03
C LYS D 181 -13.23 15.34 20.00
N GLU D 182 -13.90 15.78 18.94
CA GLU D 182 -14.28 14.86 17.86
C GLU D 182 -13.05 14.24 17.22
N ASP D 183 -12.03 15.06 16.93
CA ASP D 183 -10.81 14.55 16.31
C ASP D 183 -10.16 13.49 17.20
N MET D 184 -9.88 13.84 18.47
CA MET D 184 -9.32 12.87 19.39
C MET D 184 -10.12 11.58 19.41
N ALA D 185 -11.45 11.68 19.39
CA ALA D 185 -12.29 10.50 19.49
C ALA D 185 -12.10 9.57 18.30
N ARG D 186 -11.79 10.13 17.13
CA ARG D 186 -11.48 9.29 15.98
C ARG D 186 -10.10 8.68 16.05
N ARG D 187 -9.14 9.37 16.67
CA ARG D 187 -7.74 9.01 16.58
C ARG D 187 -7.22 8.25 17.81
N VAL D 188 -7.90 8.34 18.94
CA VAL D 188 -7.45 7.72 20.18
C VAL D 188 -8.46 6.63 20.55
N PRO D 189 -8.12 5.35 20.42
CA PRO D 189 -9.11 4.29 20.72
C PRO D 189 -9.66 4.37 22.14
N LEU D 190 -8.84 4.74 23.13
CA LEU D 190 -9.36 4.87 24.48
C LEU D 190 -10.35 6.03 24.59
N GLY D 191 -10.23 7.02 23.71
CA GLY D 191 -11.19 8.10 23.64
C GLY D 191 -11.07 9.16 24.72
N ARG D 192 -9.91 9.31 25.35
CA ARG D 192 -9.70 10.38 26.30
C ARG D 192 -8.22 10.75 26.33
N LEU D 193 -7.95 11.91 26.93
CA LEU D 193 -6.59 12.31 27.26
C LEU D 193 -6.14 11.59 28.52
N ALA D 194 -4.83 11.36 28.61
CA ALA D 194 -4.23 10.91 29.85
C ALA D 194 -3.99 12.09 30.76
N THR D 195 -4.07 11.85 32.06
CA THR D 195 -3.65 12.85 33.02
C THR D 195 -2.13 12.86 33.12
N ALA D 196 -1.58 14.03 33.48
CA ALA D 196 -0.15 14.11 33.71
C ALA D 196 0.30 13.06 34.73
N ARG D 197 -0.57 12.76 35.71
CA ARG D 197 -0.21 11.79 36.74
C ARG D 197 -0.05 10.39 36.17
N GLU D 198 -0.96 9.98 35.29
CA GLU D 198 -0.86 8.66 34.67
C GLU D 198 0.49 8.50 33.96
N ASP D 199 0.90 9.53 33.22
CA ASP D 199 2.22 9.52 32.60
C ASP D 199 3.31 9.33 33.64
N ALA D 200 3.19 10.00 34.78
CA ALA D 200 4.20 9.91 35.83
C ALA D 200 4.24 8.54 36.48
N LEU D 201 3.12 7.82 36.48
CA LEU D 201 3.11 6.47 37.01
C LEU D 201 3.83 5.48 36.08
N LEU D 202 3.93 5.80 34.79
CA LEU D 202 4.76 5.01 33.89
C LEU D 202 6.24 5.34 34.11
N ALA D 203 6.57 6.63 34.15
CA ALA D 203 7.92 7.04 34.53
C ALA D 203 8.33 6.40 35.85
N LEU D 204 7.40 6.38 36.81
CA LEU D 204 7.69 5.77 38.11
C LEU D 204 8.12 4.33 37.95
N PHE D 205 7.33 3.53 37.25
CA PHE D 205 7.70 2.13 37.02
C PHE D 205 9.08 2.04 36.37
N LEU D 206 9.33 2.87 35.35
CA LEU D 206 10.60 2.80 34.64
C LEU D 206 11.76 3.28 35.50
N ALA D 207 11.49 4.18 36.46
CA ALA D 207 12.52 4.66 37.38
C ALA D 207 12.79 3.69 38.53
N SER D 208 11.82 2.86 38.88
CA SER D 208 11.97 1.96 40.01
C SER D 208 12.88 0.79 39.64
N ASP D 209 13.34 0.07 40.66
CA ASP D 209 14.06 -1.17 40.43
C ASP D 209 13.12 -2.33 40.14
N GLU D 210 11.86 -2.04 39.84
CA GLU D 210 10.95 -3.04 39.31
C GLU D 210 11.13 -3.29 37.81
N SER D 211 11.97 -2.49 37.16
CA SER D 211 12.02 -2.43 35.70
C SER D 211 13.45 -2.57 35.18
N ASP D 212 14.31 -3.27 35.93
CA ASP D 212 15.72 -3.35 35.57
C ASP D 212 15.97 -4.05 34.23
N PHE D 213 15.06 -4.92 33.79
CA PHE D 213 15.25 -5.68 32.57
C PHE D 213 14.81 -4.93 31.32
N ILE D 214 14.34 -3.70 31.47
CA ILE D 214 13.84 -2.88 30.36
C ILE D 214 14.98 -2.00 29.89
N VAL D 215 15.40 -2.19 28.64
CA VAL D 215 16.66 -1.63 28.13
C VAL D 215 16.40 -0.98 26.77
N GLY D 216 16.52 0.35 26.72
CA GLY D 216 16.49 1.06 25.46
C GLY D 216 15.18 0.97 24.70
N LYS D 217 14.06 0.85 25.41
CA LYS D 217 12.77 0.67 24.78
C LYS D 217 12.01 1.98 24.67
N SER D 218 11.07 2.00 23.72
CA SER D 218 10.10 3.08 23.57
C SER D 218 8.73 2.51 23.92
N ILE D 219 8.22 2.89 25.09
CA ILE D 219 6.87 2.53 25.52
C ILE D 219 5.90 3.59 25.01
N GLU D 220 5.00 3.20 24.12
CA GLU D 220 4.02 4.14 23.58
C GLU D 220 2.94 4.39 24.62
N PHE D 221 2.79 5.66 25.01
CA PHE D 221 1.85 6.08 26.05
C PHE D 221 0.86 7.03 25.38
N ASP D 222 -0.19 6.46 24.77
CA ASP D 222 -0.94 7.25 23.79
C ASP D 222 -2.39 6.79 23.62
N GLY D 223 -2.96 6.03 24.54
CA GLY D 223 -4.34 5.63 24.41
C GLY D 223 -4.64 4.71 23.25
N GLY D 224 -3.61 4.26 22.52
CA GLY D 224 -3.79 3.41 21.36
C GLY D 224 -3.56 4.11 20.03
N TRP D 225 -3.16 5.38 20.07
CA TRP D 225 -3.04 6.17 18.85
C TRP D 225 -2.15 5.50 17.80
N ALA D 226 -0.99 5.01 18.20
CA ALA D 226 -0.01 4.45 17.27
C ALA D 226 -0.15 2.95 17.07
N THR D 227 -1.07 2.31 17.77
CA THR D 227 -1.23 0.87 17.66
C THR D 227 -1.74 0.50 16.27
N ASN E 3 -30.20 -33.84 -33.90
CA ASN E 3 -31.25 -32.88 -34.22
C ASN E 3 -31.16 -31.68 -33.30
N GLY E 4 -29.96 -31.36 -32.84
CA GLY E 4 -29.74 -30.14 -32.10
C GLY E 4 -29.74 -28.91 -32.99
N ARG E 5 -29.92 -27.75 -32.36
CA ARG E 5 -30.04 -26.51 -33.11
C ARG E 5 -28.73 -26.10 -33.77
N LEU E 6 -27.60 -26.68 -33.36
CA LEU E 6 -26.31 -26.43 -34.00
C LEU E 6 -25.73 -27.71 -34.58
N ALA E 7 -26.59 -28.64 -34.99
CA ALA E 7 -26.14 -29.95 -35.43
C ALA E 7 -25.20 -29.82 -36.63
N GLY E 8 -24.06 -30.47 -36.55
CA GLY E 8 -23.08 -30.45 -37.62
C GLY E 8 -22.25 -29.20 -37.70
N LYS E 9 -22.48 -28.22 -36.82
CA LYS E 9 -21.76 -26.97 -36.84
C LYS E 9 -20.46 -27.07 -36.05
N ARG E 10 -19.47 -26.29 -36.45
CA ARG E 10 -18.21 -26.18 -35.73
C ARG E 10 -18.04 -24.75 -35.26
N VAL E 11 -17.76 -24.58 -33.97
CA VAL E 11 -17.75 -23.27 -33.33
C VAL E 11 -16.37 -23.02 -32.76
N LEU E 12 -15.76 -21.90 -33.13
CA LEU E 12 -14.52 -21.45 -32.50
C LEU E 12 -14.87 -20.48 -31.36
N LEU E 13 -14.47 -20.83 -30.14
CA LEU E 13 -14.70 -20.00 -28.98
C LEU E 13 -13.36 -19.49 -28.46
N THR E 14 -13.25 -18.17 -28.30
CA THR E 14 -12.04 -17.56 -27.79
C THR E 14 -12.04 -17.55 -26.27
N ASN E 15 -10.83 -17.58 -25.70
CA ASN E 15 -10.63 -17.44 -24.26
C ASN E 15 -11.61 -18.31 -23.49
N ALA E 16 -11.62 -19.60 -23.85
CA ALA E 16 -12.72 -20.49 -23.50
C ALA E 16 -12.89 -20.69 -22.00
N ASP E 17 -11.85 -20.45 -21.20
CA ASP E 17 -11.96 -20.56 -19.76
C ASP E 17 -12.42 -19.28 -19.09
N ALA E 18 -12.50 -18.17 -19.84
CA ALA E 18 -12.76 -16.87 -19.28
C ALA E 18 -14.17 -16.40 -19.62
N TYR E 19 -14.62 -15.37 -18.92
CA TYR E 19 -15.89 -14.71 -19.15
C TYR E 19 -17.02 -15.73 -19.31
N MET E 20 -17.63 -15.83 -20.49
CA MET E 20 -18.79 -16.68 -20.70
C MET E 20 -18.46 -17.99 -21.44
N GLY E 21 -17.20 -18.43 -21.39
CA GLY E 21 -16.80 -19.59 -22.16
C GLY E 21 -17.47 -20.87 -21.70
N GLU E 22 -17.43 -21.16 -20.39
CA GLU E 22 -17.91 -22.44 -19.89
C GLU E 22 -19.36 -22.69 -20.29
N ALA E 23 -20.23 -21.71 -20.03
CA ALA E 23 -21.63 -21.84 -20.39
C ALA E 23 -21.80 -22.01 -21.90
N THR E 24 -20.95 -21.35 -22.69
CA THR E 24 -21.03 -21.49 -24.14
C THR E 24 -20.73 -22.93 -24.57
N VAL E 25 -19.68 -23.53 -24.00
CA VAL E 25 -19.34 -24.92 -24.32
C VAL E 25 -20.51 -25.83 -23.99
N GLN E 26 -21.07 -25.66 -22.80
CA GLN E 26 -22.09 -26.57 -22.29
C GLN E 26 -23.36 -26.49 -23.11
N VAL E 27 -23.84 -25.27 -23.40
CA VAL E 27 -25.07 -25.11 -24.17
C VAL E 27 -24.86 -25.53 -25.61
N PHE E 28 -23.73 -25.13 -26.22
CA PHE E 28 -23.56 -25.36 -27.65
C PHE E 28 -23.32 -26.84 -27.95
N GLU E 29 -22.51 -27.53 -27.12
CA GLU E 29 -22.35 -28.97 -27.31
C GLU E 29 -23.68 -29.70 -27.12
N GLU E 30 -24.48 -29.23 -26.15
CA GLU E 30 -25.81 -29.79 -25.93
C GLU E 30 -26.65 -29.75 -27.21
N GLU E 31 -26.44 -28.75 -28.06
CA GLU E 31 -27.20 -28.61 -29.29
C GLU E 31 -26.46 -29.18 -30.50
N GLY E 32 -25.45 -30.00 -30.27
CA GLY E 32 -24.81 -30.76 -31.33
C GLY E 32 -23.59 -30.11 -31.94
N ALA E 33 -23.18 -28.94 -31.48
CA ALA E 33 -22.02 -28.27 -32.04
C ALA E 33 -20.73 -28.94 -31.60
N GLU E 34 -19.75 -28.94 -32.48
CA GLU E 34 -18.36 -29.19 -32.09
C GLU E 34 -17.75 -27.85 -31.73
N VAL E 35 -17.29 -27.71 -30.48
CA VAL E 35 -16.83 -26.43 -29.96
C VAL E 35 -15.32 -26.50 -29.80
N ILE E 36 -14.62 -25.67 -30.54
CA ILE E 36 -13.18 -25.54 -30.42
C ILE E 36 -12.91 -24.52 -29.33
N ALA E 37 -12.45 -25.01 -28.18
CA ALA E 37 -12.30 -24.19 -26.97
C ALA E 37 -10.87 -23.67 -26.95
N ASP E 38 -10.68 -22.48 -27.51
CA ASP E 38 -9.35 -21.93 -27.69
C ASP E 38 -8.92 -21.14 -26.45
N HIS E 39 -7.64 -21.25 -26.11
CA HIS E 39 -7.08 -20.54 -24.97
C HIS E 39 -5.91 -19.66 -25.39
N THR E 40 -5.86 -19.25 -26.65
CA THR E 40 -4.75 -18.44 -27.15
C THR E 40 -4.90 -16.99 -26.73
N ASP E 41 -3.76 -16.39 -26.38
CA ASP E 41 -3.67 -14.95 -26.11
C ASP E 41 -3.68 -14.22 -27.44
N LEU E 42 -4.79 -13.57 -27.77
CA LEU E 42 -4.92 -12.88 -29.05
C LEU E 42 -4.46 -11.43 -28.98
N THR E 43 -3.85 -11.00 -27.88
CA THR E 43 -3.11 -9.75 -27.86
C THR E 43 -1.79 -9.86 -28.61
N LYS E 44 -1.33 -11.07 -28.92
CA LYS E 44 -0.12 -11.26 -29.70
C LYS E 44 -0.44 -11.16 -31.20
N VAL E 45 0.16 -10.20 -31.87
CA VAL E 45 0.00 -10.09 -33.32
C VAL E 45 0.44 -11.39 -33.97
N GLY E 46 -0.41 -11.93 -34.85
CA GLY E 46 -0.15 -13.18 -35.52
C GLY E 46 -0.91 -14.36 -34.95
N ALA E 47 -1.32 -14.30 -33.68
CA ALA E 47 -1.94 -15.46 -33.04
C ALA E 47 -3.29 -15.80 -33.68
N ALA E 48 -4.12 -14.79 -33.97
CA ALA E 48 -5.45 -15.05 -34.49
C ALA E 48 -5.40 -15.90 -35.75
N GLU E 49 -4.50 -15.57 -36.68
CA GLU E 49 -4.37 -16.34 -37.90
C GLU E 49 -4.03 -17.79 -37.61
N GLU E 50 -3.15 -18.03 -36.64
CA GLU E 50 -2.75 -19.40 -36.31
C GLU E 50 -3.93 -20.17 -35.71
N VAL E 51 -4.72 -19.54 -34.86
CA VAL E 51 -5.88 -20.22 -34.28
C VAL E 51 -6.84 -20.65 -35.39
N VAL E 52 -7.09 -19.77 -36.35
CA VAL E 52 -8.05 -20.08 -37.40
C VAL E 52 -7.53 -21.19 -38.31
N GLU E 53 -6.26 -21.12 -38.70
CA GLU E 53 -5.71 -22.19 -39.53
C GLU E 53 -5.81 -23.52 -38.81
N ARG E 54 -5.44 -23.53 -37.54
CA ARG E 54 -5.53 -24.73 -36.72
C ARG E 54 -6.97 -25.22 -36.61
N ALA E 55 -7.93 -24.29 -36.46
CA ALA E 55 -9.33 -24.67 -36.32
C ALA E 55 -9.87 -25.33 -37.58
N GLY E 56 -9.38 -24.96 -38.75
CA GLY E 56 -9.93 -25.51 -39.97
C GLY E 56 -11.29 -24.89 -40.28
N HIS E 57 -12.29 -25.74 -40.51
CA HIS E 57 -13.60 -25.28 -40.95
C HIS E 57 -14.40 -24.75 -39.76
N ILE E 58 -14.80 -23.49 -39.84
CA ILE E 58 -15.50 -22.78 -38.79
C ILE E 58 -16.83 -22.29 -39.33
N ASP E 59 -17.92 -22.63 -38.64
CA ASP E 59 -19.22 -22.07 -38.95
C ASP E 59 -19.59 -20.88 -38.09
N VAL E 60 -19.03 -20.81 -36.87
CA VAL E 60 -19.44 -19.82 -35.88
C VAL E 60 -18.22 -19.39 -35.09
N LEU E 61 -18.05 -18.09 -34.94
CA LEU E 61 -17.03 -17.52 -34.05
C LEU E 61 -17.75 -16.86 -32.88
N VAL E 62 -17.40 -17.27 -31.67
CA VAL E 62 -17.88 -16.63 -30.45
C VAL E 62 -16.72 -15.82 -29.90
N ALA E 63 -16.78 -14.51 -30.09
CA ALA E 63 -15.72 -13.60 -29.66
C ALA E 63 -15.97 -13.26 -28.20
N ASN E 64 -15.22 -13.91 -27.32
CA ASN E 64 -15.46 -13.91 -25.88
C ASN E 64 -14.24 -13.28 -25.21
N PHE E 65 -14.32 -11.97 -24.97
CA PHE E 65 -13.20 -11.19 -24.44
C PHE E 65 -13.63 -10.44 -23.20
N ALA E 66 -12.75 -10.41 -22.19
CA ALA E 66 -13.02 -9.66 -20.97
C ALA E 66 -11.72 -9.10 -20.43
N VAL E 67 -11.85 -8.00 -19.69
CA VAL E 67 -10.77 -7.38 -18.94
C VAL E 67 -11.36 -6.88 -17.63
N ASP E 68 -10.53 -6.77 -16.60
CA ASP E 68 -11.02 -6.20 -15.36
C ASP E 68 -11.58 -4.80 -15.62
N ALA E 69 -12.75 -4.53 -15.05
CA ALA E 69 -13.41 -3.25 -15.25
C ALA E 69 -12.85 -2.14 -14.37
N HIS E 70 -11.98 -2.48 -13.42
CA HIS E 70 -11.49 -1.53 -12.41
C HIS E 70 -12.66 -0.73 -11.83
N PHE E 71 -13.64 -1.47 -11.32
CA PHE E 71 -14.82 -0.87 -10.72
C PHE E 71 -14.42 0.09 -9.60
N GLY E 72 -14.86 1.34 -9.72
CA GLY E 72 -14.63 2.35 -8.71
C GLY E 72 -13.55 3.36 -9.08
N VAL E 73 -12.69 3.02 -10.04
CA VAL E 73 -11.67 3.95 -10.50
C VAL E 73 -12.33 5.02 -11.36
N THR E 74 -12.04 6.29 -11.04
CA THR E 74 -12.61 7.43 -11.73
C THR E 74 -11.60 8.00 -12.73
N VAL E 75 -12.03 9.04 -13.45
CA VAL E 75 -11.26 9.50 -14.61
C VAL E 75 -9.84 9.87 -14.21
N LEU E 76 -9.70 10.61 -13.11
CA LEU E 76 -8.37 11.13 -12.74
C LEU E 76 -7.42 10.02 -12.32
N GLU E 77 -7.93 8.91 -11.79
CA GLU E 77 -7.09 7.78 -11.44
C GLU E 77 -6.95 6.77 -12.58
N THR E 78 -7.51 7.05 -13.75
CA THR E 78 -7.42 6.17 -14.92
C THR E 78 -6.14 6.52 -15.65
N ASP E 79 -5.04 5.86 -15.27
CA ASP E 79 -3.75 6.24 -15.81
C ASP E 79 -3.51 5.56 -17.16
N GLU E 80 -2.39 5.95 -17.79
CA GLU E 80 -2.09 5.50 -19.15
C GLU E 80 -2.18 3.98 -19.27
N GLU E 81 -1.56 3.26 -18.34
CA GLU E 81 -1.48 1.81 -18.47
C GLU E 81 -2.86 1.16 -18.35
N LEU E 82 -3.64 1.58 -17.35
CA LEU E 82 -5.00 1.06 -17.20
C LEU E 82 -5.80 1.28 -18.47
N TRP E 83 -5.71 2.48 -19.06
CA TRP E 83 -6.45 2.80 -20.27
C TRP E 83 -6.01 1.90 -21.43
N GLN E 84 -4.70 1.81 -21.66
CA GLN E 84 -4.20 1.02 -22.79
C GLN E 84 -4.58 -0.45 -22.65
N THR E 85 -4.55 -0.99 -21.43
CA THR E 85 -4.78 -2.42 -21.25
C THR E 85 -6.20 -2.80 -21.61
N ALA E 86 -7.16 -1.89 -21.45
CA ALA E 86 -8.54 -2.18 -21.82
C ALA E 86 -8.66 -2.36 -23.32
N TYR E 87 -8.01 -1.50 -24.10
CA TYR E 87 -8.06 -1.63 -25.55
C TYR E 87 -7.23 -2.82 -26.03
N GLU E 88 -6.02 -3.00 -25.47
CA GLU E 88 -5.22 -4.17 -25.83
C GLU E 88 -5.99 -5.47 -25.63
N THR E 89 -6.80 -5.54 -24.58
CA THR E 89 -7.31 -6.83 -24.13
C THR E 89 -8.59 -7.25 -24.87
N ILE E 90 -9.51 -6.31 -25.13
CA ILE E 90 -10.79 -6.69 -25.73
C ILE E 90 -11.13 -5.96 -27.02
N VAL E 91 -10.40 -4.91 -27.40
CA VAL E 91 -10.72 -4.18 -28.64
C VAL E 91 -9.88 -4.71 -29.79
N HIS E 92 -8.56 -4.48 -29.71
CA HIS E 92 -7.69 -4.87 -30.82
C HIS E 92 -7.81 -6.35 -31.17
N PRO E 93 -7.86 -7.28 -30.21
CA PRO E 93 -8.01 -8.69 -30.57
C PRO E 93 -9.33 -9.00 -31.29
N LEU E 94 -10.37 -8.19 -31.07
CA LEU E 94 -11.66 -8.46 -31.70
C LEU E 94 -11.58 -8.35 -33.22
N HIS E 95 -10.92 -7.30 -33.71
CA HIS E 95 -10.74 -7.17 -35.15
C HIS E 95 -9.81 -8.26 -35.68
N ARG E 96 -8.77 -8.60 -34.93
CA ARG E 96 -7.81 -9.60 -35.40
C ARG E 96 -8.50 -10.95 -35.63
N ILE E 97 -9.30 -11.41 -34.67
CA ILE E 97 -9.89 -12.75 -34.82
C ILE E 97 -11.03 -12.72 -35.84
N CYS E 98 -11.79 -11.62 -35.92
CA CYS E 98 -12.85 -11.54 -36.92
C CYS E 98 -12.27 -11.46 -38.31
N ARG E 99 -11.22 -10.65 -38.50
CA ARG E 99 -10.58 -10.55 -39.80
C ARG E 99 -10.00 -11.90 -40.25
N ALA E 100 -9.55 -12.72 -39.30
CA ALA E 100 -8.96 -14.01 -39.65
C ALA E 100 -10.01 -15.05 -40.06
N VAL E 101 -11.23 -14.96 -39.52
CA VAL E 101 -12.26 -15.94 -39.82
C VAL E 101 -13.05 -15.56 -41.07
N LEU E 102 -13.19 -14.27 -41.36
CA LEU E 102 -14.11 -13.86 -42.41
C LEU E 102 -13.76 -14.42 -43.78
N PRO E 103 -12.49 -14.57 -44.17
CA PRO E 103 -12.21 -15.06 -45.53
C PRO E 103 -12.90 -16.37 -45.84
N GLN E 104 -12.94 -17.32 -44.91
CA GLN E 104 -13.64 -18.57 -45.19
C GLN E 104 -15.15 -18.38 -45.13
N PHE E 105 -15.65 -17.50 -44.26
CA PHE E 105 -17.07 -17.13 -44.32
C PHE E 105 -17.42 -16.58 -45.70
N TYR E 106 -16.60 -15.66 -46.22
CA TYR E 106 -16.89 -15.05 -47.50
C TYR E 106 -16.83 -16.07 -48.64
N GLU E 107 -15.87 -17.00 -48.57
CA GLU E 107 -15.75 -18.02 -49.61
C GLU E 107 -17.02 -18.86 -49.70
N ARG E 108 -17.65 -19.17 -48.57
CA ARG E 108 -18.89 -19.94 -48.55
C ARG E 108 -20.14 -19.07 -48.57
N ASN E 109 -19.97 -17.74 -48.54
CA ASN E 109 -21.10 -16.82 -48.41
C ASN E 109 -22.00 -17.20 -47.25
N LYS E 110 -21.38 -17.40 -46.08
CA LYS E 110 -22.13 -17.84 -44.91
C LYS E 110 -21.24 -17.76 -43.68
N GLY E 111 -21.79 -17.27 -42.57
CA GLY E 111 -21.05 -17.29 -41.33
C GLY E 111 -21.79 -16.60 -40.21
N LYS E 112 -21.30 -16.85 -38.98
CA LYS E 112 -21.91 -16.31 -37.76
C LYS E 112 -20.82 -15.81 -36.83
N ILE E 113 -20.99 -14.60 -36.31
CA ILE E 113 -20.13 -14.07 -35.26
C ILE E 113 -21.02 -13.55 -34.14
N VAL E 114 -20.71 -13.93 -32.91
CA VAL E 114 -21.40 -13.46 -31.72
C VAL E 114 -20.35 -12.88 -30.78
N VAL E 115 -20.56 -11.64 -30.34
CA VAL E 115 -19.65 -10.95 -29.44
C VAL E 115 -20.33 -10.83 -28.08
N TYR E 116 -19.69 -11.40 -27.04
CA TYR E 116 -20.13 -11.14 -25.67
C TYR E 116 -19.56 -9.78 -25.30
N GLY E 117 -20.42 -8.77 -25.24
CA GLY E 117 -20.00 -7.42 -24.88
C GLY E 117 -20.50 -6.97 -23.53
N SER E 118 -21.09 -5.77 -23.49
CA SER E 118 -21.51 -5.20 -22.22
C SER E 118 -22.59 -4.17 -22.45
N ALA E 119 -23.56 -4.11 -21.54
CA ALA E 119 -24.50 -3.01 -21.49
C ALA E 119 -23.82 -1.68 -21.17
N ALA E 120 -22.61 -1.72 -20.62
CA ALA E 120 -21.86 -0.48 -20.43
C ALA E 120 -21.57 0.20 -21.75
N ALA E 121 -21.67 -0.53 -22.86
CA ALA E 121 -21.51 0.05 -24.20
C ALA E 121 -22.78 0.72 -24.69
N MET E 122 -23.87 0.64 -23.94
CA MET E 122 -25.15 1.22 -24.30
C MET E 122 -25.48 2.43 -23.45
N ARG E 123 -25.19 2.38 -22.15
CA ARG E 123 -25.53 3.48 -21.26
C ARG E 123 -24.53 3.52 -20.11
N TYR E 124 -24.49 4.67 -19.46
CA TYR E 124 -23.54 4.92 -18.39
C TYR E 124 -23.60 3.87 -17.30
N GLN E 125 -22.48 3.20 -17.07
CA GLN E 125 -22.24 2.41 -15.87
C GLN E 125 -21.21 3.13 -15.02
N GLU E 126 -21.55 3.38 -13.77
CA GLU E 126 -20.68 4.19 -12.92
C GLU E 126 -19.39 3.45 -12.59
N GLY E 127 -18.31 4.22 -12.45
CA GLY E 127 -17.05 3.67 -11.97
C GLY E 127 -16.37 2.68 -12.88
N ALA E 128 -16.49 2.84 -14.21
CA ALA E 128 -15.97 1.85 -15.14
C ALA E 128 -15.51 2.53 -16.44
N LEU E 129 -14.85 3.68 -16.33
CA LEU E 129 -14.64 4.54 -17.48
C LEU E 129 -13.89 3.86 -18.62
N ALA E 130 -12.61 3.51 -18.43
CA ALA E 130 -11.82 2.98 -19.53
C ALA E 130 -12.45 1.71 -20.08
N TYR E 131 -12.99 0.87 -19.19
CA TYR E 131 -13.66 -0.35 -19.60
C TYR E 131 -14.86 -0.06 -20.48
N SER E 132 -15.71 0.88 -20.05
CA SER E 132 -16.88 1.25 -20.84
C SER E 132 -16.48 1.66 -22.26
N THR E 133 -15.44 2.49 -22.39
CA THR E 133 -15.06 2.98 -23.70
C THR E 133 -14.56 1.84 -24.58
N ALA E 134 -13.81 0.90 -24.00
CA ALA E 134 -13.39 -0.27 -24.76
C ALA E 134 -14.60 -1.08 -25.22
N ARG E 135 -15.62 -1.22 -24.37
CA ARG E 135 -16.81 -1.94 -24.79
C ARG E 135 -17.60 -1.18 -25.85
N PHE E 136 -17.62 0.15 -25.80
CA PHE E 136 -18.22 0.93 -26.88
C PHE E 136 -17.51 0.63 -28.19
N ALA E 137 -16.19 0.44 -28.15
CA ALA E 137 -15.45 0.15 -29.37
C ALA E 137 -15.86 -1.19 -29.96
N GLN E 138 -16.02 -2.20 -29.11
CA GLN E 138 -16.55 -3.48 -29.58
C GLN E 138 -17.91 -3.31 -30.21
N ARG E 139 -18.79 -2.54 -29.56
CA ARG E 139 -20.10 -2.30 -30.11
C ARG E 139 -20.00 -1.63 -31.47
N GLY E 140 -19.14 -0.61 -31.59
CA GLY E 140 -18.94 0.03 -32.87
C GLY E 140 -18.41 -0.95 -33.92
N TYR E 141 -17.54 -1.87 -33.51
CA TYR E 141 -17.05 -2.86 -34.45
C TYR E 141 -18.20 -3.69 -35.00
N VAL E 142 -19.10 -4.13 -34.13
CA VAL E 142 -20.26 -4.88 -34.60
C VAL E 142 -21.17 -3.99 -35.46
N THR E 143 -21.38 -2.74 -35.03
CA THR E 143 -22.27 -1.86 -35.78
C THR E 143 -21.74 -1.61 -37.18
N ALA E 144 -20.43 -1.44 -37.31
CA ALA E 144 -19.84 -1.07 -38.58
C ALA E 144 -19.52 -2.29 -39.45
N LEU E 145 -19.10 -3.39 -38.83
CA LEU E 145 -18.81 -4.60 -39.60
C LEU E 145 -20.08 -5.31 -40.03
N GLY E 146 -21.11 -5.31 -39.19
CA GLY E 146 -22.30 -6.09 -39.42
C GLY E 146 -22.90 -5.93 -40.80
N PRO E 147 -23.22 -4.69 -41.18
CA PRO E 147 -23.80 -4.49 -42.52
C PRO E 147 -22.85 -4.84 -43.65
N GLU E 148 -21.56 -4.57 -43.49
CA GLU E 148 -20.58 -4.95 -44.52
C GLU E 148 -20.53 -6.46 -44.68
N ALA E 149 -20.48 -7.19 -43.56
CA ALA E 149 -20.43 -8.64 -43.62
C ALA E 149 -21.75 -9.23 -44.08
N ALA E 150 -22.86 -8.54 -43.84
CA ALA E 150 -24.17 -9.06 -44.20
C ALA E 150 -24.31 -9.20 -45.71
N ARG E 151 -23.57 -8.41 -46.47
CA ARG E 151 -23.57 -8.55 -47.92
C ARG E 151 -23.06 -9.92 -48.34
N HIS E 152 -22.29 -10.59 -47.49
CA HIS E 152 -21.84 -11.95 -47.76
C HIS E 152 -22.62 -13.00 -46.98
N ASN E 153 -23.79 -12.64 -46.46
CA ASN E 153 -24.62 -13.57 -45.70
C ASN E 153 -23.96 -13.95 -44.37
N VAL E 154 -23.18 -13.05 -43.80
CA VAL E 154 -22.52 -13.25 -42.52
C VAL E 154 -23.19 -12.37 -41.47
N ASN E 155 -23.61 -12.99 -40.37
CA ASN E 155 -24.20 -12.25 -39.25
C ASN E 155 -23.14 -11.90 -38.21
N VAL E 156 -23.14 -10.65 -37.76
CA VAL E 156 -22.29 -10.19 -36.67
C VAL E 156 -23.18 -9.42 -35.72
N ASN E 157 -23.24 -9.85 -34.45
CA ASN E 157 -24.12 -9.24 -33.47
C ASN E 157 -23.44 -9.17 -32.10
N PHE E 158 -24.01 -8.31 -31.24
CA PHE E 158 -23.38 -7.84 -30.01
C PHE E 158 -24.33 -8.09 -28.85
N ILE E 159 -23.94 -8.97 -27.92
CA ILE E 159 -24.71 -9.19 -26.70
C ILE E 159 -24.24 -8.16 -25.67
N ALA E 160 -25.07 -7.16 -25.39
CA ALA E 160 -24.75 -6.10 -24.44
C ALA E 160 -25.21 -6.55 -23.06
N GLN E 161 -24.38 -7.35 -22.40
CA GLN E 161 -24.82 -8.02 -21.18
C GLN E 161 -24.46 -7.20 -19.94
N HIS E 162 -25.17 -7.51 -18.86
CA HIS E 162 -24.99 -6.87 -17.57
C HIS E 162 -25.64 -7.79 -16.55
N TRP E 163 -25.24 -7.62 -15.28
CA TRP E 163 -25.86 -8.37 -14.18
C TRP E 163 -25.96 -9.85 -14.53
N THR E 164 -24.84 -10.40 -14.97
CA THR E 164 -24.75 -11.79 -15.44
C THR E 164 -23.60 -12.48 -14.72
N GLN E 165 -23.86 -13.68 -14.22
CA GLN E 165 -22.85 -14.43 -13.46
C GLN E 165 -21.60 -14.67 -14.30
N ASN E 166 -20.46 -14.24 -13.75
CA ASN E 166 -19.14 -14.53 -14.29
C ASN E 166 -18.11 -14.12 -13.24
N LYS E 167 -16.89 -14.62 -13.39
CA LYS E 167 -15.87 -14.32 -12.40
C LYS E 167 -15.35 -12.90 -12.51
N GLU E 168 -15.38 -12.32 -13.70
CA GLU E 168 -14.77 -11.01 -13.89
C GLU E 168 -15.60 -9.90 -13.27
N TYR E 169 -16.93 -10.01 -13.29
CA TYR E 169 -17.79 -8.88 -12.95
C TYR E 169 -18.80 -9.18 -11.86
N PHE E 170 -19.35 -10.39 -11.83
CA PHE E 170 -20.39 -10.73 -10.87
C PHE E 170 -20.04 -12.06 -10.23
N TRP E 171 -18.89 -12.05 -9.57
CA TRP E 171 -18.34 -13.24 -8.94
C TRP E 171 -19.09 -13.57 -7.65
N PRO E 172 -18.96 -14.81 -7.16
CA PRO E 172 -19.87 -15.27 -6.09
C PRO E 172 -19.84 -14.42 -4.84
N GLU E 173 -18.65 -14.01 -4.40
CA GLU E 173 -18.54 -13.23 -3.18
C GLU E 173 -19.26 -11.89 -3.32
N ARG E 174 -19.08 -11.20 -4.45
CA ARG E 174 -19.73 -9.90 -4.62
C ARG E 174 -21.24 -10.01 -4.52
N ILE E 175 -21.85 -10.96 -5.24
CA ILE E 175 -23.30 -11.01 -5.36
C ILE E 175 -23.98 -11.52 -4.10
N ALA E 176 -23.23 -12.08 -3.16
CA ALA E 176 -23.82 -12.61 -1.94
C ALA E 176 -24.08 -11.55 -0.87
N THR E 177 -23.64 -10.31 -1.08
CA THR E 177 -23.72 -9.30 -0.02
C THR E 177 -25.05 -8.56 -0.07
N ASP E 178 -25.44 -8.02 1.09
CA ASP E 178 -26.68 -7.28 1.19
C ASP E 178 -26.61 -5.94 0.45
N GLU E 179 -25.41 -5.35 0.37
CA GLU E 179 -25.27 -4.12 -0.41
C GLU E 179 -25.53 -4.37 -1.89
N PHE E 180 -25.01 -5.48 -2.43
CA PHE E 180 -25.23 -5.80 -3.83
C PHE E 180 -26.70 -6.06 -4.09
N LYS E 181 -27.31 -6.95 -3.30
CA LYS E 181 -28.73 -7.28 -3.47
C LYS E 181 -29.60 -6.02 -3.43
N GLU E 182 -29.29 -5.08 -2.53
CA GLU E 182 -30.07 -3.85 -2.50
C GLU E 182 -29.86 -3.04 -3.77
N ASP E 183 -28.61 -2.96 -4.24
CA ASP E 183 -28.34 -2.21 -5.46
C ASP E 183 -29.03 -2.85 -6.66
N MET E 184 -28.98 -4.19 -6.74
CA MET E 184 -29.61 -4.87 -7.86
C MET E 184 -31.13 -4.68 -7.83
N ALA E 185 -31.75 -4.83 -6.67
CA ALA E 185 -33.18 -4.58 -6.55
C ALA E 185 -33.55 -3.19 -7.04
N ARG E 186 -32.65 -2.22 -6.87
CA ARG E 186 -32.93 -0.86 -7.31
C ARG E 186 -32.74 -0.70 -8.81
N ARG E 187 -31.75 -1.37 -9.37
CA ARG E 187 -31.28 -1.04 -10.72
C ARG E 187 -31.71 -2.03 -11.78
N VAL E 188 -32.07 -3.25 -11.41
CA VAL E 188 -32.45 -4.28 -12.37
C VAL E 188 -33.96 -4.51 -12.23
N PRO E 189 -34.78 -4.10 -13.19
CA PRO E 189 -36.23 -4.33 -13.08
C PRO E 189 -36.58 -5.79 -12.82
N LEU E 190 -35.87 -6.73 -13.43
CA LEU E 190 -36.18 -8.14 -13.22
C LEU E 190 -35.84 -8.59 -11.80
N GLY E 191 -34.95 -7.88 -11.11
CA GLY E 191 -34.67 -8.18 -9.73
C GLY E 191 -33.78 -9.37 -9.48
N ARG E 192 -33.10 -9.88 -10.50
CA ARG E 192 -32.23 -11.03 -10.31
C ARG E 192 -31.10 -10.98 -11.33
N LEU E 193 -30.06 -11.77 -11.07
CA LEU E 193 -28.99 -11.96 -12.03
C LEU E 193 -29.37 -13.03 -13.04
N ALA E 194 -28.86 -12.87 -14.26
CA ALA E 194 -28.91 -13.95 -15.23
C ALA E 194 -27.92 -15.05 -14.87
N THR E 195 -28.26 -16.29 -15.19
CA THR E 195 -27.26 -17.34 -15.17
C THR E 195 -26.42 -17.25 -16.44
N ALA E 196 -25.25 -17.88 -16.39
CA ALA E 196 -24.40 -17.93 -17.58
C ALA E 196 -25.09 -18.72 -18.69
N ARG E 197 -25.80 -19.79 -18.32
CA ARG E 197 -26.59 -20.54 -19.29
C ARG E 197 -27.55 -19.63 -20.05
N GLU E 198 -28.31 -18.80 -19.33
CA GLU E 198 -29.26 -17.91 -19.98
C GLU E 198 -28.57 -17.05 -21.03
N ASP E 199 -27.36 -16.58 -20.73
CA ASP E 199 -26.61 -15.76 -21.66
C ASP E 199 -26.16 -16.57 -22.87
N ALA E 200 -25.71 -17.82 -22.64
CA ALA E 200 -25.34 -18.68 -23.76
C ALA E 200 -26.53 -19.05 -24.62
N LEU E 201 -27.74 -19.06 -24.05
CA LEU E 201 -28.94 -19.34 -24.83
C LEU E 201 -29.25 -18.20 -25.79
N LEU E 202 -28.95 -16.97 -25.40
CA LEU E 202 -29.05 -15.88 -26.36
C LEU E 202 -27.99 -16.05 -27.44
N ALA E 203 -26.75 -16.36 -27.06
CA ALA E 203 -25.69 -16.61 -28.04
C ALA E 203 -26.05 -17.79 -28.93
N LEU E 204 -26.71 -18.80 -28.37
CA LEU E 204 -27.14 -19.94 -29.17
C LEU E 204 -28.10 -19.51 -30.27
N PHE E 205 -29.08 -18.67 -29.92
CA PHE E 205 -29.99 -18.19 -30.95
C PHE E 205 -29.25 -17.38 -32.01
N LEU E 206 -28.34 -16.50 -31.58
CA LEU E 206 -27.61 -15.65 -32.52
C LEU E 206 -26.57 -16.43 -33.33
N ALA E 207 -26.17 -17.60 -32.85
CA ALA E 207 -25.25 -18.46 -33.61
C ALA E 207 -25.97 -19.41 -34.54
N SER E 208 -27.25 -19.65 -34.32
CA SER E 208 -28.01 -20.62 -35.10
C SER E 208 -28.52 -19.99 -36.39
N ASP E 209 -29.01 -20.84 -37.28
CA ASP E 209 -29.60 -20.39 -38.53
C ASP E 209 -31.04 -19.91 -38.35
N GLU E 210 -31.51 -19.82 -37.10
CA GLU E 210 -32.78 -19.17 -36.77
C GLU E 210 -32.68 -17.65 -36.73
N SER E 211 -31.48 -17.08 -36.88
CA SER E 211 -31.25 -15.67 -36.64
C SER E 211 -30.59 -14.97 -37.83
N ASP E 212 -30.69 -15.56 -39.03
CA ASP E 212 -29.98 -15.05 -40.20
C ASP E 212 -30.35 -13.61 -40.55
N PHE E 213 -31.52 -13.15 -40.12
CA PHE E 213 -31.93 -11.78 -40.45
C PHE E 213 -31.44 -10.75 -39.45
N ILE E 214 -30.78 -11.16 -38.37
CA ILE E 214 -30.28 -10.24 -37.36
C ILE E 214 -28.87 -9.79 -37.74
N VAL E 215 -28.70 -8.50 -38.00
CA VAL E 215 -27.54 -7.97 -38.71
C VAL E 215 -26.99 -6.77 -37.93
N GLY E 216 -25.85 -6.95 -37.28
CA GLY E 216 -25.14 -5.85 -36.64
C GLY E 216 -25.85 -5.22 -35.47
N LYS E 217 -26.64 -5.99 -34.73
CA LYS E 217 -27.47 -5.45 -33.66
C LYS E 217 -26.79 -5.59 -32.30
N SER E 218 -27.16 -4.69 -31.40
CA SER E 218 -26.84 -4.78 -29.99
C SER E 218 -28.10 -5.19 -29.25
N ILE E 219 -28.07 -6.37 -28.66
CA ILE E 219 -29.19 -6.90 -27.90
C ILE E 219 -28.83 -6.77 -26.43
N GLU E 220 -29.53 -5.87 -25.74
CA GLU E 220 -29.33 -5.66 -24.31
C GLU E 220 -29.83 -6.87 -23.54
N PHE E 221 -28.94 -7.49 -22.79
CA PHE E 221 -29.22 -8.67 -21.99
C PHE E 221 -28.90 -8.29 -20.55
N ASP E 222 -29.87 -7.64 -19.88
CA ASP E 222 -29.54 -6.90 -18.66
C ASP E 222 -30.71 -6.79 -17.70
N GLY E 223 -31.68 -7.70 -17.78
CA GLY E 223 -32.83 -7.67 -16.91
C GLY E 223 -33.60 -6.35 -16.90
N GLY E 224 -33.37 -5.51 -17.90
CA GLY E 224 -34.05 -4.23 -17.99
C GLY E 224 -33.25 -3.03 -17.54
N TRP E 225 -31.99 -3.23 -17.15
CA TRP E 225 -31.17 -2.16 -16.59
C TRP E 225 -31.14 -0.93 -17.49
N ALA E 226 -30.92 -1.12 -18.79
CA ALA E 226 -30.75 -0.02 -19.73
C ALA E 226 -32.04 0.40 -20.41
N THR E 227 -33.16 -0.27 -20.12
CA THR E 227 -34.41 0.08 -20.78
C THR E 227 -34.89 1.44 -20.30
N GLY F 4 -20.51 39.22 -25.84
CA GLY F 4 -20.63 38.01 -26.61
C GLY F 4 -20.99 36.79 -25.79
N ARG F 5 -21.45 35.73 -26.47
CA ARG F 5 -21.97 34.56 -25.78
C ARG F 5 -20.91 33.85 -24.94
N LEU F 6 -19.64 33.96 -25.32
CA LEU F 6 -18.54 33.37 -24.55
C LEU F 6 -17.69 34.43 -23.87
N ALA F 7 -18.27 35.60 -23.63
CA ALA F 7 -17.53 36.73 -23.06
C ALA F 7 -16.70 36.32 -21.86
N GLY F 8 -15.43 36.70 -21.87
CA GLY F 8 -14.54 36.45 -20.76
C GLY F 8 -14.09 35.02 -20.58
N LYS F 9 -14.41 34.14 -21.53
CA LYS F 9 -14.10 32.72 -21.40
C LYS F 9 -12.81 32.38 -22.14
N ARG F 10 -12.00 31.50 -21.52
CA ARG F 10 -10.75 31.04 -22.10
C ARG F 10 -10.95 29.61 -22.58
N VAL F 11 -10.72 29.39 -23.88
CA VAL F 11 -11.05 28.14 -24.54
C VAL F 11 -9.77 27.49 -25.04
N LEU F 12 -9.50 26.26 -24.60
CA LEU F 12 -8.40 25.48 -25.15
C LEU F 12 -8.92 24.60 -26.29
N LEU F 13 -8.35 24.77 -27.47
CA LEU F 13 -8.76 24.06 -28.67
C LEU F 13 -7.60 23.21 -29.16
N THR F 14 -7.80 21.88 -29.20
CA THR F 14 -6.75 20.97 -29.65
C THR F 14 -6.68 20.95 -31.18
N ASN F 15 -5.49 20.62 -31.67
CA ASN F 15 -5.20 20.50 -33.10
C ASN F 15 -5.91 21.58 -33.91
N ALA F 16 -5.66 22.83 -33.52
CA ALA F 16 -6.50 23.95 -33.95
C ALA F 16 -6.47 24.17 -35.46
N ASP F 17 -5.47 23.67 -36.17
CA ASP F 17 -5.44 23.77 -37.62
C ASP F 17 -6.12 22.59 -38.32
N ALA F 18 -6.52 21.55 -37.58
CA ALA F 18 -7.15 20.38 -38.16
C ALA F 18 -8.66 20.42 -37.98
N TYR F 19 -9.34 19.60 -38.79
CA TYR F 19 -10.76 19.30 -38.64
C TYR F 19 -11.61 20.57 -38.54
N MET F 20 -12.27 20.81 -37.40
CA MET F 20 -13.15 21.95 -37.24
C MET F 20 -12.51 23.09 -36.45
N GLY F 21 -11.18 23.14 -36.41
CA GLY F 21 -10.50 24.11 -35.55
C GLY F 21 -10.69 25.54 -36.03
N GLU F 22 -10.65 25.76 -37.34
CA GLU F 22 -10.64 27.12 -37.86
C GLU F 22 -12.00 27.79 -37.73
N ALA F 23 -13.08 27.05 -37.98
CA ALA F 23 -14.41 27.60 -37.72
C ALA F 23 -14.63 27.83 -36.22
N THR F 24 -14.07 26.96 -35.37
CA THR F 24 -14.22 27.17 -33.94
C THR F 24 -13.58 28.48 -33.50
N VAL F 25 -12.37 28.76 -33.98
CA VAL F 25 -11.71 30.03 -33.64
C VAL F 25 -12.59 31.20 -34.06
N GLN F 26 -13.07 31.20 -35.30
CA GLN F 26 -13.85 32.32 -35.81
C GLN F 26 -15.08 32.58 -34.94
N VAL F 27 -15.99 31.59 -34.89
CA VAL F 27 -17.24 31.76 -34.15
C VAL F 27 -16.96 32.11 -32.70
N PHE F 28 -16.05 31.37 -32.06
CA PHE F 28 -15.84 31.54 -30.63
C PHE F 28 -15.23 32.91 -30.32
N GLU F 29 -14.29 33.36 -31.14
CA GLU F 29 -13.71 34.68 -30.93
C GLU F 29 -14.73 35.78 -31.22
N GLU F 30 -15.59 35.58 -32.21
CA GLU F 30 -16.71 36.51 -32.42
C GLU F 30 -17.53 36.68 -31.16
N GLU F 31 -17.64 35.63 -30.34
CA GLU F 31 -18.47 35.66 -29.15
C GLU F 31 -17.68 36.01 -27.90
N GLY F 32 -16.45 36.49 -28.06
CA GLY F 32 -15.71 37.08 -26.97
C GLY F 32 -14.74 36.17 -26.27
N ALA F 33 -14.53 34.96 -26.78
CA ALA F 33 -13.67 33.99 -26.12
C ALA F 33 -12.22 34.20 -26.51
N GLU F 34 -11.34 34.07 -25.52
CA GLU F 34 -9.91 33.94 -25.78
C GLU F 34 -9.65 32.48 -26.10
N VAL F 35 -9.27 32.18 -27.34
CA VAL F 35 -9.11 30.80 -27.81
C VAL F 35 -7.62 30.49 -27.90
N ILE F 36 -7.17 29.55 -27.08
CA ILE F 36 -5.81 29.03 -27.13
C ILE F 36 -5.78 27.96 -28.21
N ALA F 37 -5.28 28.32 -29.39
CA ALA F 37 -5.24 27.41 -30.55
C ALA F 37 -3.98 26.58 -30.46
N ASP F 38 -4.08 25.43 -29.80
CA ASP F 38 -2.91 24.57 -29.55
C ASP F 38 -2.69 23.63 -30.71
N HIS F 39 -1.41 23.46 -31.08
CA HIS F 39 -1.02 22.58 -32.18
C HIS F 39 -0.15 21.42 -31.70
N THR F 40 -0.19 21.08 -30.41
CA THR F 40 0.64 20.03 -29.87
C THR F 40 0.12 18.65 -30.26
N ASP F 41 1.04 17.74 -30.55
CA ASP F 41 0.74 16.35 -30.90
C ASP F 41 0.48 15.57 -29.63
N LEU F 42 -0.79 15.30 -29.34
CA LEU F 42 -1.17 14.67 -28.08
C LEU F 42 -1.11 13.15 -28.13
N THR F 43 -0.54 12.56 -29.19
CA THR F 43 -0.21 11.15 -29.14
C THR F 43 1.01 10.87 -28.27
N LYS F 44 1.73 11.92 -27.85
CA LYS F 44 2.92 11.76 -27.01
C LYS F 44 2.51 11.81 -25.55
N VAL F 45 2.82 10.75 -24.81
CA VAL F 45 2.48 10.71 -23.39
C VAL F 45 3.19 11.85 -22.68
N GLY F 46 2.45 12.58 -21.86
CA GLY F 46 2.95 13.72 -21.13
C GLY F 46 2.69 15.06 -21.78
N ALA F 47 2.39 15.06 -23.08
CA ALA F 47 2.21 16.33 -23.78
C ALA F 47 0.98 17.09 -23.30
N ALA F 48 -0.07 16.39 -22.86
CA ALA F 48 -1.32 17.06 -22.52
C ALA F 48 -1.18 17.87 -21.22
N GLU F 49 -0.52 17.31 -20.21
CA GLU F 49 -0.32 18.05 -18.96
C GLU F 49 0.46 19.33 -19.23
N GLU F 50 1.41 19.30 -20.16
CA GLU F 50 2.21 20.48 -20.44
C GLU F 50 1.41 21.54 -21.15
N VAL F 51 0.59 21.15 -22.14
CA VAL F 51 -0.26 22.13 -22.82
C VAL F 51 -1.17 22.83 -21.82
N VAL F 52 -1.62 22.12 -20.78
CA VAL F 52 -2.54 22.69 -19.81
C VAL F 52 -1.81 23.63 -18.86
N GLU F 53 -0.59 23.28 -18.45
CA GLU F 53 0.19 24.18 -17.60
C GLU F 53 0.43 25.50 -18.32
N ARG F 54 0.81 25.44 -19.60
CA ARG F 54 1.08 26.65 -20.37
C ARG F 54 -0.17 27.52 -20.49
N ALA F 55 -1.35 26.90 -20.54
CA ALA F 55 -2.57 27.62 -20.89
C ALA F 55 -3.17 28.40 -19.73
N GLY F 56 -2.83 28.06 -18.50
CA GLY F 56 -3.39 28.78 -17.37
C GLY F 56 -4.85 28.43 -17.14
N HIS F 57 -5.68 29.45 -16.91
CA HIS F 57 -7.08 29.24 -16.58
C HIS F 57 -7.85 28.83 -17.83
N ILE F 58 -8.55 27.70 -17.75
CA ILE F 58 -9.32 27.17 -18.86
C ILE F 58 -10.77 27.05 -18.41
N ASP F 59 -11.69 27.60 -19.21
CA ASP F 59 -13.12 27.39 -18.98
C ASP F 59 -13.71 26.31 -19.88
N VAL F 60 -13.12 26.08 -21.05
CA VAL F 60 -13.71 25.23 -22.08
C VAL F 60 -12.60 24.45 -22.77
N LEU F 61 -12.75 23.12 -22.82
CA LEU F 61 -11.92 22.26 -23.65
C LEU F 61 -12.73 21.87 -24.89
N VAL F 62 -12.24 22.26 -26.05
CA VAL F 62 -12.79 21.81 -27.33
C VAL F 62 -11.89 20.68 -27.83
N ALA F 63 -12.40 19.45 -27.78
CA ALA F 63 -11.64 18.25 -28.10
C ALA F 63 -11.82 17.96 -29.59
N ASN F 64 -10.84 18.38 -30.38
CA ASN F 64 -10.92 18.39 -31.83
C ASN F 64 -9.84 17.46 -32.37
N PHE F 65 -10.23 16.26 -32.79
CA PHE F 65 -9.33 15.25 -33.29
C PHE F 65 -9.89 14.68 -34.59
N ALA F 66 -8.98 14.28 -35.48
CA ALA F 66 -9.39 13.72 -36.76
C ALA F 66 -8.31 12.77 -37.26
N VAL F 67 -8.74 11.77 -38.04
CA VAL F 67 -7.83 10.82 -38.67
C VAL F 67 -8.48 10.36 -39.97
N ASP F 68 -7.65 10.07 -40.96
CA ASP F 68 -8.12 9.54 -42.23
C ASP F 68 -9.12 8.43 -41.97
N ALA F 69 -10.29 8.53 -42.61
CA ALA F 69 -11.28 7.47 -42.51
C ALA F 69 -10.92 6.26 -43.35
N HIS F 70 -10.04 6.42 -44.32
CA HIS F 70 -9.71 5.37 -45.29
C HIS F 70 -10.99 4.83 -45.93
N PHE F 71 -11.73 5.76 -46.54
CA PHE F 71 -12.99 5.44 -47.21
C PHE F 71 -12.79 4.31 -48.21
N GLY F 72 -13.64 3.29 -48.13
CA GLY F 72 -13.64 2.20 -49.07
C GLY F 72 -12.76 1.02 -48.69
N VAL F 73 -11.91 1.15 -47.67
CA VAL F 73 -11.09 0.02 -47.25
C VAL F 73 -11.96 -0.95 -46.47
N THR F 74 -11.92 -2.21 -46.87
CA THR F 74 -12.79 -3.23 -46.32
C THR F 74 -12.17 -3.85 -45.07
N VAL F 75 -12.93 -4.73 -44.43
CA VAL F 75 -12.48 -5.32 -43.17
C VAL F 75 -11.21 -6.12 -43.39
N LEU F 76 -11.16 -6.94 -44.45
CA LEU F 76 -9.98 -7.76 -44.69
C LEU F 76 -8.75 -6.94 -45.04
N GLU F 77 -8.94 -5.71 -45.54
CA GLU F 77 -7.83 -4.82 -45.87
C GLU F 77 -7.50 -3.84 -44.75
N THR F 78 -8.24 -3.88 -43.65
CA THR F 78 -7.92 -3.07 -42.47
C THR F 78 -6.81 -3.77 -41.71
N ASP F 79 -5.57 -3.34 -41.97
CA ASP F 79 -4.40 -3.99 -41.41
C ASP F 79 -4.10 -3.47 -40.01
N GLU F 80 -3.20 -4.17 -39.32
CA GLU F 80 -2.85 -3.83 -37.95
C GLU F 80 -2.51 -2.36 -37.80
N GLU F 81 -1.66 -1.82 -38.70
CA GLU F 81 -1.18 -0.46 -38.53
C GLU F 81 -2.28 0.56 -38.77
N LEU F 82 -3.12 0.32 -39.78
CA LEU F 82 -4.26 1.20 -40.01
C LEU F 82 -5.19 1.20 -38.81
N TRP F 83 -5.46 0.02 -38.26
CA TRP F 83 -6.30 -0.09 -37.07
C TRP F 83 -5.71 0.71 -35.91
N GLN F 84 -4.46 0.42 -35.55
CA GLN F 84 -3.83 1.09 -34.42
C GLN F 84 -3.78 2.60 -34.59
N THR F 85 -3.51 3.07 -35.81
CA THR F 85 -3.38 4.51 -36.04
C THR F 85 -4.68 5.24 -35.73
N ALA F 86 -5.83 4.63 -36.04
CA ALA F 86 -7.11 5.26 -35.74
C ALA F 86 -7.23 5.55 -34.25
N TYR F 87 -6.96 4.54 -33.43
CA TYR F 87 -7.06 4.70 -31.98
C TYR F 87 -5.96 5.63 -31.46
N GLU F 88 -4.73 5.47 -31.95
CA GLU F 88 -3.64 6.34 -31.50
C GLU F 88 -3.93 7.80 -31.76
N THR F 89 -4.65 8.13 -32.85
CA THR F 89 -4.80 9.52 -33.26
C THR F 89 -5.99 10.23 -32.62
N ILE F 90 -7.14 9.57 -32.46
CA ILE F 90 -8.33 10.24 -31.94
C ILE F 90 -8.87 9.63 -30.65
N VAL F 91 -8.39 8.48 -30.20
CA VAL F 91 -8.97 7.84 -29.02
C VAL F 91 -8.12 8.09 -27.79
N HIS F 92 -6.89 7.57 -27.80
CA HIS F 92 -6.02 7.69 -26.63
C HIS F 92 -5.75 9.15 -26.26
N PRO F 93 -5.54 10.07 -27.20
CA PRO F 93 -5.32 11.47 -26.81
C PRO F 93 -6.53 12.13 -26.14
N LEU F 94 -7.74 11.65 -26.43
CA LEU F 94 -8.94 12.29 -25.86
C LEU F 94 -8.95 12.13 -24.34
N HIS F 95 -8.65 10.93 -23.83
CA HIS F 95 -8.59 10.76 -22.38
C HIS F 95 -7.42 11.55 -21.79
N ARG F 96 -6.27 11.56 -22.46
CA ARG F 96 -5.12 12.29 -21.93
C ARG F 96 -5.45 13.76 -21.73
N ILE F 97 -6.06 14.40 -22.72
CA ILE F 97 -6.25 15.84 -22.61
C ILE F 97 -7.41 16.15 -21.66
N CYS F 98 -8.50 15.37 -21.70
CA CYS F 98 -9.58 15.60 -20.74
C CYS F 98 -9.10 15.37 -19.31
N ARG F 99 -8.34 14.29 -19.08
CA ARG F 99 -7.83 14.02 -17.75
C ARG F 99 -6.96 15.17 -17.25
N ALA F 100 -6.29 15.87 -18.15
CA ALA F 100 -5.40 16.96 -17.77
C ALA F 100 -6.16 18.24 -17.43
N VAL F 101 -7.33 18.46 -18.05
CA VAL F 101 -8.10 19.67 -17.77
C VAL F 101 -8.97 19.50 -16.54
N LEU F 102 -9.49 18.30 -16.30
CA LEU F 102 -10.52 18.13 -15.27
C LEU F 102 -10.09 18.60 -13.87
N PRO F 103 -8.84 18.42 -13.42
CA PRO F 103 -8.51 18.81 -12.04
C PRO F 103 -8.92 20.24 -11.71
N GLN F 104 -8.70 21.17 -12.63
CA GLN F 104 -9.06 22.56 -12.36
C GLN F 104 -10.55 22.82 -12.54
N PHE F 105 -11.20 22.11 -13.49
CA PHE F 105 -12.66 22.13 -13.55
C PHE F 105 -13.25 21.70 -12.21
N TYR F 106 -12.74 20.60 -11.66
CA TYR F 106 -13.27 20.08 -10.41
C TYR F 106 -12.98 21.02 -9.25
N GLU F 107 -11.77 21.58 -9.21
CA GLU F 107 -11.41 22.55 -8.19
C GLU F 107 -12.45 23.65 -8.08
N ARG F 108 -12.87 24.20 -9.21
CA ARG F 108 -13.84 25.29 -9.25
C ARG F 108 -15.27 24.79 -9.39
N ASN F 109 -15.49 23.48 -9.47
CA ASN F 109 -16.83 22.93 -9.65
C ASN F 109 -17.53 23.52 -10.87
N LYS F 110 -16.79 23.61 -11.99
CA LYS F 110 -17.37 24.13 -13.23
C LYS F 110 -16.45 23.78 -14.40
N GLY F 111 -17.04 23.48 -15.55
CA GLY F 111 -16.25 23.24 -16.73
C GLY F 111 -17.10 22.78 -17.90
N LYS F 112 -16.48 22.86 -19.08
CA LYS F 112 -17.15 22.53 -20.34
C LYS F 112 -16.16 21.76 -21.22
N ILE F 113 -16.56 20.56 -21.66
CA ILE F 113 -15.84 19.82 -22.71
C ILE F 113 -16.80 19.60 -23.87
N VAL F 114 -16.32 19.91 -25.07
CA VAL F 114 -17.04 19.65 -26.32
C VAL F 114 -16.15 18.82 -27.22
N VAL F 115 -16.67 17.68 -27.68
CA VAL F 115 -15.94 16.77 -28.54
C VAL F 115 -16.56 16.81 -29.93
N TYR F 116 -15.77 17.17 -30.93
CA TYR F 116 -16.18 17.01 -32.32
C TYR F 116 -16.02 15.53 -32.67
N GLY F 117 -17.14 14.82 -32.83
CA GLY F 117 -17.10 13.40 -33.10
C GLY F 117 -17.55 13.04 -34.51
N SER F 118 -18.48 12.08 -34.60
CA SER F 118 -18.97 11.65 -35.90
C SER F 118 -20.28 10.90 -35.71
N ALA F 119 -21.18 11.07 -36.68
CA ALA F 119 -22.39 10.26 -36.73
C ALA F 119 -22.11 8.81 -37.09
N ALA F 120 -20.91 8.50 -37.57
CA ALA F 120 -20.51 7.11 -37.78
C ALA F 120 -20.32 6.38 -36.47
N ALA F 121 -20.36 7.09 -35.34
CA ALA F 121 -20.44 6.48 -34.02
C ALA F 121 -21.86 6.22 -33.58
N MET F 122 -22.85 6.67 -34.36
CA MET F 122 -24.26 6.44 -34.07
C MET F 122 -24.85 5.34 -34.96
N ARG F 123 -24.53 5.34 -36.25
CA ARG F 123 -25.05 4.35 -37.18
C ARG F 123 -23.97 3.95 -38.16
N TYR F 124 -24.27 2.91 -38.93
CA TYR F 124 -23.33 2.37 -39.91
C TYR F 124 -23.04 3.38 -41.00
N GLN F 125 -21.76 3.74 -41.14
CA GLN F 125 -21.27 4.45 -42.31
C GLN F 125 -20.39 3.49 -43.12
N GLU F 126 -20.78 3.27 -44.36
CA GLU F 126 -20.12 2.28 -45.21
C GLU F 126 -18.65 2.63 -45.44
N GLY F 127 -17.81 1.59 -45.50
CA GLY F 127 -16.42 1.73 -45.90
C GLY F 127 -15.51 2.53 -45.00
N ALA F 128 -15.70 2.45 -43.68
CA ALA F 128 -14.87 3.20 -42.75
C ALA F 128 -14.77 2.46 -41.41
N LEU F 129 -14.26 1.22 -41.45
CA LEU F 129 -14.43 0.32 -40.32
C LEU F 129 -13.63 0.77 -39.11
N ALA F 130 -12.30 0.80 -39.21
CA ALA F 130 -11.50 1.11 -38.04
C ALA F 130 -11.81 2.52 -37.53
N TYR F 131 -11.96 3.47 -38.44
CA TYR F 131 -12.31 4.83 -38.04
C TYR F 131 -13.63 4.87 -37.29
N SER F 132 -14.66 4.16 -37.80
CA SER F 132 -15.95 4.13 -37.13
C SER F 132 -15.82 3.67 -35.69
N THR F 133 -15.06 2.60 -35.45
CA THR F 133 -14.94 2.09 -34.09
C THR F 133 -14.20 3.07 -33.20
N ALA F 134 -13.19 3.76 -33.74
CA ALA F 134 -12.51 4.79 -32.96
C ALA F 134 -13.47 5.89 -32.53
N ARG F 135 -14.35 6.33 -33.45
CA ARG F 135 -15.37 7.31 -33.09
C ARG F 135 -16.35 6.74 -32.07
N PHE F 136 -16.69 5.46 -32.19
CA PHE F 136 -17.53 4.85 -31.16
C PHE F 136 -16.85 4.94 -29.79
N ALA F 137 -15.52 4.84 -29.76
CA ALA F 137 -14.81 4.95 -28.48
C ALA F 137 -14.87 6.36 -27.92
N GLN F 138 -14.79 7.39 -28.78
CA GLN F 138 -14.96 8.75 -28.32
C GLN F 138 -16.35 8.95 -27.75
N ARG F 139 -17.36 8.51 -28.49
CA ARG F 139 -18.73 8.55 -27.99
C ARG F 139 -18.85 7.82 -26.65
N GLY F 140 -18.23 6.65 -26.54
CA GLY F 140 -18.23 5.96 -25.26
C GLY F 140 -17.59 6.80 -24.16
N TYR F 141 -16.47 7.45 -24.48
CA TYR F 141 -15.81 8.33 -23.52
C TYR F 141 -16.77 9.39 -22.98
N VAL F 142 -17.47 10.09 -23.89
CA VAL F 142 -18.42 11.11 -23.45
C VAL F 142 -19.54 10.47 -22.65
N THR F 143 -20.06 9.33 -23.12
CA THR F 143 -21.18 8.69 -22.43
C THR F 143 -20.82 8.29 -21.01
N ALA F 144 -19.59 7.82 -20.80
CA ALA F 144 -19.21 7.34 -19.48
C ALA F 144 -18.71 8.45 -18.58
N LEU F 145 -17.94 9.39 -19.13
CA LEU F 145 -17.41 10.49 -18.33
C LEU F 145 -18.49 11.50 -17.99
N GLY F 146 -19.30 11.88 -18.99
CA GLY F 146 -20.39 12.83 -18.83
C GLY F 146 -21.08 12.78 -17.48
N PRO F 147 -21.76 11.67 -17.17
CA PRO F 147 -22.46 11.59 -15.89
C PRO F 147 -21.55 11.73 -14.69
N GLU F 148 -20.33 11.18 -14.78
CA GLU F 148 -19.39 11.25 -13.67
C GLU F 148 -18.94 12.69 -13.43
N ALA F 149 -18.53 13.37 -14.50
CA ALA F 149 -18.09 14.75 -14.38
C ALA F 149 -19.24 15.71 -14.04
N ALA F 150 -20.48 15.34 -14.38
CA ALA F 150 -21.60 16.23 -14.10
C ALA F 150 -21.81 16.43 -12.62
N ARG F 151 -21.39 15.48 -11.79
CA ARG F 151 -21.50 15.66 -10.34
C ARG F 151 -20.63 16.81 -9.85
N HIS F 152 -19.63 17.21 -10.63
CA HIS F 152 -18.81 18.39 -10.36
C HIS F 152 -19.26 19.59 -11.18
N ASN F 153 -20.44 19.53 -11.78
CA ASN F 153 -20.98 20.61 -12.58
C ASN F 153 -20.14 20.83 -13.84
N VAL F 154 -19.59 19.76 -14.40
CA VAL F 154 -18.84 19.83 -15.66
C VAL F 154 -19.66 19.16 -16.74
N ASN F 155 -19.83 19.85 -17.87
CA ASN F 155 -20.56 19.32 -19.02
C ASN F 155 -19.59 18.69 -20.01
N VAL F 156 -19.88 17.46 -20.42
CA VAL F 156 -19.15 16.77 -21.47
C VAL F 156 -20.16 16.29 -22.50
N ASN F 157 -20.01 16.75 -23.74
CA ASN F 157 -20.95 16.38 -24.79
C ASN F 157 -20.20 16.10 -26.08
N PHE F 158 -20.94 15.47 -27.00
CA PHE F 158 -20.38 14.82 -28.19
C PHE F 158 -21.17 15.30 -29.40
N ILE F 159 -20.49 15.89 -30.37
CA ILE F 159 -21.11 16.30 -31.62
C ILE F 159 -20.90 15.16 -32.63
N ALA F 160 -21.97 14.43 -32.92
CA ALA F 160 -21.93 13.32 -33.88
C ALA F 160 -22.20 13.88 -35.27
N GLN F 161 -21.15 14.43 -35.87
CA GLN F 161 -21.29 15.18 -37.10
C GLN F 161 -21.08 14.31 -38.33
N HIS F 162 -21.67 14.74 -39.43
CA HIS F 162 -21.54 14.11 -40.74
C HIS F 162 -21.92 15.16 -41.79
N TRP F 163 -21.47 14.94 -43.02
CA TRP F 163 -21.83 15.79 -44.15
C TRP F 163 -21.57 17.26 -43.79
N THR F 164 -20.38 17.50 -43.26
CA THR F 164 -19.94 18.81 -42.81
C THR F 164 -18.60 19.12 -43.47
N GLN F 165 -18.43 20.37 -43.90
CA GLN F 165 -17.28 20.70 -44.70
C GLN F 165 -16.02 20.73 -43.85
N ASN F 166 -14.99 20.02 -44.30
CA ASN F 166 -13.72 19.91 -43.62
C ASN F 166 -12.75 19.21 -44.55
N LYS F 167 -11.45 19.38 -44.28
CA LYS F 167 -10.42 18.77 -45.12
C LYS F 167 -10.48 17.26 -45.06
N GLU F 168 -10.62 16.70 -43.86
CA GLU F 168 -10.34 15.27 -43.69
C GLU F 168 -11.40 14.39 -44.31
N TYR F 169 -12.65 14.85 -44.41
CA TYR F 169 -13.73 13.94 -44.82
C TYR F 169 -14.55 14.48 -45.98
N PHE F 170 -14.63 15.80 -46.10
CA PHE F 170 -15.46 16.43 -47.11
C PHE F 170 -14.68 17.57 -47.76
N TRP F 171 -13.54 17.23 -48.35
CA TRP F 171 -12.68 18.22 -48.95
C TRP F 171 -13.20 18.63 -50.33
N PRO F 172 -12.79 19.79 -50.83
CA PRO F 172 -13.50 20.39 -51.98
C PRO F 172 -13.56 19.52 -53.21
N GLU F 173 -12.55 18.68 -53.44
CA GLU F 173 -12.55 17.84 -54.64
C GLU F 173 -13.47 16.64 -54.49
N ARG F 174 -13.57 16.08 -53.29
CA ARG F 174 -14.47 14.95 -53.07
C ARG F 174 -15.92 15.36 -53.30
N ILE F 175 -16.32 16.53 -52.79
CA ILE F 175 -17.72 16.93 -52.81
C ILE F 175 -18.12 17.62 -54.11
N ALA F 176 -17.21 17.76 -55.07
CA ALA F 176 -17.54 18.42 -56.33
C ALA F 176 -18.11 17.47 -57.38
N THR F 177 -17.84 16.17 -57.26
CA THR F 177 -18.22 15.23 -58.31
C THR F 177 -19.74 15.04 -58.32
N ASP F 178 -20.23 14.59 -59.48
CA ASP F 178 -21.66 14.27 -59.59
C ASP F 178 -22.01 13.07 -58.73
N GLU F 179 -21.13 12.07 -58.65
CA GLU F 179 -21.40 10.89 -57.83
C GLU F 179 -21.64 11.28 -56.38
N PHE F 180 -20.81 12.17 -55.83
CA PHE F 180 -20.99 12.56 -54.44
C PHE F 180 -22.31 13.29 -54.24
N LYS F 181 -22.65 14.20 -55.16
CA LYS F 181 -23.87 14.98 -55.01
C LYS F 181 -25.12 14.10 -55.12
N GLU F 182 -25.08 13.10 -56.00
CA GLU F 182 -26.20 12.16 -56.10
C GLU F 182 -26.34 11.35 -54.82
N ASP F 183 -25.24 10.75 -54.36
CA ASP F 183 -25.29 9.95 -53.14
C ASP F 183 -25.72 10.78 -51.94
N MET F 184 -25.19 12.00 -51.85
CA MET F 184 -25.52 12.86 -50.72
C MET F 184 -27.00 13.21 -50.72
N ALA F 185 -27.57 13.47 -51.90
CA ALA F 185 -28.98 13.82 -51.99
C ALA F 185 -29.88 12.65 -51.62
N ARG F 186 -29.40 11.42 -51.80
CA ARG F 186 -30.19 10.26 -51.42
C ARG F 186 -30.14 10.00 -49.91
N ARG F 187 -29.02 10.34 -49.26
CA ARG F 187 -28.79 9.95 -47.87
C ARG F 187 -29.02 11.07 -46.87
N VAL F 188 -29.00 12.33 -47.29
CA VAL F 188 -29.12 13.46 -46.38
C VAL F 188 -30.49 14.09 -46.59
N PRO F 189 -31.44 13.92 -45.67
CA PRO F 189 -32.75 14.57 -45.83
C PRO F 189 -32.67 16.06 -46.16
N LEU F 190 -31.74 16.79 -45.55
CA LEU F 190 -31.68 18.22 -45.80
C LEU F 190 -31.16 18.54 -47.20
N GLY F 191 -30.47 17.60 -47.85
CA GLY F 191 -30.07 17.77 -49.22
C GLY F 191 -28.86 18.64 -49.46
N ARG F 192 -28.11 18.97 -48.40
CA ARG F 192 -26.90 19.77 -48.54
C ARG F 192 -25.95 19.40 -47.42
N LEU F 193 -24.69 19.78 -47.60
CA LEU F 193 -23.72 19.76 -46.54
C LEU F 193 -23.92 20.92 -45.58
N ALA F 194 -23.39 20.77 -44.37
CA ALA F 194 -23.32 21.86 -43.43
C ALA F 194 -22.06 22.68 -43.66
N THR F 195 -22.13 23.96 -43.32
CA THR F 195 -20.92 24.77 -43.25
C THR F 195 -20.18 24.44 -41.96
N ALA F 196 -18.86 24.64 -41.98
CA ALA F 196 -18.08 24.49 -40.76
C ALA F 196 -18.59 25.43 -39.67
N ARG F 197 -19.03 26.63 -40.06
CA ARG F 197 -19.55 27.58 -39.09
C ARG F 197 -20.78 27.02 -38.39
N GLU F 198 -21.71 26.44 -39.15
CA GLU F 198 -22.89 25.82 -38.54
C GLU F 198 -22.49 24.80 -37.49
N ASP F 199 -21.42 24.05 -37.74
CA ASP F 199 -20.92 23.09 -36.77
C ASP F 199 -20.40 23.79 -35.53
N ALA F 200 -19.57 24.83 -35.71
CA ALA F 200 -19.08 25.59 -34.57
C ALA F 200 -20.21 26.24 -33.78
N LEU F 201 -21.29 26.62 -34.47
CA LEU F 201 -22.41 27.24 -33.76
C LEU F 201 -23.09 26.27 -32.80
N LEU F 202 -23.11 24.97 -33.14
CA LEU F 202 -23.58 23.98 -32.18
C LEU F 202 -22.58 23.84 -31.04
N ALA F 203 -21.29 23.71 -31.36
CA ALA F 203 -20.27 23.73 -30.32
C ALA F 203 -20.39 24.99 -29.47
N LEU F 204 -20.68 26.13 -30.11
CA LEU F 204 -20.87 27.36 -29.36
C LEU F 204 -21.93 27.19 -28.28
N PHE F 205 -23.14 26.78 -28.68
CA PHE F 205 -24.19 26.54 -27.70
C PHE F 205 -23.70 25.57 -26.62
N LEU F 206 -23.06 24.47 -27.04
CA LEU F 206 -22.65 23.45 -26.10
C LEU F 206 -21.52 23.93 -25.19
N ALA F 207 -20.71 24.89 -25.65
CA ALA F 207 -19.64 25.42 -24.82
C ALA F 207 -20.13 26.52 -23.89
N SER F 208 -21.27 27.14 -24.19
CA SER F 208 -21.74 28.28 -23.43
C SER F 208 -22.53 27.84 -22.20
N ASP F 209 -22.78 28.78 -21.30
CA ASP F 209 -23.50 28.50 -20.07
C ASP F 209 -25.02 28.43 -20.28
N GLU F 210 -25.48 28.45 -21.53
CA GLU F 210 -26.88 28.20 -21.85
C GLU F 210 -27.19 26.71 -21.95
N SER F 211 -26.19 25.85 -21.78
CA SER F 211 -26.33 24.42 -22.04
C SER F 211 -25.91 23.58 -20.85
N ASP F 212 -25.98 24.13 -19.64
CA ASP F 212 -25.50 23.46 -18.44
C ASP F 212 -26.26 22.16 -18.15
N PHE F 213 -27.46 22.00 -18.67
CA PHE F 213 -28.27 20.83 -18.39
C PHE F 213 -28.06 19.70 -19.39
N ILE F 214 -27.16 19.88 -20.36
CA ILE F 214 -26.85 18.86 -21.36
C ILE F 214 -25.64 18.07 -20.85
N VAL F 215 -25.84 16.79 -20.55
CA VAL F 215 -24.85 15.96 -19.85
C VAL F 215 -24.60 14.68 -20.65
N GLY F 216 -23.36 14.49 -21.08
CA GLY F 216 -22.96 13.25 -21.72
C GLY F 216 -23.78 12.85 -22.93
N LYS F 217 -24.30 13.82 -23.67
CA LYS F 217 -25.18 13.53 -24.79
C LYS F 217 -24.39 13.45 -26.10
N SER F 218 -24.93 12.69 -27.04
CA SER F 218 -24.50 12.69 -28.43
C SER F 218 -25.57 13.41 -29.24
N ILE F 219 -25.18 14.48 -29.92
CA ILE F 219 -26.13 15.28 -30.69
C ILE F 219 -25.75 15.18 -32.16
N GLU F 220 -26.69 14.72 -32.96
CA GLU F 220 -26.44 14.33 -34.34
C GLU F 220 -26.53 15.56 -35.23
N PHE F 221 -25.38 15.97 -35.75
CA PHE F 221 -25.25 17.11 -36.65
C PHE F 221 -24.98 16.52 -38.04
N ASP F 222 -26.06 16.10 -38.72
CA ASP F 222 -25.89 15.30 -39.93
C ASP F 222 -26.99 15.54 -40.97
N GLY F 223 -27.73 16.64 -40.88
CA GLY F 223 -28.76 16.91 -41.85
C GLY F 223 -29.86 15.86 -41.92
N GLY F 224 -29.97 15.03 -40.88
CA GLY F 224 -30.96 13.97 -40.85
C GLY F 224 -30.47 12.60 -41.26
N TRP F 225 -29.16 12.43 -41.48
CA TRP F 225 -28.65 11.20 -42.06
C TRP F 225 -29.02 9.98 -41.21
N ALA F 226 -28.87 10.08 -39.90
CA ALA F 226 -29.07 8.95 -39.01
C ALA F 226 -30.45 8.92 -38.37
N THR F 227 -31.33 9.84 -38.74
CA THR F 227 -32.68 9.86 -38.22
C THR F 227 -33.48 8.67 -38.75
#